data_2WYN
#
_entry.id   2WYN
#
_cell.length_a   94.349
_cell.length_b   117.017
_cell.length_c   203.565
_cell.angle_alpha   90.00
_cell.angle_beta   90.00
_cell.angle_gamma   90.00
#
_symmetry.space_group_name_H-M   'P 21 21 21'
#
loop_
_entity.id
_entity.type
_entity.pdbx_description
1 polymer 'PERIPLASMIC TREHALASE'
2 non-polymer (1R,2R,3R,6R,7R,7AR)-3,7-BIS(HYDROXYMETHYL)HEXAHYDRO-1H-PYRROLIZINE-1,2,6-TRIOL
3 non-polymer alpha-D-glucopyranose
4 non-polymer 'SULFATE ION'
5 non-polymer 'CALCIUM ION'
6 water water
#
_entity_poly.entity_id   1
_entity_poly.type   'polypeptide(L)'
_entity_poly.pdbx_seq_one_letter_code
;EETPVTPQPPDILLGPLFNDVQNAKLFPDQKTFADAVPNSDPLMILADYRMQQNQSGFDLRHFVNVNFTLPKEGEKYVPP
EGQSLREHIDGLWPVLTRSTENTEKWDSLLPLPEPYVVPGGRFREVYYWDSYFTMLGLAESGHWDKVADMVANFAHEIDT
YGHIPNGNRSYYLSRSQPPFFALMVELLAQHEGDAALKQYLPQMQKEYAYWMDGVENLQAGQQEKRVVKLQDGTLLNRYW
DDRDTPRPESWVEDIATAKSNPNRPATEIYRDLRSAAASGWDFSSRWMDNPQQLNTLRTTSIVPVDLNSLMFKMEKILAR
ASKAAGDNAMANQYETLANARQKGIEKYLWNDQQGWYADYDLKSHKVRNQLTAAALFPLYVNAAAKDRANKMATATKTHL
LQPGGLNTTSVKSGQQWDAPNGWAPLQWVATEGLQNYGQKEVAMDISWHFLTNVQHTYDREKKLVEKYDVSTTGTGGGGG
EYPLQDGFGWTNGVTLKMLDLICPKEQPCDNVPATRPTVKSATTQPSTKEAQPTP
;
_entity_poly.pdbx_strand_id   A,B,C,D
#
loop_
_chem_comp.id
_chem_comp.type
_chem_comp.name
_chem_comp.formula
CA non-polymer 'CALCIUM ION' 'Ca 2'
GLC D-saccharide, alpha linking alpha-D-glucopyranose 'C6 H12 O6'
LG9 non-polymer (1R,2R,3R,6R,7R,7AR)-3,7-BIS(HYDROXYMETHYL)HEXAHYDRO-1H-PYRROLIZINE-1,2,6-TRIOL 'C9 H17 N O5'
SO4 non-polymer 'SULFATE ION' 'O4 S -2'
#
# COMPACT_ATOMS: atom_id res chain seq x y z
N VAL A 5 -19.31 -27.58 -28.24
CA VAL A 5 -18.83 -26.47 -27.36
C VAL A 5 -17.50 -26.78 -26.69
N THR A 6 -16.58 -25.83 -26.78
CA THR A 6 -15.32 -25.87 -26.02
C THR A 6 -15.54 -26.04 -24.51
N PRO A 7 -14.80 -27.01 -23.90
CA PRO A 7 -14.99 -27.18 -22.45
C PRO A 7 -14.46 -25.95 -21.72
N GLN A 8 -15.05 -25.71 -20.57
CA GLN A 8 -14.50 -24.75 -19.64
CA GLN A 8 -14.50 -24.77 -19.62
C GLN A 8 -13.14 -25.26 -19.12
N PRO A 9 -12.38 -24.38 -18.45
CA PRO A 9 -11.12 -24.88 -17.88
C PRO A 9 -11.37 -25.89 -16.74
N PRO A 10 -10.36 -26.68 -16.37
CA PRO A 10 -10.60 -27.84 -15.53
C PRO A 10 -11.18 -27.51 -14.17
N ASP A 11 -10.76 -26.40 -13.56
CA ASP A 11 -11.32 -26.02 -12.27
C ASP A 11 -12.81 -25.77 -12.32
N ILE A 12 -13.30 -25.27 -13.43
CA ILE A 12 -14.73 -25.01 -13.57
C ILE A 12 -15.44 -26.31 -13.95
N LEU A 13 -14.79 -27.05 -14.83
CA LEU A 13 -15.33 -28.27 -15.38
C LEU A 13 -15.52 -29.27 -14.24
N LEU A 14 -14.55 -29.38 -13.33
CA LEU A 14 -14.64 -30.38 -12.27
C LEU A 14 -15.03 -29.84 -10.87
N GLY A 15 -15.33 -28.56 -10.75
CA GLY A 15 -15.70 -28.03 -9.45
C GLY A 15 -14.64 -28.43 -8.45
N PRO A 16 -15.03 -28.68 -7.21
CA PRO A 16 -14.11 -28.87 -6.10
C PRO A 16 -13.18 -30.08 -6.21
N LEU A 17 -13.53 -31.05 -7.06
CA LEU A 17 -12.66 -32.21 -7.28
C LEU A 17 -11.31 -31.71 -7.78
N PHE A 18 -11.31 -30.76 -8.69
CA PHE A 18 -10.03 -30.26 -9.16
C PHE A 18 -9.17 -29.68 -8.01
N ASN A 19 -9.77 -28.77 -7.26
CA ASN A 19 -9.13 -28.19 -6.09
C ASN A 19 -8.56 -29.28 -5.16
N ASP A 20 -9.37 -30.29 -4.87
CA ASP A 20 -8.92 -31.35 -3.96
C ASP A 20 -7.67 -32.09 -4.48
N VAL A 21 -7.65 -32.41 -5.77
CA VAL A 21 -6.58 -33.22 -6.32
C VAL A 21 -5.33 -32.38 -6.35
N GLN A 22 -5.50 -31.11 -6.72
CA GLN A 22 -4.34 -30.20 -6.78
C GLN A 22 -3.75 -30.01 -5.36
N ASN A 23 -4.62 -29.67 -4.40
CA ASN A 23 -4.19 -29.45 -3.02
C ASN A 23 -3.54 -30.69 -2.42
N ALA A 24 -4.00 -31.89 -2.80
CA ALA A 24 -3.41 -33.11 -2.24
C ALA A 24 -2.06 -33.38 -2.88
N LYS A 25 -1.72 -32.65 -3.92
CA LYS A 25 -0.49 -32.89 -4.67
C LYS A 25 -0.27 -34.35 -4.99
N LEU A 26 -1.28 -35.01 -5.54
CA LEU A 26 -1.07 -36.39 -5.97
C LEU A 26 0.05 -36.44 -6.99
N PHE A 27 0.28 -35.34 -7.72
CA PHE A 27 1.31 -35.30 -8.75
C PHE A 27 2.26 -34.16 -8.44
N PRO A 28 3.55 -34.35 -8.71
CA PRO A 28 4.53 -33.32 -8.32
C PRO A 28 4.51 -32.03 -9.17
N ASP A 29 3.85 -32.06 -10.33
CA ASP A 29 3.69 -30.83 -11.13
C ASP A 29 2.21 -30.51 -11.17
N GLN A 30 1.84 -29.26 -10.84
CA GLN A 30 0.45 -28.85 -10.84
C GLN A 30 -0.17 -28.88 -12.25
N LYS A 31 0.65 -28.77 -13.26
CA LYS A 31 0.15 -28.79 -14.64
C LYS A 31 -0.32 -30.21 -15.04
N THR A 32 0.16 -31.24 -14.34
CA THR A 32 -0.17 -32.63 -14.65
C THR A 32 -1.66 -32.87 -14.60
N PHE A 33 -2.31 -32.50 -13.51
CA PHE A 33 -3.77 -32.76 -13.42
C PHE A 33 -4.56 -31.76 -14.26
N ALA A 34 -3.98 -30.58 -14.50
CA ALA A 34 -4.61 -29.61 -15.39
C ALA A 34 -4.78 -30.22 -16.77
N ASP A 35 -3.87 -31.12 -17.10
CA ASP A 35 -3.83 -31.79 -18.40
C ASP A 35 -4.48 -33.20 -18.39
N ALA A 36 -5.10 -33.59 -17.29
CA ALA A 36 -5.77 -34.88 -17.21
C ALA A 36 -7.00 -34.90 -18.12
N VAL A 37 -7.35 -36.05 -18.67
CA VAL A 37 -8.53 -36.13 -19.54
C VAL A 37 -9.60 -36.94 -18.82
N PRO A 38 -10.73 -36.31 -18.49
CA PRO A 38 -11.84 -37.05 -17.93
C PRO A 38 -12.20 -38.25 -18.82
N ASN A 39 -12.46 -39.38 -18.18
CA ASN A 39 -12.87 -40.55 -18.92
C ASN A 39 -14.34 -40.57 -19.27
N SER A 40 -15.10 -39.67 -18.63
CA SER A 40 -16.54 -39.53 -18.84
C SER A 40 -16.94 -38.10 -18.51
N ASP A 41 -18.22 -37.79 -18.65
CA ASP A 41 -18.73 -36.46 -18.37
C ASP A 41 -18.33 -36.01 -16.96
N PRO A 42 -17.52 -34.94 -16.85
CA PRO A 42 -17.08 -34.34 -15.58
C PRO A 42 -18.24 -34.07 -14.62
N LEU A 43 -19.40 -33.71 -15.15
CA LEU A 43 -20.57 -33.49 -14.30
C LEU A 43 -20.96 -34.78 -13.55
N MET A 44 -20.88 -35.92 -14.23
CA MET A 44 -21.17 -37.21 -13.60
C MET A 44 -20.01 -37.64 -12.68
N ILE A 45 -18.79 -37.38 -13.12
CA ILE A 45 -17.62 -37.64 -12.27
C ILE A 45 -17.76 -36.88 -10.94
N LEU A 46 -18.17 -35.62 -11.00
CA LEU A 46 -18.32 -34.78 -9.80
C LEU A 46 -19.38 -35.39 -8.88
N ALA A 47 -20.48 -35.83 -9.48
CA ALA A 47 -21.60 -36.40 -8.71
C ALA A 47 -21.19 -37.69 -8.00
N ASP A 48 -20.41 -38.53 -8.69
CA ASP A 48 -19.91 -39.81 -8.17
C ASP A 48 -18.92 -39.52 -7.04
N TYR A 49 -18.09 -38.50 -7.25
CA TYR A 49 -17.14 -38.07 -6.23
C TYR A 49 -17.82 -37.66 -4.92
N ARG A 50 -18.87 -36.84 -5.01
CA ARG A 50 -19.57 -36.41 -3.82
C ARG A 50 -20.17 -37.62 -3.11
N MET A 51 -20.84 -38.47 -3.86
CA MET A 51 -21.45 -39.66 -3.29
C MET A 51 -20.37 -40.50 -2.57
N GLN A 52 -19.23 -40.73 -3.23
CA GLN A 52 -18.21 -41.66 -2.70
C GLN A 52 -17.45 -41.11 -1.51
N GLN A 53 -17.29 -39.80 -1.48
CA GLN A 53 -16.73 -39.14 -0.29
C GLN A 53 -17.58 -39.45 0.95
N ASN A 54 -18.84 -39.82 0.72
CA ASN A 54 -19.80 -40.09 1.79
C ASN A 54 -20.04 -41.58 2.01
N GLN A 55 -19.09 -42.40 1.59
CA GLN A 55 -19.13 -43.84 1.88
C GLN A 55 -17.74 -44.31 2.33
N PHE A 58 -12.76 -44.34 1.15
CA PHE A 58 -12.63 -43.59 -0.09
C PHE A 58 -11.16 -43.26 -0.31
N ASP A 59 -10.64 -43.48 -1.51
CA ASP A 59 -9.22 -43.18 -1.80
C ASP A 59 -9.13 -42.27 -3.06
N LEU A 60 -8.67 -41.03 -2.87
CA LEU A 60 -8.65 -40.03 -3.95
C LEU A 60 -7.83 -40.52 -5.14
N ARG A 61 -6.58 -40.88 -4.90
CA ARG A 61 -5.69 -41.37 -5.96
C ARG A 61 -6.37 -42.45 -6.81
N HIS A 62 -7.05 -43.38 -6.13
CA HIS A 62 -7.71 -44.45 -6.84
C HIS A 62 -8.92 -43.92 -7.63
N PHE A 63 -9.61 -42.93 -7.07
CA PHE A 63 -10.79 -42.39 -7.76
C PHE A 63 -10.30 -41.69 -9.03
N VAL A 64 -9.17 -41.01 -8.91
CA VAL A 64 -8.58 -40.27 -10.01
C VAL A 64 -8.14 -41.25 -11.09
N ASN A 65 -7.48 -42.32 -10.67
CA ASN A 65 -7.01 -43.33 -11.63
C ASN A 65 -8.12 -43.95 -12.43
N VAL A 66 -9.27 -44.17 -11.80
CA VAL A 66 -10.42 -44.73 -12.47
C VAL A 66 -11.05 -43.73 -13.42
N ASN A 67 -11.04 -42.44 -13.07
CA ASN A 67 -11.86 -41.48 -13.82
C ASN A 67 -11.12 -40.55 -14.77
N PHE A 68 -9.80 -40.58 -14.75
CA PHE A 68 -9.02 -39.69 -15.62
C PHE A 68 -7.90 -40.42 -16.31
N THR A 69 -7.51 -39.96 -17.48
CA THR A 69 -6.30 -40.46 -18.09
C THR A 69 -5.22 -39.37 -17.98
N LEU A 70 -4.07 -39.70 -17.41
CA LEU A 70 -3.03 -38.71 -17.11
C LEU A 70 -2.06 -38.58 -18.25
N PRO A 71 -1.41 -37.41 -18.37
CA PRO A 71 -0.42 -37.21 -19.44
C PRO A 71 0.66 -38.28 -19.34
N LYS A 72 1.15 -38.77 -20.48
CA LYS A 72 2.02 -39.97 -20.47
C LYS A 72 3.35 -39.77 -21.17
N TYR A 77 13.50 -39.95 -25.14
CA TYR A 77 14.30 -39.58 -26.30
C TYR A 77 15.78 -39.80 -26.01
N VAL A 78 16.50 -40.29 -27.01
CA VAL A 78 17.95 -40.45 -26.95
C VAL A 78 18.45 -39.88 -28.29
N PRO A 79 19.37 -38.89 -28.22
CA PRO A 79 19.94 -38.29 -29.43
C PRO A 79 20.81 -39.29 -30.17
N PRO A 80 20.99 -39.09 -31.48
CA PRO A 80 21.96 -39.93 -32.20
C PRO A 80 23.35 -39.61 -31.71
N GLU A 81 24.31 -40.48 -32.02
CA GLU A 81 25.72 -40.31 -31.70
CA GLU A 81 25.71 -40.26 -31.65
C GLU A 81 26.25 -39.04 -32.40
N GLY A 82 27.29 -38.44 -31.83
CA GLY A 82 28.10 -37.36 -32.43
C GLY A 82 27.58 -36.16 -33.23
N GLN A 83 26.35 -35.71 -32.98
CA GLN A 83 25.83 -34.54 -33.70
C GLN A 83 26.45 -33.21 -33.28
N SER A 84 26.78 -32.40 -34.27
CA SER A 84 27.02 -30.99 -34.00
C SER A 84 25.77 -30.34 -33.41
N LEU A 85 25.94 -29.14 -32.87
CA LEU A 85 24.84 -28.32 -32.36
C LEU A 85 23.74 -28.06 -33.43
N ARG A 86 24.15 -27.61 -34.62
CA ARG A 86 23.21 -27.40 -35.68
C ARG A 86 22.44 -28.66 -36.07
N GLU A 87 23.14 -29.79 -36.25
CA GLU A 87 22.50 -31.05 -36.63
C GLU A 87 21.54 -31.50 -35.53
N HIS A 88 21.93 -31.29 -34.28
CA HIS A 88 21.09 -31.71 -33.17
C HIS A 88 19.77 -30.92 -33.19
N ILE A 89 19.86 -29.61 -33.34
CA ILE A 89 18.64 -28.80 -33.44
C ILE A 89 17.78 -29.24 -34.64
N ASP A 90 18.42 -29.43 -35.79
CA ASP A 90 17.64 -29.74 -37.00
C ASP A 90 16.99 -31.10 -36.87
N GLY A 91 17.62 -32.02 -36.16
CA GLY A 91 17.06 -33.35 -35.96
C GLY A 91 15.93 -33.40 -34.95
N LEU A 92 15.82 -32.39 -34.09
CA LEU A 92 14.78 -32.36 -33.05
C LEU A 92 13.38 -31.89 -33.52
N TRP A 93 13.31 -31.20 -34.65
CA TRP A 93 12.01 -30.69 -35.06
C TRP A 93 10.88 -31.76 -35.05
N PRO A 94 11.13 -32.96 -35.63
CA PRO A 94 10.05 -33.92 -35.64
C PRO A 94 9.70 -34.36 -34.26
N VAL A 95 10.68 -34.42 -33.37
CA VAL A 95 10.39 -34.85 -32.00
C VAL A 95 9.53 -33.84 -31.25
N LEU A 96 9.75 -32.56 -31.54
CA LEU A 96 8.97 -31.47 -30.92
C LEU A 96 7.63 -31.19 -31.60
N THR A 97 7.31 -31.90 -32.67
CA THR A 97 6.10 -31.63 -33.47
C THR A 97 4.90 -32.44 -32.97
N ARG A 98 3.74 -31.82 -32.86
CA ARG A 98 2.55 -32.58 -32.52
C ARG A 98 1.50 -32.37 -33.59
N SER A 99 0.59 -33.32 -33.69
CA SER A 99 -0.52 -33.22 -34.62
C SER A 99 -1.77 -33.63 -33.87
N THR A 100 -2.70 -32.69 -33.69
CA THR A 100 -3.81 -32.87 -32.77
C THR A 100 -5.08 -32.26 -33.35
N GLU A 101 -5.53 -32.86 -34.45
CA GLU A 101 -6.65 -32.34 -35.22
CA GLU A 101 -6.66 -32.36 -35.23
C GLU A 101 -7.97 -32.65 -34.57
N ASN A 102 -7.98 -33.69 -33.74
CA ASN A 102 -9.14 -34.03 -32.92
C ASN A 102 -8.67 -34.29 -31.51
N THR A 103 -9.51 -33.98 -30.52
CA THR A 103 -9.19 -34.30 -29.15
C THR A 103 -10.47 -34.82 -28.51
N GLU A 104 -10.35 -35.52 -27.39
CA GLU A 104 -11.52 -36.01 -26.71
C GLU A 104 -12.34 -34.84 -26.24
N LYS A 105 -13.61 -35.12 -25.97
N LYS A 105 -13.61 -35.07 -25.92
CA LYS A 105 -14.40 -34.16 -25.28
CA LYS A 105 -14.55 -33.95 -25.71
C LYS A 105 -13.86 -34.12 -23.87
C LYS A 105 -14.27 -32.99 -24.54
N TRP A 106 -13.88 -32.92 -23.30
N TRP A 106 -13.72 -33.52 -23.45
CA TRP A 106 -13.44 -32.71 -21.95
CA TRP A 106 -13.51 -32.75 -22.21
C TRP A 106 -11.92 -32.63 -21.84
C TRP A 106 -12.01 -32.56 -21.94
N ASP A 107 -11.20 -32.85 -22.94
CA ASP A 107 -9.76 -32.66 -22.87
C ASP A 107 -9.49 -31.15 -22.75
N SER A 108 -8.57 -30.76 -21.87
CA SER A 108 -8.10 -29.37 -21.83
C SER A 108 -7.29 -29.00 -23.09
N LEU A 109 -6.66 -29.98 -23.72
CA LEU A 109 -6.00 -29.72 -25.03
C LEU A 109 -7.03 -29.34 -26.11
N LEU A 110 -6.77 -28.27 -26.85
CA LEU A 110 -7.72 -27.78 -27.84
C LEU A 110 -7.21 -28.14 -29.24
N PRO A 111 -8.12 -28.56 -30.15
CA PRO A 111 -7.67 -29.08 -31.44
C PRO A 111 -7.08 -28.02 -32.33
N LEU A 112 -6.14 -28.39 -33.21
CA LEU A 112 -5.64 -27.48 -34.26
C LEU A 112 -5.63 -28.25 -35.57
N PRO A 113 -5.87 -27.55 -36.69
CA PRO A 113 -6.00 -28.19 -38.01
C PRO A 113 -4.69 -28.72 -38.56
N GLU A 114 -3.54 -28.14 -38.16
CA GLU A 114 -2.26 -28.55 -38.71
C GLU A 114 -1.27 -28.96 -37.63
N PRO A 115 -0.18 -29.61 -38.04
CA PRO A 115 0.86 -29.94 -37.09
C PRO A 115 1.47 -28.65 -36.52
N TYR A 116 2.07 -28.75 -35.34
CA TYR A 116 2.70 -27.61 -34.70
C TYR A 116 3.88 -28.08 -33.84
N VAL A 117 4.84 -27.19 -33.64
CA VAL A 117 6.00 -27.50 -32.78
C VAL A 117 5.68 -26.99 -31.38
N VAL A 118 5.97 -27.81 -30.36
CA VAL A 118 5.80 -27.38 -28.98
C VAL A 118 7.16 -27.07 -28.35
N PRO A 119 7.21 -26.30 -27.23
CA PRO A 119 8.53 -25.94 -26.67
C PRO A 119 9.35 -27.15 -26.19
N GLY A 120 8.71 -28.11 -25.53
CA GLY A 120 9.39 -29.33 -25.02
C GLY A 120 9.02 -29.64 -23.58
N GLY A 121 9.31 -30.87 -23.14
CA GLY A 121 9.03 -31.25 -21.75
C GLY A 121 7.58 -31.08 -21.36
N ARG A 122 7.33 -30.46 -20.20
CA ARG A 122 5.97 -30.30 -19.71
C ARG A 122 5.12 -29.36 -20.58
N PHE A 123 5.77 -28.67 -21.52
CA PHE A 123 5.08 -27.75 -22.43
C PHE A 123 4.63 -28.54 -23.65
N ARG A 124 3.47 -29.15 -23.48
CA ARG A 124 2.87 -30.18 -24.33
C ARG A 124 1.76 -29.57 -25.16
N GLU A 125 1.92 -28.32 -25.55
CA GLU A 125 0.93 -27.61 -26.34
C GLU A 125 1.66 -26.47 -27.04
N VAL A 126 1.02 -25.80 -28.00
CA VAL A 126 1.70 -24.76 -28.73
C VAL A 126 1.70 -23.51 -27.81
N TYR A 127 2.73 -22.66 -27.90
CA TYR A 127 2.77 -21.40 -27.11
C TYR A 127 2.85 -20.23 -28.07
N TYR A 128 2.10 -19.18 -27.82
CA TYR A 128 2.05 -18.06 -28.79
C TYR A 128 3.41 -17.42 -29.07
N TRP A 129 4.02 -16.73 -28.10
CA TRP A 129 5.27 -16.05 -28.50
C TRP A 129 6.46 -16.97 -28.73
N ASP A 130 6.59 -18.08 -27.97
CA ASP A 130 7.62 -19.09 -28.29
C ASP A 130 7.60 -19.48 -29.80
N SER A 131 6.39 -19.63 -30.36
CA SER A 131 6.26 -20.09 -31.76
C SER A 131 6.93 -19.19 -32.78
N TYR A 132 6.90 -17.89 -32.55
CA TYR A 132 7.58 -17.04 -33.54
C TYR A 132 9.05 -17.38 -33.61
N PHE A 133 9.72 -17.47 -32.47
CA PHE A 133 11.16 -17.73 -32.48
C PHE A 133 11.44 -19.16 -32.94
N THR A 134 10.55 -20.08 -32.61
CA THR A 134 10.66 -21.46 -33.05
C THR A 134 10.56 -21.42 -34.59
N MET A 135 9.59 -20.66 -35.09
CA MET A 135 9.34 -20.60 -36.53
C MET A 135 10.51 -19.98 -37.28
N LEU A 136 11.22 -19.04 -36.67
CA LEU A 136 12.41 -18.51 -37.32
C LEU A 136 13.41 -19.66 -37.54
N GLY A 137 13.48 -20.58 -36.58
CA GLY A 137 14.37 -21.73 -36.77
C GLY A 137 13.88 -22.72 -37.83
N LEU A 138 12.60 -23.04 -37.79
CA LEU A 138 11.98 -23.89 -38.81
C LEU A 138 12.22 -23.31 -40.21
N ALA A 139 12.00 -22.01 -40.39
CA ALA A 139 12.30 -21.35 -41.67
C ALA A 139 13.79 -21.40 -42.03
N GLU A 140 14.64 -21.05 -41.06
CA GLU A 140 16.08 -21.08 -41.32
C GLU A 140 16.55 -22.45 -41.84
N SER A 141 15.96 -23.53 -41.34
CA SER A 141 16.40 -24.87 -41.71
C SER A 141 15.53 -25.51 -42.81
N GLY A 142 14.82 -24.69 -43.57
CA GLY A 142 14.10 -25.18 -44.75
C GLY A 142 12.70 -25.75 -44.52
N HIS A 143 12.19 -25.71 -43.29
CA HIS A 143 10.87 -26.30 -43.04
C HIS A 143 9.71 -25.31 -43.18
N TRP A 144 9.51 -24.80 -44.39
CA TRP A 144 8.50 -23.78 -44.59
C TRP A 144 7.10 -24.34 -44.45
N ASP A 145 6.91 -25.61 -44.75
CA ASP A 145 5.59 -26.22 -44.63
CA ASP A 145 5.60 -26.22 -44.62
C ASP A 145 5.13 -26.11 -43.17
N LYS A 146 6.06 -26.30 -42.26
CA LYS A 146 5.76 -26.30 -40.85
C LYS A 146 5.52 -24.82 -40.38
N VAL A 147 6.19 -23.86 -40.99
CA VAL A 147 5.90 -22.46 -40.73
C VAL A 147 4.45 -22.15 -41.20
N ALA A 148 4.12 -22.57 -42.43
CA ALA A 148 2.78 -22.31 -42.95
C ALA A 148 1.73 -23.00 -42.05
N ASP A 149 2.07 -24.20 -41.59
CA ASP A 149 1.16 -24.96 -40.72
C ASP A 149 0.81 -24.15 -39.46
N MET A 150 1.85 -23.54 -38.91
CA MET A 150 1.75 -22.84 -37.64
CA MET A 150 1.71 -22.87 -37.65
C MET A 150 1.01 -21.53 -37.84
N VAL A 151 1.33 -20.81 -38.89
CA VAL A 151 0.59 -19.58 -39.18
C VAL A 151 -0.90 -19.92 -39.34
N ALA A 152 -1.18 -20.99 -40.08
CA ALA A 152 -2.60 -21.37 -40.26
C ALA A 152 -3.26 -21.72 -38.94
N ASN A 153 -2.57 -22.41 -38.06
CA ASN A 153 -3.17 -22.75 -36.75
C ASN A 153 -3.51 -21.49 -35.97
N PHE A 154 -2.60 -20.52 -35.98
CA PHE A 154 -2.90 -19.32 -35.24
C PHE A 154 -4.08 -18.56 -35.87
N ALA A 155 -4.15 -18.57 -37.19
CA ALA A 155 -5.23 -17.86 -37.87
C ALA A 155 -6.53 -18.53 -37.47
N HIS A 156 -6.49 -19.84 -37.35
CA HIS A 156 -7.66 -20.63 -37.02
C HIS A 156 -8.12 -20.34 -35.59
N GLU A 157 -7.17 -20.21 -34.65
CA GLU A 157 -7.52 -19.78 -33.29
C GLU A 157 -8.16 -18.36 -33.25
N ILE A 158 -7.62 -17.42 -34.00
CA ILE A 158 -8.24 -16.12 -34.10
C ILE A 158 -9.68 -16.27 -34.60
N ASP A 159 -9.89 -17.12 -35.59
CA ASP A 159 -11.20 -17.33 -36.15
C ASP A 159 -12.16 -18.00 -35.15
N THR A 160 -11.67 -18.90 -34.32
CA THR A 160 -12.59 -19.64 -33.47
C THR A 160 -12.76 -19.03 -32.06
N TYR A 161 -11.72 -18.41 -31.52
CA TYR A 161 -11.75 -17.89 -30.15
C TYR A 161 -11.79 -16.37 -30.15
N GLY A 162 -11.45 -15.76 -31.27
CA GLY A 162 -11.37 -14.31 -31.36
C GLY A 162 -9.99 -13.72 -31.05
N HIS A 163 -9.08 -14.55 -30.56
CA HIS A 163 -7.68 -14.14 -30.35
C HIS A 163 -6.84 -15.40 -30.27
N ILE A 164 -5.54 -15.22 -30.17
CA ILE A 164 -4.65 -16.34 -29.95
C ILE A 164 -4.40 -16.54 -28.45
N PRO A 165 -4.83 -17.70 -27.90
CA PRO A 165 -4.62 -17.94 -26.47
C PRO A 165 -3.15 -18.20 -26.18
N ASN A 166 -2.76 -18.05 -24.92
CA ASN A 166 -1.39 -18.24 -24.44
C ASN A 166 -0.85 -19.53 -25.06
N GLY A 167 -1.71 -20.55 -25.10
CA GLY A 167 -1.39 -21.81 -25.77
C GLY A 167 -2.69 -22.56 -26.02
N ASN A 168 -2.64 -23.70 -26.72
CA ASN A 168 -3.90 -24.41 -27.01
C ASN A 168 -4.43 -25.29 -25.87
N ARG A 169 -4.75 -24.66 -24.73
CA ARG A 169 -5.39 -25.30 -23.61
C ARG A 169 -6.60 -24.51 -23.16
N SER A 170 -7.64 -25.19 -22.71
CA SER A 170 -8.81 -24.53 -22.13
C SER A 170 -8.41 -23.50 -21.07
N TYR A 171 -7.39 -23.84 -20.28
CA TYR A 171 -7.02 -22.97 -19.14
C TYR A 171 -6.16 -21.78 -19.60
N TYR A 172 -5.84 -21.70 -20.89
CA TYR A 172 -5.19 -20.53 -21.48
C TYR A 172 -6.11 -19.62 -22.32
N LEU A 173 -7.41 -19.94 -22.43
CA LEU A 173 -8.27 -19.18 -23.35
C LEU A 173 -8.55 -17.75 -22.85
N SER A 174 -8.45 -17.56 -21.55
CA SER A 174 -8.84 -16.29 -20.95
C SER A 174 -7.75 -15.22 -21.18
N ARG A 175 -6.61 -15.62 -21.74
CA ARG A 175 -5.57 -14.61 -22.04
C ARG A 175 -4.87 -14.90 -23.36
N SER A 176 -4.00 -13.98 -23.76
CA SER A 176 -3.21 -14.18 -24.95
C SER A 176 -1.76 -14.18 -24.50
N GLN A 177 -0.85 -13.56 -25.27
CA GLN A 177 0.60 -13.53 -24.92
C GLN A 177 1.21 -12.43 -25.78
N PRO A 178 2.53 -12.12 -25.64
CA PRO A 178 3.08 -11.04 -26.47
C PRO A 178 2.75 -11.30 -27.95
N PRO A 179 2.19 -10.30 -28.65
CA PRO A 179 1.59 -10.62 -29.95
C PRO A 179 2.61 -10.63 -31.08
N PHE A 180 2.91 -11.82 -31.59
CA PHE A 180 3.87 -11.96 -32.69
C PHE A 180 3.22 -12.49 -33.98
N PHE A 181 1.90 -12.65 -34.00
CA PHE A 181 1.20 -13.18 -35.19
C PHE A 181 1.48 -12.38 -36.47
N ALA A 182 1.42 -11.06 -36.40
CA ALA A 182 1.72 -10.21 -37.56
C ALA A 182 3.16 -10.47 -38.03
N LEU A 183 4.06 -10.59 -37.08
CA LEU A 183 5.45 -10.92 -37.42
C LEU A 183 5.58 -12.31 -38.07
N MET A 184 4.73 -13.24 -37.67
CA MET A 184 4.73 -14.59 -38.28
C MET A 184 4.31 -14.51 -39.75
N VAL A 185 3.29 -13.68 -40.00
CA VAL A 185 2.79 -13.49 -41.33
C VAL A 185 3.90 -12.87 -42.16
N GLU A 186 4.58 -11.87 -41.60
CA GLU A 186 5.71 -11.27 -42.30
C GLU A 186 6.82 -12.25 -42.60
N LEU A 187 7.07 -13.19 -41.69
CA LEU A 187 8.07 -14.22 -41.92
C LEU A 187 7.69 -15.09 -43.15
N LEU A 188 6.44 -15.55 -43.18
CA LEU A 188 5.91 -16.27 -44.35
C LEU A 188 6.03 -15.45 -45.64
N ALA A 189 5.78 -14.15 -45.55
CA ALA A 189 5.88 -13.28 -46.72
C ALA A 189 7.32 -13.17 -47.23
N GLN A 190 8.30 -13.31 -46.34
CA GLN A 190 9.70 -13.36 -46.75
C GLN A 190 9.91 -14.45 -47.76
N HIS A 191 9.19 -15.54 -47.62
CA HIS A 191 9.31 -16.65 -48.53
C HIS A 191 8.28 -16.61 -49.68
N GLU A 192 7.05 -16.22 -49.40
CA GLU A 192 5.99 -16.23 -50.43
C GLU A 192 5.80 -14.91 -51.12
N GLY A 193 6.29 -13.85 -50.53
CA GLY A 193 5.88 -12.53 -50.99
C GLY A 193 4.58 -12.10 -50.34
N ASP A 194 4.05 -10.97 -50.80
CA ASP A 194 2.94 -10.33 -50.11
CA ASP A 194 2.94 -10.34 -50.10
C ASP A 194 1.65 -11.14 -50.14
N ALA A 195 1.68 -12.30 -50.79
CA ALA A 195 0.51 -13.17 -50.78
C ALA A 195 0.12 -13.50 -49.32
N ALA A 196 1.13 -13.74 -48.47
CA ALA A 196 0.86 -14.07 -47.07
C ALA A 196 0.15 -12.88 -46.37
N LEU A 197 0.55 -11.67 -46.69
CA LEU A 197 -0.06 -10.49 -46.06
C LEU A 197 -1.54 -10.38 -46.47
N LYS A 198 -1.80 -10.62 -47.75
CA LYS A 198 -3.15 -10.51 -48.28
C LYS A 198 -4.00 -11.59 -47.66
N GLN A 199 -3.46 -12.79 -47.62
CA GLN A 199 -4.20 -13.93 -47.13
CA GLN A 199 -4.25 -13.93 -47.15
C GLN A 199 -4.64 -13.80 -45.67
N TYR A 200 -3.76 -13.22 -44.85
CA TYR A 200 -3.98 -13.16 -43.39
C TYR A 200 -4.38 -11.80 -42.87
N LEU A 201 -4.61 -10.88 -43.77
CA LEU A 201 -5.05 -9.56 -43.38
C LEU A 201 -6.31 -9.63 -42.47
N PRO A 202 -7.32 -10.42 -42.86
CA PRO A 202 -8.52 -10.52 -42.01
C PRO A 202 -8.24 -10.93 -40.55
N GLN A 203 -7.39 -11.93 -40.37
CA GLN A 203 -7.04 -12.42 -39.06
C GLN A 203 -6.15 -11.44 -38.28
N MET A 204 -5.19 -10.81 -38.94
CA MET A 204 -4.41 -9.78 -38.27
C MET A 204 -5.31 -8.64 -37.81
N GLN A 205 -6.26 -8.20 -38.66
CA GLN A 205 -7.22 -7.18 -38.23
C GLN A 205 -8.07 -7.63 -37.04
N LYS A 206 -8.53 -8.88 -37.05
CA LYS A 206 -9.31 -9.39 -35.92
C LYS A 206 -8.47 -9.40 -34.64
N GLU A 207 -7.18 -9.74 -34.77
CA GLU A 207 -6.34 -9.78 -33.58
C GLU A 207 -6.17 -8.38 -33.02
N TYR A 208 -5.99 -7.42 -33.91
CA TYR A 208 -5.89 -6.03 -33.50
C TYR A 208 -7.16 -5.61 -32.75
N ALA A 209 -8.34 -6.02 -33.25
CA ALA A 209 -9.61 -5.70 -32.57
C ALA A 209 -9.69 -6.34 -31.18
N TYR A 210 -9.07 -7.48 -30.99
CA TYR A 210 -9.05 -8.08 -29.66
C TYR A 210 -8.19 -7.23 -28.73
N TRP A 211 -6.99 -6.88 -29.18
CA TRP A 211 -6.15 -6.04 -28.34
C TRP A 211 -6.83 -4.71 -28.00
N MET A 212 -7.47 -4.11 -29.00
CA MET A 212 -8.07 -2.76 -28.87
C MET A 212 -9.53 -2.81 -28.42
N ASP A 213 -10.03 -3.97 -28.08
CA ASP A 213 -11.44 -4.10 -27.76
C ASP A 213 -11.89 -3.13 -26.70
N GLY A 214 -12.93 -2.36 -27.03
CA GLY A 214 -13.55 -1.45 -26.08
C GLY A 214 -13.03 -0.03 -26.24
N VAL A 215 -12.01 0.15 -27.07
CA VAL A 215 -11.33 1.46 -27.15
C VAL A 215 -12.21 2.64 -27.58
N GLU A 216 -13.19 2.38 -28.43
CA GLU A 216 -14.01 3.46 -28.95
C GLU A 216 -14.78 4.14 -27.85
N ASN A 217 -15.08 3.45 -26.76
CA ASN A 217 -15.92 4.04 -25.73
C ASN A 217 -15.15 4.35 -24.44
N LEU A 218 -13.83 4.17 -24.47
CA LEU A 218 -13.01 4.36 -23.28
C LEU A 218 -12.74 5.84 -23.03
N GLN A 219 -13.04 6.31 -21.81
CA GLN A 219 -12.78 7.69 -21.42
CA GLN A 219 -12.77 7.69 -21.42
C GLN A 219 -11.33 7.90 -21.02
N ALA A 220 -10.82 9.12 -21.23
CA ALA A 220 -9.43 9.41 -20.94
C ALA A 220 -9.18 9.25 -19.44
N GLY A 221 -8.02 8.73 -19.06
CA GLY A 221 -7.75 8.42 -17.66
C GLY A 221 -8.33 7.09 -17.19
N GLN A 222 -8.87 6.29 -18.10
CA GLN A 222 -9.45 5.00 -17.70
C GLN A 222 -8.79 3.85 -18.42
N GLN A 223 -9.08 2.64 -17.96
CA GLN A 223 -8.57 1.43 -18.57
C GLN A 223 -9.73 0.45 -18.72
N GLU A 224 -9.59 -0.45 -19.67
CA GLU A 224 -10.50 -1.60 -19.71
C GLU A 224 -9.86 -2.75 -20.50
N LYS A 225 -9.97 -3.96 -19.95
CA LYS A 225 -9.34 -5.11 -20.57
C LYS A 225 -7.90 -4.78 -20.94
N ARG A 226 -7.54 -4.90 -22.23
CA ARG A 226 -6.14 -4.72 -22.69
C ARG A 226 -5.76 -3.30 -23.18
N VAL A 227 -6.62 -2.31 -22.90
CA VAL A 227 -6.46 -0.94 -23.43
C VAL A 227 -6.40 0.06 -22.30
N VAL A 228 -5.51 1.04 -22.43
CA VAL A 228 -5.45 2.13 -21.49
C VAL A 228 -5.45 3.44 -22.26
N LYS A 229 -6.13 4.43 -21.69
CA LYS A 229 -6.18 5.77 -22.31
C LYS A 229 -5.73 6.72 -21.25
N LEU A 230 -4.61 7.39 -21.50
CA LEU A 230 -4.06 8.33 -20.54
C LEU A 230 -4.89 9.62 -20.54
N GLN A 231 -4.68 10.48 -19.56
CA GLN A 231 -5.43 11.75 -19.46
C GLN A 231 -5.42 12.55 -20.74
N ASP A 232 -4.30 12.59 -21.45
CA ASP A 232 -4.25 13.40 -22.68
C ASP A 232 -4.75 12.65 -23.88
N GLY A 233 -5.37 11.50 -23.64
CA GLY A 233 -5.94 10.71 -24.74
C GLY A 233 -5.00 9.71 -25.40
N THR A 234 -3.76 9.61 -24.92
CA THR A 234 -2.81 8.69 -25.54
C THR A 234 -3.33 7.28 -25.34
N LEU A 235 -3.28 6.48 -26.41
CA LEU A 235 -3.77 5.08 -26.39
C LEU A 235 -2.65 4.04 -26.38
N LEU A 236 -2.65 3.21 -25.35
CA LEU A 236 -1.64 2.21 -25.16
C LEU A 236 -2.33 0.92 -24.72
N ASN A 237 -1.58 -0.18 -24.76
CA ASN A 237 -2.10 -1.45 -24.32
C ASN A 237 -1.42 -1.97 -23.05
N ARG A 238 -2.08 -2.91 -22.39
CA ARG A 238 -1.49 -3.59 -21.24
C ARG A 238 -1.81 -5.09 -21.34
N TYR A 239 -1.14 -5.90 -20.52
CA TYR A 239 -1.51 -7.32 -20.47
C TYR A 239 -2.71 -7.51 -19.55
N TRP A 240 -3.54 -8.48 -19.87
CA TRP A 240 -4.78 -8.65 -19.12
C TRP A 240 -5.25 -10.10 -19.28
N ASP A 241 -5.80 -10.71 -18.24
CA ASP A 241 -6.47 -12.01 -18.35
C ASP A 241 -7.92 -11.76 -17.93
N ASP A 242 -8.89 -12.39 -18.60
CA ASP A 242 -10.29 -12.16 -18.25
C ASP A 242 -10.76 -12.86 -16.97
N ARG A 243 -9.96 -13.73 -16.39
CA ARG A 243 -10.38 -14.40 -15.16
C ARG A 243 -9.61 -13.88 -13.94
N ASP A 244 -10.13 -14.14 -12.73
CA ASP A 244 -9.53 -13.58 -11.51
C ASP A 244 -9.37 -14.66 -10.44
N THR A 245 -9.03 -15.87 -10.90
CA THR A 245 -8.98 -17.03 -10.02
C THR A 245 -7.57 -17.67 -10.16
N PRO A 246 -7.20 -18.62 -9.29
CA PRO A 246 -5.87 -19.23 -9.41
C PRO A 246 -5.73 -19.87 -10.79
N ARG A 247 -4.52 -19.89 -11.35
CA ARG A 247 -4.28 -20.66 -12.58
C ARG A 247 -4.38 -22.17 -12.33
N PRO A 248 -5.23 -22.85 -13.12
CA PRO A 248 -5.36 -24.31 -12.98
C PRO A 248 -3.99 -24.98 -13.01
N GLU A 249 -3.11 -24.55 -13.91
CA GLU A 249 -1.81 -25.18 -14.07
C GLU A 249 -0.79 -24.82 -12.95
N SER A 250 -1.18 -23.89 -12.08
CA SER A 250 -0.33 -23.47 -10.96
C SER A 250 -1.15 -23.22 -9.71
N TRP A 251 -2.10 -24.13 -9.46
CA TRP A 251 -3.21 -23.93 -8.53
C TRP A 251 -2.73 -23.65 -7.12
N VAL A 252 -2.02 -24.62 -6.54
CA VAL A 252 -1.57 -24.46 -5.17
C VAL A 252 -0.62 -23.28 -5.02
N GLU A 253 0.28 -23.07 -5.96
CA GLU A 253 1.19 -21.94 -5.83
C GLU A 253 0.43 -20.59 -5.82
N ASP A 254 -0.54 -20.42 -6.72
CA ASP A 254 -1.30 -19.16 -6.75
C ASP A 254 -2.12 -18.95 -5.49
N ILE A 255 -2.75 -20.00 -4.98
CA ILE A 255 -3.50 -19.88 -3.73
C ILE A 255 -2.53 -19.46 -2.59
N ALA A 256 -1.34 -20.05 -2.55
CA ALA A 256 -0.37 -19.66 -1.48
C ALA A 256 0.05 -18.20 -1.64
N THR A 257 0.34 -17.78 -2.87
CA THR A 257 0.64 -16.36 -3.08
C THR A 257 -0.48 -15.42 -2.57
N ALA A 258 -1.73 -15.74 -2.89
CA ALA A 258 -2.80 -14.83 -2.45
C ALA A 258 -2.97 -14.90 -0.91
N LYS A 259 -2.96 -16.12 -0.40
CA LYS A 259 -3.08 -16.35 1.05
C LYS A 259 -2.00 -15.56 1.84
N SER A 260 -0.87 -15.32 1.22
CA SER A 260 0.22 -14.60 1.90
C SER A 260 -0.04 -13.11 2.13
N ASN A 261 -1.09 -12.58 1.52
CA ASN A 261 -1.61 -11.27 1.94
C ASN A 261 -3.12 -11.20 1.92
N PRO A 262 -3.75 -11.59 3.04
CA PRO A 262 -5.20 -11.77 3.14
C PRO A 262 -5.89 -10.43 3.17
N ASN A 263 -5.10 -9.36 3.14
CA ASN A 263 -5.67 -8.05 3.25
C ASN A 263 -5.88 -7.41 1.90
N ARG A 264 -5.30 -8.01 0.87
CA ARG A 264 -5.52 -7.59 -0.50
C ARG A 264 -6.49 -8.56 -1.17
N PRO A 265 -7.52 -8.04 -1.88
CA PRO A 265 -8.50 -8.99 -2.44
C PRO A 265 -7.75 -10.04 -3.28
N ALA A 266 -7.96 -11.31 -2.96
CA ALA A 266 -7.34 -12.39 -3.73
C ALA A 266 -7.57 -12.27 -5.23
N THR A 267 -8.78 -11.92 -5.65
CA THR A 267 -9.07 -11.72 -7.10
C THR A 267 -8.11 -10.75 -7.80
N GLU A 268 -7.71 -9.69 -7.10
CA GLU A 268 -6.71 -8.78 -7.68
C GLU A 268 -5.36 -9.44 -7.88
N ILE A 269 -4.93 -10.24 -6.90
CA ILE A 269 -3.66 -10.96 -7.00
C ILE A 269 -3.70 -11.98 -8.15
N TYR A 270 -4.80 -12.72 -8.23
CA TYR A 270 -4.93 -13.74 -9.24
C TYR A 270 -4.91 -13.08 -10.59
N ARG A 271 -5.68 -12.01 -10.76
CA ARG A 271 -5.70 -11.34 -12.07
C ARG A 271 -4.29 -10.90 -12.45
N ASP A 272 -3.52 -10.40 -11.47
CA ASP A 272 -2.21 -9.87 -11.79
C ASP A 272 -1.22 -11.01 -12.06
N LEU A 273 -1.38 -12.14 -11.37
CA LEU A 273 -0.56 -13.32 -11.67
C LEU A 273 -0.85 -13.77 -13.11
N ARG A 274 -2.14 -13.91 -13.42
CA ARG A 274 -2.55 -14.36 -14.78
C ARG A 274 -2.05 -13.39 -15.83
N SER A 275 -2.09 -12.09 -15.53
CA SER A 275 -1.70 -11.09 -16.51
C SER A 275 -0.17 -11.11 -16.75
N ALA A 276 0.59 -11.38 -15.70
CA ALA A 276 2.04 -11.55 -15.85
C ALA A 276 2.34 -12.81 -16.67
N ALA A 277 1.50 -13.84 -16.55
CA ALA A 277 1.67 -14.97 -17.44
C ALA A 277 1.34 -14.54 -18.87
N ALA A 278 0.31 -13.70 -19.03
CA ALA A 278 0.02 -13.14 -20.38
C ALA A 278 1.19 -12.34 -20.99
N SER A 279 1.96 -11.65 -20.14
CA SER A 279 3.13 -10.89 -20.62
C SER A 279 4.27 -11.78 -21.03
N GLY A 280 4.19 -13.07 -20.68
CA GLY A 280 5.35 -13.97 -20.90
C GLY A 280 6.39 -13.95 -19.77
N TRP A 281 6.46 -12.84 -19.02
CA TRP A 281 7.46 -12.65 -17.97
C TRP A 281 6.84 -13.03 -16.63
N ASP A 282 6.41 -14.27 -16.47
CA ASP A 282 5.93 -14.74 -15.18
C ASP A 282 7.12 -15.47 -14.58
N PHE A 283 7.76 -14.90 -13.55
CA PHE A 283 7.42 -13.60 -12.96
C PHE A 283 8.66 -12.71 -12.98
N SER A 284 8.53 -11.48 -12.53
CA SER A 284 9.64 -10.50 -12.69
C SER A 284 9.45 -9.32 -11.77
N SER A 285 10.58 -8.79 -11.30
CA SER A 285 10.63 -7.56 -10.49
C SER A 285 9.96 -6.43 -11.26
N ARG A 286 10.00 -6.54 -12.60
CA ARG A 286 9.37 -5.58 -13.49
C ARG A 286 7.94 -5.22 -13.09
N TRP A 287 7.20 -6.18 -12.53
CA TRP A 287 5.81 -5.98 -12.15
C TRP A 287 5.59 -5.81 -10.65
N MET A 288 6.66 -5.89 -9.86
CA MET A 288 6.49 -6.05 -8.40
C MET A 288 6.88 -4.78 -7.65
N ASP A 289 6.09 -4.36 -6.66
CA ASP A 289 6.54 -3.24 -5.79
C ASP A 289 7.76 -3.65 -4.97
N ASN A 290 7.78 -4.88 -4.52
CA ASN A 290 8.94 -5.48 -3.88
C ASN A 290 9.36 -6.79 -4.60
N PRO A 291 10.51 -6.77 -5.31
CA PRO A 291 10.96 -7.91 -6.16
C PRO A 291 11.14 -9.21 -5.38
N GLN A 292 11.34 -9.09 -4.07
CA GLN A 292 11.49 -10.29 -3.26
C GLN A 292 10.15 -10.90 -2.86
N GLN A 293 9.03 -10.29 -3.24
CA GLN A 293 7.74 -10.71 -2.70
C GLN A 293 6.60 -10.69 -3.72
N LEU A 294 6.19 -11.88 -4.15
CA LEU A 294 5.29 -12.04 -5.31
C LEU A 294 3.90 -11.45 -5.09
N ASN A 295 3.42 -11.55 -3.86
CA ASN A 295 2.12 -10.96 -3.50
C ASN A 295 2.05 -9.42 -3.73
N THR A 296 3.13 -8.79 -4.17
CA THR A 296 3.09 -7.37 -4.48
C THR A 296 3.11 -7.04 -5.99
N LEU A 297 2.94 -8.03 -6.85
CA LEU A 297 2.95 -7.64 -8.27
C LEU A 297 1.65 -6.89 -8.60
N ARG A 298 1.74 -5.96 -9.55
CA ARG A 298 0.57 -5.24 -9.96
C ARG A 298 0.61 -5.07 -11.46
N THR A 299 0.70 -6.21 -12.15
CA THR A 299 0.89 -6.23 -13.62
C THR A 299 -0.07 -5.30 -14.35
N THR A 300 -1.36 -5.34 -14.00
CA THR A 300 -2.34 -4.61 -14.80
C THR A 300 -2.31 -3.09 -14.58
N SER A 301 -1.55 -2.60 -13.61
CA SER A 301 -1.40 -1.14 -13.49
C SER A 301 -0.11 -0.65 -14.22
N ILE A 302 0.45 -1.54 -15.05
CA ILE A 302 1.74 -1.23 -15.72
C ILE A 302 1.62 -1.31 -17.24
N VAL A 303 1.99 -0.24 -17.90
CA VAL A 303 1.96 -0.21 -19.38
C VAL A 303 3.31 -0.71 -19.91
N PRO A 304 3.31 -1.87 -20.56
CA PRO A 304 4.60 -2.46 -20.88
C PRO A 304 5.21 -1.91 -22.16
N VAL A 305 6.50 -1.58 -22.10
CA VAL A 305 7.11 -1.01 -23.31
C VAL A 305 7.26 -2.07 -24.42
N ASP A 306 7.42 -3.35 -24.06
CA ASP A 306 7.55 -4.41 -25.11
C ASP A 306 6.22 -4.64 -25.81
N LEU A 307 5.16 -4.87 -25.04
CA LEU A 307 3.81 -4.98 -25.65
C LEU A 307 3.53 -3.84 -26.62
N ASN A 308 3.77 -2.60 -26.18
CA ASN A 308 3.42 -1.47 -27.05
C ASN A 308 4.29 -1.31 -28.28
N SER A 309 5.55 -1.71 -28.18
CA SER A 309 6.37 -1.92 -29.38
C SER A 309 5.77 -2.94 -30.37
N LEU A 310 5.31 -4.05 -29.82
CA LEU A 310 4.70 -5.10 -30.65
C LEU A 310 3.39 -4.58 -31.27
N MET A 311 2.66 -3.74 -30.54
CA MET A 311 1.44 -3.15 -31.10
C MET A 311 1.78 -2.19 -32.23
N PHE A 312 2.85 -1.42 -32.08
CA PHE A 312 3.31 -0.54 -33.12
C PHE A 312 3.65 -1.37 -34.36
N LYS A 313 4.40 -2.45 -34.17
CA LYS A 313 4.75 -3.32 -35.32
C LYS A 313 3.48 -3.90 -35.95
N MET A 314 2.49 -4.23 -35.13
CA MET A 314 1.23 -4.78 -35.66
C MET A 314 0.54 -3.73 -36.55
N GLU A 315 0.48 -2.50 -36.04
CA GLU A 315 -0.08 -1.37 -36.82
C GLU A 315 0.66 -1.18 -38.13
N LYS A 316 1.98 -1.28 -38.10
CA LYS A 316 2.78 -1.08 -39.30
C LYS A 316 2.55 -2.20 -40.29
N ILE A 317 2.49 -3.43 -39.79
CA ILE A 317 2.30 -4.58 -40.67
C ILE A 317 0.92 -4.50 -41.30
N LEU A 318 -0.06 -4.06 -40.51
CA LEU A 318 -1.42 -3.91 -41.00
C LEU A 318 -1.50 -2.87 -42.14
N ALA A 319 -0.76 -1.76 -42.02
CA ALA A 319 -0.60 -0.83 -43.13
C ALA A 319 -0.04 -1.48 -44.37
N ARG A 320 1.02 -2.27 -44.24
CA ARG A 320 1.65 -2.87 -45.41
CA ARG A 320 1.66 -2.91 -45.41
C ARG A 320 0.72 -3.91 -46.05
N ALA A 321 0.03 -4.70 -45.21
CA ALA A 321 -0.89 -5.68 -45.73
C ALA A 321 -2.09 -5.00 -46.42
N SER A 322 -2.61 -3.94 -45.82
CA SER A 322 -3.71 -3.16 -46.41
C SER A 322 -3.34 -2.64 -47.79
N LYS A 323 -2.14 -2.07 -47.89
CA LYS A 323 -1.61 -1.56 -49.16
C LYS A 323 -1.48 -2.70 -50.20
N ALA A 324 -0.91 -3.84 -49.81
CA ALA A 324 -0.77 -4.94 -50.75
C ALA A 324 -2.13 -5.48 -51.22
N ALA A 325 -3.18 -5.34 -50.39
CA ALA A 325 -4.50 -5.79 -50.78
C ALA A 325 -5.25 -4.74 -51.61
N GLY A 326 -4.61 -3.61 -51.91
CA GLY A 326 -5.24 -2.57 -52.73
C GLY A 326 -6.12 -1.56 -51.99
N ASP A 327 -5.97 -1.39 -50.67
CA ASP A 327 -6.74 -0.35 -49.96
CA ASP A 327 -6.74 -0.39 -49.91
C ASP A 327 -5.81 0.66 -49.32
N ASN A 328 -5.51 1.72 -50.07
CA ASN A 328 -4.55 2.68 -49.58
C ASN A 328 -5.10 3.53 -48.48
N ALA A 329 -6.39 3.81 -48.54
CA ALA A 329 -6.95 4.70 -47.53
C ALA A 329 -6.91 3.94 -46.19
N MET A 330 -7.14 2.64 -46.26
CA MET A 330 -7.00 1.79 -45.08
C MET A 330 -5.53 1.68 -44.62
N ALA A 331 -4.61 1.64 -45.56
CA ALA A 331 -3.18 1.64 -45.23
C ALA A 331 -2.81 2.92 -44.48
N ASN A 332 -3.30 4.05 -44.99
CA ASN A 332 -2.98 5.34 -44.38
C ASN A 332 -3.54 5.46 -42.98
N GLN A 333 -4.72 4.88 -42.77
CA GLN A 333 -5.30 4.86 -41.44
C GLN A 333 -4.44 4.09 -40.44
N TYR A 334 -3.99 2.90 -40.84
CA TYR A 334 -3.13 2.10 -39.94
C TYR A 334 -1.82 2.84 -39.73
N GLU A 335 -1.31 3.50 -40.77
CA GLU A 335 -0.12 4.34 -40.64
C GLU A 335 -0.31 5.49 -39.62
N THR A 336 -1.48 6.13 -39.65
CA THR A 336 -1.83 7.14 -38.64
C THR A 336 -1.85 6.56 -37.25
N LEU A 337 -2.45 5.38 -37.11
CA LEU A 337 -2.45 4.71 -35.83
C LEU A 337 -1.00 4.38 -35.37
N ALA A 338 -0.16 3.88 -36.27
CA ALA A 338 1.23 3.60 -35.90
C ALA A 338 1.96 4.88 -35.45
N ASN A 339 1.70 5.99 -36.16
CA ASN A 339 2.36 7.27 -35.80
C ASN A 339 1.97 7.70 -34.39
N ALA A 340 0.69 7.57 -34.06
CA ALA A 340 0.23 7.90 -32.72
C ALA A 340 0.92 7.01 -31.69
N ARG A 341 1.01 5.72 -32.03
CA ARG A 341 1.64 4.76 -31.15
C ARG A 341 3.10 5.10 -30.86
N GLN A 342 3.84 5.35 -31.92
CA GLN A 342 5.23 5.77 -31.77
C GLN A 342 5.37 7.00 -30.86
N LYS A 343 4.49 7.99 -31.03
CA LYS A 343 4.57 9.18 -30.15
C LYS A 343 4.33 8.80 -28.69
N GLY A 344 3.40 7.89 -28.47
CA GLY A 344 3.10 7.51 -27.10
C GLY A 344 4.26 6.73 -26.50
N ILE A 345 4.92 5.94 -27.34
CA ILE A 345 6.13 5.23 -26.90
C ILE A 345 7.25 6.21 -26.48
N GLU A 346 7.54 7.17 -27.36
CA GLU A 346 8.62 8.17 -27.13
C GLU A 346 8.29 9.12 -26.01
N LYS A 347 7.01 9.32 -25.74
CA LYS A 347 6.62 10.18 -24.62
C LYS A 347 6.48 9.48 -23.25
N TYR A 348 5.79 8.33 -23.22
CA TYR A 348 5.43 7.67 -21.98
C TYR A 348 6.22 6.42 -21.65
N LEU A 349 6.99 5.90 -22.62
CA LEU A 349 7.77 4.69 -22.40
C LEU A 349 9.29 4.92 -22.57
N TRP A 350 9.69 6.19 -22.52
CA TRP A 350 11.09 6.60 -22.49
C TRP A 350 11.37 7.33 -21.16
N ASN A 351 12.41 6.93 -20.45
CA ASN A 351 12.76 7.62 -19.22
C ASN A 351 13.87 8.58 -19.56
N ASP A 352 13.60 9.88 -19.65
CA ASP A 352 14.71 10.79 -20.01
CA ASP A 352 14.68 10.83 -19.98
C ASP A 352 15.70 11.07 -18.88
N GLN A 353 15.32 10.93 -17.62
CA GLN A 353 16.30 11.01 -16.53
C GLN A 353 17.34 9.87 -16.67
N GLN A 354 16.92 8.64 -16.91
CA GLN A 354 17.89 7.54 -16.99
C GLN A 354 18.50 7.33 -18.38
N GLY A 355 17.81 7.80 -19.41
CA GLY A 355 18.29 7.53 -20.77
C GLY A 355 18.00 6.10 -21.25
N TRP A 356 16.80 5.59 -20.96
CA TRP A 356 16.36 4.30 -21.52
C TRP A 356 14.83 4.16 -21.63
N TYR A 357 14.39 3.30 -22.53
CA TYR A 357 12.98 2.96 -22.62
C TYR A 357 12.57 2.22 -21.36
N ALA A 358 11.30 2.33 -20.98
CA ALA A 358 10.84 1.71 -19.76
C ALA A 358 9.32 1.62 -19.74
N ASP A 359 8.78 0.90 -18.77
CA ASP A 359 7.35 0.75 -18.61
C ASP A 359 6.77 2.01 -17.96
N TYR A 360 5.47 2.19 -18.10
CA TYR A 360 4.81 3.31 -17.53
C TYR A 360 3.91 2.86 -16.38
N ASP A 361 3.99 3.58 -15.28
CA ASP A 361 3.24 3.21 -14.08
C ASP A 361 1.95 4.00 -13.97
N LEU A 362 0.82 3.29 -14.07
CA LEU A 362 -0.48 3.93 -14.02
C LEU A 362 -0.88 4.39 -12.61
N LYS A 363 -0.22 3.87 -11.59
CA LYS A 363 -0.59 4.22 -10.23
C LYS A 363 0.05 5.56 -9.90
N SER A 364 1.36 5.64 -10.12
CA SER A 364 2.10 6.87 -9.90
C SER A 364 2.10 7.84 -11.11
N HIS A 365 1.58 7.43 -12.25
CA HIS A 365 1.60 8.31 -13.43
C HIS A 365 3.00 8.79 -13.78
N LYS A 366 3.97 7.86 -13.83
CA LYS A 366 5.33 8.20 -14.19
C LYS A 366 5.98 7.07 -14.98
N VAL A 367 6.96 7.41 -15.81
CA VAL A 367 7.82 6.40 -16.40
C VAL A 367 8.60 5.71 -15.30
N ARG A 368 8.60 4.38 -15.31
CA ARG A 368 9.33 3.61 -14.33
CA ARG A 368 9.35 3.61 -14.34
C ARG A 368 10.84 3.78 -14.49
N ASN A 369 11.60 3.56 -13.44
CA ASN A 369 13.07 3.76 -13.53
C ASN A 369 13.91 2.55 -13.96
N GLN A 370 13.43 1.36 -13.63
CA GLN A 370 14.09 0.10 -13.96
C GLN A 370 14.41 -0.14 -15.44
N LEU A 371 15.65 -0.54 -15.69
CA LEU A 371 16.10 -1.01 -16.98
C LEU A 371 15.93 -2.52 -17.06
N THR A 372 15.18 -3.00 -18.06
CA THR A 372 15.09 -4.43 -18.36
C THR A 372 15.32 -4.65 -19.85
N ALA A 373 15.51 -5.91 -20.23
CA ALA A 373 15.64 -6.26 -21.64
C ALA A 373 14.45 -5.80 -22.49
N ALA A 374 13.30 -5.59 -21.85
CA ALA A 374 12.15 -5.04 -22.60
C ALA A 374 12.47 -3.72 -23.30
N ALA A 375 13.46 -3.00 -22.81
CA ALA A 375 13.75 -1.66 -23.30
C ALA A 375 14.34 -1.73 -24.72
N LEU A 376 14.73 -2.91 -25.16
CA LEU A 376 15.23 -3.05 -26.55
C LEU A 376 14.13 -3.16 -27.62
N PHE A 377 12.91 -3.45 -27.20
CA PHE A 377 11.85 -3.72 -28.17
C PHE A 377 11.56 -2.51 -29.13
N PRO A 378 11.68 -1.27 -28.62
CA PRO A 378 11.46 -0.17 -29.54
C PRO A 378 12.52 -0.12 -30.66
N LEU A 379 13.71 -0.65 -30.40
CA LEU A 379 14.70 -0.76 -31.46
C LEU A 379 14.32 -1.91 -32.37
N TYR A 380 13.91 -3.00 -31.76
CA TYR A 380 13.52 -4.18 -32.52
C TYR A 380 12.47 -3.85 -33.60
N VAL A 381 11.49 -3.02 -33.24
CA VAL A 381 10.38 -2.73 -34.16
C VAL A 381 10.61 -1.46 -34.94
N ASN A 382 11.77 -0.85 -34.76
CA ASN A 382 12.11 0.37 -35.48
C ASN A 382 11.22 1.56 -35.11
N ALA A 383 10.74 1.62 -33.86
CA ALA A 383 10.01 2.78 -33.40
C ALA A 383 10.94 3.88 -32.91
N ALA A 384 12.10 3.50 -32.38
CA ALA A 384 12.96 4.41 -31.62
C ALA A 384 13.65 5.46 -32.49
N ALA A 385 13.78 6.67 -31.96
CA ALA A 385 14.70 7.67 -32.54
C ALA A 385 16.13 7.16 -32.50
N LYS A 386 16.91 7.48 -33.52
CA LYS A 386 18.29 7.00 -33.60
C LYS A 386 19.12 7.39 -32.38
N ASP A 387 18.95 8.60 -31.87
CA ASP A 387 19.75 8.98 -30.73
C ASP A 387 19.38 8.15 -29.48
N ARG A 388 18.10 7.87 -29.31
CA ARG A 388 17.67 7.00 -28.22
C ARG A 388 18.19 5.53 -28.39
N ALA A 389 18.20 5.03 -29.63
CA ALA A 389 18.82 3.74 -29.94
C ALA A 389 20.30 3.70 -29.54
N ASN A 390 21.00 4.80 -29.80
CA ASN A 390 22.40 4.88 -29.45
C ASN A 390 22.55 4.85 -27.94
N LYS A 391 21.66 5.53 -27.24
CA LYS A 391 21.67 5.47 -25.77
C LYS A 391 21.37 4.07 -25.24
N MET A 392 20.45 3.37 -25.90
CA MET A 392 20.14 2.00 -25.52
C MET A 392 21.35 1.08 -25.68
N ALA A 393 22.14 1.32 -26.72
CA ALA A 393 23.32 0.48 -26.92
C ALA A 393 24.26 0.58 -25.73
N THR A 394 24.44 1.81 -25.25
CA THR A 394 25.29 2.06 -24.09
C THR A 394 24.75 1.44 -22.81
N ALA A 395 23.46 1.61 -22.59
CA ALA A 395 22.86 1.08 -21.37
C ALA A 395 22.96 -0.44 -21.40
N THR A 396 22.83 -1.01 -22.58
CA THR A 396 22.83 -2.47 -22.71
C THR A 396 24.21 -3.00 -22.30
N LYS A 397 25.24 -2.43 -22.92
CA LYS A 397 26.64 -2.72 -22.53
C LYS A 397 26.90 -2.53 -21.06
N THR A 398 26.43 -1.43 -20.50
CA THR A 398 26.77 -1.11 -19.13
C THR A 398 26.01 -1.98 -18.16
N HIS A 399 24.77 -2.27 -18.45
CA HIS A 399 23.95 -2.89 -17.43
C HIS A 399 23.51 -4.33 -17.67
N LEU A 400 23.35 -4.72 -18.93
CA LEU A 400 22.68 -6.00 -19.22
C LEU A 400 23.62 -7.03 -19.82
N LEU A 401 24.64 -6.59 -20.55
CA LEU A 401 25.52 -7.54 -21.21
C LEU A 401 26.34 -8.32 -20.17
N GLN A 402 26.25 -9.64 -20.21
CA GLN A 402 26.99 -10.52 -19.30
C GLN A 402 27.78 -11.55 -20.08
N PRO A 403 28.68 -12.31 -19.40
CA PRO A 403 29.52 -13.24 -20.13
C PRO A 403 28.74 -14.32 -20.87
N GLY A 404 27.57 -14.71 -20.38
CA GLY A 404 26.81 -15.79 -21.04
C GLY A 404 25.55 -15.34 -21.77
N GLY A 405 25.43 -14.05 -22.06
CA GLY A 405 24.29 -13.52 -22.81
C GLY A 405 23.74 -12.24 -22.18
N LEU A 406 22.58 -11.80 -22.66
CA LEU A 406 21.92 -10.58 -22.18
C LEU A 406 21.09 -10.90 -20.94
N ASN A 407 21.35 -10.17 -19.85
CA ASN A 407 20.60 -10.41 -18.63
C ASN A 407 19.19 -9.91 -18.88
N THR A 408 18.21 -10.55 -18.27
CA THR A 408 16.84 -10.12 -18.42
C THR A 408 16.59 -8.80 -17.68
N THR A 409 17.13 -8.68 -16.48
CA THR A 409 17.12 -7.42 -15.75
C THR A 409 18.43 -7.47 -14.95
N SER A 410 18.73 -6.44 -14.17
CA SER A 410 19.89 -6.48 -13.29
CA SER A 410 19.89 -6.53 -13.29
C SER A 410 19.47 -6.75 -11.85
N VAL A 411 18.22 -7.17 -11.64
CA VAL A 411 17.73 -7.43 -10.28
C VAL A 411 17.65 -8.93 -10.03
N LYS A 412 18.48 -9.43 -9.12
CA LYS A 412 18.41 -10.86 -8.80
C LYS A 412 17.27 -11.13 -7.80
N SER A 413 16.06 -11.30 -8.31
CA SER A 413 14.89 -11.42 -7.43
C SER A 413 14.61 -12.85 -6.98
N GLY A 414 15.14 -13.82 -7.68
CA GLY A 414 14.71 -15.19 -7.49
C GLY A 414 13.59 -15.57 -8.45
N GLN A 415 13.11 -14.63 -9.26
CA GLN A 415 12.11 -14.98 -10.28
C GLN A 415 12.80 -15.22 -11.62
N GLN A 416 12.10 -15.85 -12.55
CA GLN A 416 12.72 -16.29 -13.80
C GLN A 416 13.03 -15.16 -14.83
N TRP A 417 12.21 -14.11 -14.89
CA TRP A 417 12.48 -13.00 -15.81
C TRP A 417 13.19 -11.88 -15.04
N ASP A 418 14.42 -12.18 -14.67
CA ASP A 418 15.24 -11.30 -13.84
C ASP A 418 16.63 -11.91 -13.90
N ALA A 419 17.63 -11.12 -13.51
CA ALA A 419 18.99 -11.65 -13.34
C ALA A 419 18.92 -12.90 -12.46
N PRO A 420 19.77 -13.92 -12.74
CA PRO A 420 20.77 -13.98 -13.77
C PRO A 420 20.30 -14.75 -15.04
N ASN A 421 18.98 -14.83 -15.24
CA ASN A 421 18.41 -15.57 -16.36
C ASN A 421 18.57 -14.87 -17.70
N GLY A 422 19.05 -15.60 -18.70
CA GLY A 422 19.04 -15.11 -20.07
C GLY A 422 18.10 -15.95 -20.94
N TRP A 423 17.15 -15.30 -21.59
CA TRP A 423 16.11 -15.97 -22.37
C TRP A 423 16.36 -15.71 -23.86
N ALA A 424 16.36 -16.80 -24.65
CA ALA A 424 16.58 -16.73 -26.09
C ALA A 424 15.77 -15.65 -26.80
N PRO A 425 14.43 -15.58 -26.60
CA PRO A 425 13.69 -14.50 -27.32
C PRO A 425 14.27 -13.06 -27.09
N LEU A 426 14.77 -12.79 -25.88
CA LEU A 426 15.34 -11.47 -25.60
C LEU A 426 16.73 -11.29 -26.20
N GLN A 427 17.53 -12.36 -26.27
CA GLN A 427 18.81 -12.27 -26.97
C GLN A 427 18.54 -11.83 -28.40
N TRP A 428 17.55 -12.49 -29.03
CA TRP A 428 17.22 -12.23 -30.45
C TRP A 428 16.69 -10.83 -30.67
N VAL A 429 15.75 -10.42 -29.82
CA VAL A 429 15.12 -9.13 -29.94
C VAL A 429 16.17 -8.04 -29.78
N ALA A 430 17.05 -8.19 -28.78
CA ALA A 430 18.11 -7.22 -28.56
C ALA A 430 19.06 -7.13 -29.76
N THR A 431 19.50 -8.30 -30.22
CA THR A 431 20.47 -8.40 -31.30
C THR A 431 19.97 -7.70 -32.56
N GLU A 432 18.73 -8.01 -32.92
CA GLU A 432 18.13 -7.42 -34.11
C GLU A 432 17.84 -5.94 -33.96
N GLY A 433 17.33 -5.52 -32.80
CA GLY A 433 17.09 -4.09 -32.54
C GLY A 433 18.37 -3.29 -32.63
N LEU A 434 19.41 -3.80 -31.98
CA LEU A 434 20.72 -3.17 -32.08
C LEU A 434 21.20 -3.12 -33.54
N GLN A 435 21.06 -4.24 -34.28
CA GLN A 435 21.48 -4.28 -35.69
CA GLN A 435 21.47 -4.28 -35.68
C GLN A 435 20.68 -3.29 -36.53
N ASN A 436 19.40 -3.17 -36.24
CA ASN A 436 18.56 -2.24 -37.01
C ASN A 436 19.11 -0.83 -36.99
N TYR A 437 19.88 -0.50 -35.94
CA TYR A 437 20.39 0.86 -35.78
C TYR A 437 21.93 0.92 -35.89
N GLY A 438 22.51 -0.05 -36.56
CA GLY A 438 23.95 -0.03 -36.80
C GLY A 438 24.79 -0.28 -35.55
N GLN A 439 24.21 -0.79 -34.47
CA GLN A 439 24.97 -1.04 -33.25
C GLN A 439 25.55 -2.46 -33.27
N LYS A 440 26.38 -2.72 -34.28
CA LYS A 440 26.83 -4.05 -34.65
C LYS A 440 27.66 -4.68 -33.54
N GLU A 441 28.53 -3.90 -32.92
CA GLU A 441 29.43 -4.43 -31.89
C GLU A 441 28.67 -5.06 -30.71
N VAL A 442 27.73 -4.33 -30.13
CA VAL A 442 26.95 -4.85 -29.00
C VAL A 442 26.08 -6.05 -29.43
N ALA A 443 25.46 -5.96 -30.61
CA ALA A 443 24.63 -7.04 -31.12
C ALA A 443 25.44 -8.35 -31.27
N MET A 444 26.67 -8.22 -31.79
CA MET A 444 27.56 -9.37 -31.95
C MET A 444 28.04 -9.92 -30.62
N ASP A 445 28.33 -9.05 -29.66
CA ASP A 445 28.71 -9.49 -28.32
C ASP A 445 27.60 -10.32 -27.69
N ILE A 446 26.37 -9.82 -27.78
CA ILE A 446 25.23 -10.58 -27.25
C ILE A 446 25.18 -11.98 -27.85
N SER A 447 25.22 -12.04 -29.18
CA SER A 447 25.13 -13.32 -29.88
C SER A 447 26.27 -14.27 -29.54
N TRP A 448 27.49 -13.77 -29.51
CA TRP A 448 28.60 -14.67 -29.27
C TRP A 448 28.56 -15.15 -27.83
N HIS A 449 28.12 -14.30 -26.89
CA HIS A 449 28.12 -14.72 -25.48
C HIS A 449 27.05 -15.75 -25.21
N PHE A 450 25.85 -15.48 -25.73
CA PHE A 450 24.74 -16.39 -25.57
C PHE A 450 25.05 -17.69 -26.26
N LEU A 451 25.47 -17.62 -27.51
CA LEU A 451 25.81 -18.84 -28.28
C LEU A 451 26.87 -19.73 -27.58
N THR A 452 27.91 -19.09 -27.06
CA THR A 452 28.95 -19.80 -26.27
C THR A 452 28.31 -20.50 -25.06
N ASN A 453 27.43 -19.79 -24.39
CA ASN A 453 26.69 -20.37 -23.28
C ASN A 453 25.94 -21.60 -23.76
N VAL A 454 25.15 -21.47 -24.84
CA VAL A 454 24.42 -22.63 -25.35
C VAL A 454 25.34 -23.82 -25.77
N GLN A 455 26.44 -23.52 -26.44
CA GLN A 455 27.34 -24.57 -26.92
C GLN A 455 27.96 -25.37 -25.76
N HIS A 456 28.45 -24.65 -24.76
CA HIS A 456 29.05 -25.32 -23.62
C HIS A 456 28.12 -26.34 -22.98
N THR A 457 26.89 -25.93 -22.68
CA THR A 457 25.90 -26.86 -22.13
C THR A 457 25.60 -27.96 -23.12
N TYR A 458 25.54 -27.63 -24.40
CA TYR A 458 25.29 -28.70 -25.39
C TYR A 458 26.42 -29.75 -25.40
N ASP A 459 27.66 -29.28 -25.37
CA ASP A 459 28.79 -30.19 -25.38
C ASP A 459 28.74 -31.20 -24.25
N ARG A 460 28.31 -30.78 -23.07
CA ARG A 460 28.48 -31.60 -21.87
CA ARG A 460 28.47 -31.67 -21.92
C ARG A 460 27.21 -32.33 -21.46
N GLU A 461 26.06 -31.75 -21.80
CA GLU A 461 24.81 -32.32 -21.39
C GLU A 461 23.90 -32.64 -22.57
N LYS A 462 24.34 -32.30 -23.78
CA LYS A 462 23.67 -32.73 -25.01
C LYS A 462 22.23 -32.25 -25.08
N LYS A 463 21.95 -31.05 -24.61
CA LYS A 463 20.60 -30.57 -24.65
C LYS A 463 20.65 -29.05 -24.81
N LEU A 464 19.53 -28.47 -25.20
CA LEU A 464 19.29 -27.05 -25.07
C LEU A 464 18.13 -26.93 -24.11
N VAL A 465 18.06 -25.81 -23.39
CA VAL A 465 17.07 -25.71 -22.35
C VAL A 465 16.30 -24.41 -22.45
N GLU A 466 15.35 -24.23 -21.55
CA GLU A 466 14.46 -23.06 -21.69
C GLU A 466 15.19 -21.67 -21.51
N LYS A 467 16.17 -21.62 -20.61
CA LYS A 467 16.89 -20.37 -20.35
C LYS A 467 18.26 -20.68 -19.70
N TYR A 468 19.15 -19.68 -19.69
CA TYR A 468 20.57 -19.87 -19.30
C TYR A 468 21.03 -18.85 -18.23
N ASP A 469 21.95 -19.26 -17.37
CA ASP A 469 22.49 -18.33 -16.40
C ASP A 469 23.54 -17.48 -17.13
N VAL A 470 23.31 -16.18 -17.27
CA VAL A 470 24.29 -15.35 -18.04
C VAL A 470 25.52 -14.88 -17.24
N SER A 471 25.47 -14.93 -15.91
CA SER A 471 26.64 -14.53 -15.10
C SER A 471 27.69 -15.61 -14.96
N THR A 472 27.25 -16.84 -14.71
CA THR A 472 28.20 -17.96 -14.57
C THR A 472 28.33 -18.79 -15.86
N THR A 473 27.40 -18.62 -16.77
CA THR A 473 27.23 -19.58 -17.84
C THR A 473 26.68 -20.84 -17.19
N GLY A 474 26.14 -21.76 -17.97
CA GLY A 474 25.49 -22.89 -17.34
C GLY A 474 24.00 -22.65 -17.20
N THR A 475 23.33 -23.48 -16.41
CA THR A 475 21.90 -23.45 -16.34
C THR A 475 21.42 -23.80 -14.96
N GLY A 476 20.18 -23.41 -14.65
CA GLY A 476 19.51 -24.04 -13.52
C GLY A 476 19.34 -23.05 -12.42
N GLY A 477 18.47 -23.37 -11.47
CA GLY A 477 18.01 -22.38 -10.52
C GLY A 477 17.31 -21.26 -11.31
N GLY A 478 17.69 -20.02 -10.98
CA GLY A 478 17.12 -18.86 -11.64
C GLY A 478 15.63 -18.78 -11.36
N GLY A 479 15.16 -19.67 -10.49
CA GLY A 479 13.78 -19.59 -10.01
C GLY A 479 12.76 -20.39 -10.79
N GLY A 480 11.50 -20.10 -10.51
CA GLY A 480 10.36 -20.77 -11.12
C GLY A 480 9.98 -22.04 -10.38
N GLU A 481 8.70 -22.36 -10.33
CA GLU A 481 8.35 -23.51 -9.49
C GLU A 481 8.09 -24.88 -10.15
N TYR A 482 8.77 -25.15 -11.27
CA TYR A 482 8.79 -26.46 -11.93
C TYR A 482 10.25 -26.63 -12.32
N PRO A 483 10.72 -27.86 -12.61
CA PRO A 483 12.15 -27.95 -12.90
C PRO A 483 12.52 -27.41 -14.30
N LEU A 484 13.81 -27.11 -14.50
CA LEU A 484 14.29 -26.67 -15.80
C LEU A 484 13.90 -27.65 -16.91
N GLN A 485 13.32 -27.15 -18.00
CA GLN A 485 12.84 -28.00 -19.07
C GLN A 485 13.75 -27.96 -20.33
N ASP A 486 13.72 -29.06 -21.08
CA ASP A 486 14.61 -29.32 -22.19
C ASP A 486 13.85 -29.30 -23.52
N GLY A 487 14.57 -29.00 -24.59
CA GLY A 487 14.07 -29.10 -25.98
C GLY A 487 15.03 -28.31 -26.86
N PHE A 488 14.89 -26.98 -26.86
CA PHE A 488 13.75 -26.27 -26.33
C PHE A 488 13.39 -25.25 -27.41
N GLY A 489 12.17 -25.31 -27.88
CA GLY A 489 11.70 -24.45 -29.00
C GLY A 489 12.42 -23.13 -29.31
N TRP A 490 12.15 -22.08 -28.53
CA TRP A 490 12.72 -20.78 -28.90
C TRP A 490 14.23 -20.73 -28.74
N THR A 491 14.81 -21.54 -27.87
CA THR A 491 16.26 -21.58 -27.80
C THR A 491 16.85 -22.14 -29.11
N ASN A 492 16.28 -23.27 -29.55
CA ASN A 492 16.74 -23.91 -30.77
C ASN A 492 16.63 -22.97 -31.94
N GLY A 493 15.50 -22.29 -32.08
CA GLY A 493 15.30 -21.38 -33.23
C GLY A 493 16.25 -20.19 -33.22
N VAL A 494 16.42 -19.56 -32.05
CA VAL A 494 17.31 -18.41 -31.92
C VAL A 494 18.77 -18.83 -32.13
N THR A 495 19.14 -20.00 -31.62
CA THR A 495 20.51 -20.51 -31.81
C THR A 495 20.87 -20.64 -33.30
N LEU A 496 19.97 -21.23 -34.09
CA LEU A 496 20.12 -21.28 -35.55
C LEU A 496 20.33 -19.89 -36.19
N LYS A 497 19.48 -18.93 -35.87
CA LYS A 497 19.64 -17.57 -36.40
C LYS A 497 20.97 -16.95 -36.03
N MET A 498 21.37 -17.09 -34.78
CA MET A 498 22.62 -16.48 -34.36
C MET A 498 23.86 -17.20 -34.92
N LEU A 499 23.78 -18.53 -35.00
CA LEU A 499 24.85 -19.30 -35.60
C LEU A 499 25.16 -18.80 -37.04
N ASP A 500 24.11 -18.66 -37.85
CA ASP A 500 24.25 -18.13 -39.21
C ASP A 500 24.85 -16.71 -39.17
N LEU A 501 24.49 -15.94 -38.15
CA LEU A 501 24.91 -14.55 -38.06
C LEU A 501 26.40 -14.42 -37.78
N ILE A 502 26.92 -15.26 -36.90
CA ILE A 502 28.30 -15.08 -36.40
C ILE A 502 29.37 -15.77 -37.24
N CYS A 503 28.97 -16.50 -38.27
CA CYS A 503 29.95 -17.12 -39.19
C CYS A 503 29.65 -16.63 -40.61
N PRO A 504 30.67 -16.62 -41.48
CA PRO A 504 30.46 -16.08 -42.81
C PRO A 504 29.34 -16.84 -43.53
N LYS A 505 28.54 -16.13 -44.32
CA LYS A 505 27.40 -16.76 -44.99
C LYS A 505 27.82 -17.92 -45.84
N GLU A 506 29.04 -17.85 -46.40
CA GLU A 506 29.48 -18.88 -47.31
C GLU A 506 30.34 -19.94 -46.61
N GLN A 507 30.77 -19.67 -45.37
CA GLN A 507 31.47 -20.68 -44.57
C GLN A 507 30.74 -20.85 -43.24
N PRO A 508 29.53 -21.42 -43.28
CA PRO A 508 28.71 -21.52 -42.06
C PRO A 508 29.30 -22.50 -41.04
N CYS A 509 28.97 -22.32 -39.76
CA CYS A 509 29.45 -23.23 -38.73
CA CYS A 509 29.44 -23.22 -38.70
C CYS A 509 28.32 -24.10 -38.19
N ASP A 510 28.64 -25.33 -37.80
CA ASP A 510 27.65 -26.21 -37.21
C ASP A 510 27.78 -26.21 -35.69
N ASN A 511 28.90 -25.70 -35.20
CA ASN A 511 29.12 -25.49 -33.76
C ASN A 511 29.65 -24.05 -33.58
N VAL A 512 29.44 -23.45 -32.41
CA VAL A 512 29.95 -22.12 -32.15
C VAL A 512 31.49 -22.21 -32.06
N PRO A 513 32.20 -21.42 -32.86
CA PRO A 513 33.65 -21.53 -32.75
C PRO A 513 34.10 -21.14 -31.34
N ALA A 514 35.10 -21.86 -30.83
CA ALA A 514 35.67 -21.54 -29.50
C ALA A 514 36.57 -20.32 -29.58
N THR A 515 37.10 -20.04 -30.76
CA THR A 515 37.83 -18.80 -30.94
C THR A 515 37.08 -17.82 -31.85
N ARG A 516 36.88 -16.58 -31.39
CA ARG A 516 36.40 -15.51 -32.26
C ARG A 516 37.44 -15.04 -33.28
N GLU B 2 32.18 21.71 34.42
CA GLU B 2 30.83 21.57 33.74
C GLU B 2 30.24 20.17 33.90
N THR B 3 28.96 20.10 34.17
CA THR B 3 28.27 18.80 34.23
C THR B 3 28.25 18.15 32.85
N PRO B 4 28.75 16.91 32.80
CA PRO B 4 28.73 16.07 31.61
C PRO B 4 27.29 15.89 31.08
N VAL B 5 27.17 15.94 29.77
CA VAL B 5 25.90 15.72 29.07
C VAL B 5 25.74 14.24 28.73
N THR B 6 24.51 13.73 28.76
CA THR B 6 24.34 12.38 28.24
C THR B 6 24.65 12.33 26.75
N PRO B 7 25.33 11.25 26.32
CA PRO B 7 25.73 11.08 24.91
C PRO B 7 24.50 10.91 24.00
N GLN B 8 24.65 11.37 22.77
CA GLN B 8 23.78 11.00 21.69
C GLN B 8 23.80 9.49 21.44
N PRO B 9 22.81 8.99 20.73
CA PRO B 9 22.87 7.60 20.25
C PRO B 9 24.13 7.37 19.43
N PRO B 10 24.60 6.11 19.38
CA PRO B 10 25.86 5.78 18.72
C PRO B 10 25.95 6.19 17.27
N ASP B 11 24.85 6.15 16.50
CA ASP B 11 24.92 6.58 15.12
C ASP B 11 25.24 8.06 15.01
N ILE B 12 24.66 8.87 15.90
CA ILE B 12 24.91 10.31 15.93
C ILE B 12 26.31 10.58 16.49
N LEU B 13 26.65 9.88 17.57
CA LEU B 13 27.94 10.05 18.25
C LEU B 13 29.12 9.76 17.36
N LEU B 14 29.04 8.69 16.59
CA LEU B 14 30.24 8.22 15.91
C LEU B 14 30.28 8.66 14.48
N GLY B 15 29.19 9.20 13.97
CA GLY B 15 29.13 9.52 12.55
C GLY B 15 29.06 8.26 11.72
N PRO B 16 29.52 8.34 10.47
CA PRO B 16 29.47 7.22 9.54
C PRO B 16 30.26 5.98 9.97
N LEU B 17 31.22 6.12 10.88
CA LEU B 17 31.88 4.94 11.43
C LEU B 17 30.86 3.94 12.03
N PHE B 18 29.85 4.42 12.74
CA PHE B 18 28.81 3.50 13.24
C PHE B 18 28.14 2.70 12.10
N ASN B 19 27.65 3.42 11.11
CA ASN B 19 27.03 2.82 9.94
C ASN B 19 27.96 1.81 9.28
N ASP B 20 29.21 2.20 9.07
CA ASP B 20 30.19 1.29 8.46
C ASP B 20 30.36 -0.03 9.26
N VAL B 21 30.52 0.08 10.58
CA VAL B 21 30.78 -1.11 11.35
C VAL B 21 29.57 -2.03 11.32
N GLN B 22 28.37 -1.46 11.39
CA GLN B 22 27.13 -2.26 11.37
C GLN B 22 26.94 -2.93 9.99
N ASN B 23 27.10 -2.17 8.92
CA ASN B 23 26.98 -2.72 7.54
C ASN B 23 27.97 -3.83 7.28
N ALA B 24 29.16 -3.71 7.84
CA ALA B 24 30.17 -4.75 7.72
C ALA B 24 29.80 -6.00 8.50
N LYS B 25 28.86 -5.88 9.42
CA LYS B 25 28.45 -7.04 10.24
C LYS B 25 29.68 -7.70 10.85
N LEU B 26 30.54 -6.88 11.44
CA LEU B 26 31.68 -7.42 12.13
C LEU B 26 31.20 -8.30 13.28
N PHE B 27 30.05 -7.98 13.89
CA PHE B 27 29.49 -8.81 14.97
C PHE B 27 28.16 -9.41 14.51
N PRO B 28 27.85 -10.65 14.92
CA PRO B 28 26.60 -11.31 14.47
C PRO B 28 25.31 -10.67 15.01
N ASP B 29 25.40 -9.87 16.07
CA ASP B 29 24.22 -9.18 16.61
C ASP B 29 24.45 -7.69 16.36
N GLN B 30 23.49 -7.01 15.73
CA GLN B 30 23.65 -5.59 15.51
C GLN B 30 23.71 -4.87 16.88
N LYS B 31 23.18 -5.51 17.92
CA LYS B 31 23.11 -4.80 19.21
C LYS B 31 24.49 -4.71 19.86
N THR B 32 25.37 -5.63 19.48
CA THR B 32 26.71 -5.66 20.05
C THR B 32 27.46 -4.33 19.88
N PHE B 33 27.53 -3.84 18.65
CA PHE B 33 28.25 -2.58 18.45
C PHE B 33 27.46 -1.38 18.99
N ALA B 34 26.12 -1.43 18.97
CA ALA B 34 25.38 -0.35 19.67
C ALA B 34 25.74 -0.26 21.17
N ASP B 35 26.22 -1.35 21.76
CA ASP B 35 26.60 -1.38 23.17
C ASP B 35 28.14 -1.27 23.38
N ALA B 36 28.87 -0.89 22.33
CA ALA B 36 30.33 -0.79 22.39
C ALA B 36 30.69 0.45 23.20
N VAL B 37 31.70 0.36 24.06
CA VAL B 37 32.11 1.56 24.79
C VAL B 37 33.28 2.21 24.08
N PRO B 38 33.12 3.46 23.65
CA PRO B 38 34.25 4.09 22.98
C PRO B 38 35.38 4.29 24.00
N ASN B 39 36.61 4.03 23.60
CA ASN B 39 37.72 4.12 24.53
C ASN B 39 38.24 5.53 24.66
N SER B 40 37.81 6.42 23.77
CA SER B 40 38.14 7.83 23.92
C SER B 40 37.01 8.61 23.26
N ASP B 41 37.19 9.92 23.12
CA ASP B 41 36.17 10.80 22.58
C ASP B 41 35.84 10.42 21.14
N PRO B 42 34.57 10.05 20.85
CA PRO B 42 34.07 9.72 19.50
C PRO B 42 34.41 10.80 18.48
N LEU B 43 34.55 12.04 18.93
CA LEU B 43 34.93 13.10 18.01
C LEU B 43 36.33 12.86 17.45
N MET B 44 37.25 12.47 18.34
CA MET B 44 38.59 12.13 17.92
C MET B 44 38.67 10.78 17.21
N ILE B 45 37.87 9.80 17.65
CA ILE B 45 37.82 8.52 16.93
C ILE B 45 37.36 8.72 15.48
N LEU B 46 36.32 9.53 15.26
CA LEU B 46 35.87 9.74 13.87
C LEU B 46 37.00 10.34 13.01
N ALA B 47 37.71 11.30 13.57
CA ALA B 47 38.78 11.97 12.80
C ALA B 47 39.91 10.98 12.47
N ASP B 48 40.32 10.18 13.46
CA ASP B 48 41.32 9.12 13.29
C ASP B 48 40.87 8.15 12.18
N TYR B 49 39.59 7.79 12.21
CA TYR B 49 38.99 6.89 11.22
C TYR B 49 39.10 7.44 9.81
N ARG B 50 38.76 8.71 9.67
CA ARG B 50 38.77 9.34 8.36
C ARG B 50 40.20 9.38 7.87
N MET B 51 41.10 9.75 8.75
CA MET B 51 42.50 9.82 8.37
C MET B 51 43.00 8.45 7.92
N GLN B 52 42.78 7.42 8.73
CA GLN B 52 43.34 6.11 8.44
C GLN B 52 42.69 5.43 7.23
N GLN B 53 41.43 5.74 6.96
CA GLN B 53 40.76 5.22 5.75
C GLN B 53 41.55 5.69 4.53
N ASN B 54 42.20 6.84 4.67
CA ASN B 54 42.96 7.39 3.55
C ASN B 54 44.37 6.81 3.47
N GLN B 55 44.53 5.60 3.99
CA GLN B 55 45.76 4.85 3.82
C GLN B 55 45.64 3.40 3.43
N SER B 56 46.77 2.89 2.91
CA SER B 56 46.83 1.54 2.41
C SER B 56 46.65 0.59 3.55
N GLY B 57 46.00 -0.53 3.28
CA GLY B 57 45.80 -1.57 4.29
C GLY B 57 45.01 -1.17 5.52
N PHE B 58 44.03 -0.28 5.39
CA PHE B 58 43.22 0.01 6.54
C PHE B 58 42.42 -1.24 6.87
N ASP B 59 42.38 -1.65 8.14
CA ASP B 59 41.53 -2.77 8.50
C ASP B 59 40.44 -2.36 9.50
N LEU B 60 39.17 -2.42 9.08
CA LEU B 60 38.07 -1.90 9.91
C LEU B 60 37.98 -2.58 11.26
N ARG B 61 38.05 -3.91 11.24
CA ARG B 61 37.91 -4.68 12.48
C ARG B 61 39.01 -4.36 13.48
N HIS B 62 40.26 -4.27 13.01
CA HIS B 62 41.37 -3.89 13.89
C HIS B 62 41.14 -2.49 14.49
N PHE B 63 40.74 -1.54 13.65
CA PHE B 63 40.37 -0.21 14.15
C PHE B 63 39.29 -0.27 15.28
N VAL B 64 38.26 -1.09 15.09
CA VAL B 64 37.21 -1.23 16.12
C VAL B 64 37.77 -1.89 17.38
N ASN B 65 38.56 -2.95 17.21
CA ASN B 65 39.13 -3.64 18.34
C ASN B 65 39.90 -2.68 19.22
N VAL B 66 40.64 -1.75 18.60
CA VAL B 66 41.50 -0.81 19.33
C VAL B 66 40.70 0.31 20.01
N ASN B 67 39.69 0.82 19.30
CA ASN B 67 38.97 2.01 19.75
C ASN B 67 37.70 1.78 20.60
N PHE B 68 37.27 0.55 20.70
CA PHE B 68 36.02 0.25 21.44
C PHE B 68 36.18 -0.97 22.33
N THR B 69 35.49 -0.96 23.46
CA THR B 69 35.48 -2.12 24.35
C THR B 69 34.12 -2.76 24.22
N LEU B 70 34.05 -4.06 23.88
CA LEU B 70 32.75 -4.77 23.75
C LEU B 70 32.18 -5.10 25.09
N PRO B 71 30.86 -5.32 25.16
CA PRO B 71 30.33 -5.65 26.50
C PRO B 71 30.81 -7.03 27.02
N LYS B 72 30.90 -7.14 28.34
CA LYS B 72 31.49 -8.30 29.00
C LYS B 72 30.47 -9.41 29.18
N TYR B 77 27.26 -18.83 35.29
CA TYR B 77 26.53 -19.05 36.55
C TYR B 77 26.40 -20.55 36.85
N VAL B 78 26.80 -20.94 38.06
CA VAL B 78 26.67 -22.32 38.46
C VAL B 78 25.80 -22.35 39.66
N PRO B 79 24.58 -22.85 39.50
CA PRO B 79 23.66 -22.89 40.64
C PRO B 79 23.95 -24.15 41.44
N PRO B 80 23.43 -24.26 42.66
CA PRO B 80 23.52 -25.55 43.35
C PRO B 80 22.78 -26.64 42.60
N GLU B 81 23.24 -27.87 42.74
CA GLU B 81 22.61 -28.98 42.02
C GLU B 81 21.20 -29.26 42.57
N GLY B 82 20.29 -29.65 41.68
CA GLY B 82 19.00 -30.20 42.09
C GLY B 82 17.87 -29.19 42.32
N GLN B 83 17.99 -27.98 41.78
CA GLN B 83 16.92 -27.02 42.04
C GLN B 83 15.63 -27.29 41.31
N SER B 84 14.53 -27.05 42.01
CA SER B 84 13.22 -27.06 41.40
C SER B 84 13.17 -25.84 40.48
N LEU B 85 12.11 -25.72 39.70
CA LEU B 85 11.84 -24.52 38.90
C LEU B 85 11.81 -23.25 39.79
N ARG B 86 11.03 -23.30 40.87
CA ARG B 86 10.91 -22.12 41.73
C ARG B 86 12.27 -21.74 42.34
N GLU B 87 13.02 -22.72 42.83
CA GLU B 87 14.32 -22.45 43.46
C GLU B 87 15.30 -21.86 42.45
N HIS B 88 15.20 -22.31 41.20
CA HIS B 88 16.07 -21.84 40.12
C HIS B 88 15.84 -20.34 39.86
N ILE B 89 14.58 -20.00 39.71
CA ILE B 89 14.17 -18.62 39.54
C ILE B 89 14.70 -17.77 40.71
N ASP B 90 14.42 -18.21 41.94
CA ASP B 90 14.76 -17.44 43.13
C ASP B 90 16.27 -17.26 43.28
N GLY B 91 17.05 -18.25 42.86
CA GLY B 91 18.49 -18.16 42.90
C GLY B 91 19.05 -17.28 41.77
N LEU B 92 18.27 -17.04 40.73
CA LEU B 92 18.79 -16.28 39.61
C LEU B 92 18.72 -14.78 39.78
N TRP B 93 17.96 -14.27 40.76
CA TRP B 93 17.79 -12.79 40.86
C TRP B 93 19.13 -12.05 40.90
N PRO B 94 20.08 -12.51 41.76
CA PRO B 94 21.35 -11.77 41.79
C PRO B 94 22.12 -11.87 40.48
N VAL B 95 21.99 -12.99 39.78
CA VAL B 95 22.66 -13.18 38.50
C VAL B 95 22.16 -12.17 37.47
N LEU B 96 20.86 -11.86 37.48
CA LEU B 96 20.27 -10.90 36.53
C LEU B 96 20.30 -9.46 37.04
N THR B 97 20.91 -9.23 38.21
CA THR B 97 20.91 -7.93 38.84
C THR B 97 22.18 -7.16 38.48
N ARG B 98 22.04 -5.90 38.07
CA ARG B 98 23.19 -5.05 37.76
C ARG B 98 23.23 -3.87 38.71
N SER B 99 24.44 -3.36 38.90
CA SER B 99 24.64 -2.15 39.61
C SER B 99 25.55 -1.26 38.76
N THR B 100 24.99 -0.20 38.15
CA THR B 100 25.75 0.65 37.24
C THR B 100 25.50 2.11 37.55
N GLU B 101 25.96 2.53 38.73
CA GLU B 101 25.79 3.90 39.16
C GLU B 101 26.67 4.84 38.38
N ASN B 102 27.73 4.31 37.77
CA ASN B 102 28.68 5.12 37.01
C ASN B 102 28.93 4.47 35.66
N THR B 103 28.89 5.24 34.59
CA THR B 103 29.31 4.69 33.30
C THR B 103 30.24 5.70 32.67
N GLU B 104 31.05 5.21 31.76
CA GLU B 104 31.87 6.09 30.97
C GLU B 104 30.96 7.07 30.20
N LYS B 105 31.41 8.33 30.12
CA LYS B 105 30.78 9.45 29.45
C LYS B 105 30.19 9.12 28.05
N TRP B 106 30.85 8.27 27.27
CA TRP B 106 30.34 7.93 25.93
C TRP B 106 29.72 6.53 25.80
N ASP B 107 29.55 5.83 26.91
CA ASP B 107 28.91 4.51 26.88
C ASP B 107 27.45 4.73 26.48
N SER B 108 26.88 3.82 25.70
CA SER B 108 25.46 3.90 25.42
C SER B 108 24.65 3.49 26.66
N LEU B 109 25.28 2.74 27.55
CA LEU B 109 24.65 2.38 28.82
C LEU B 109 24.46 3.67 29.66
N LEU B 110 23.24 3.93 30.12
CA LEU B 110 22.98 5.09 30.96
C LEU B 110 23.05 4.71 32.44
N PRO B 111 23.63 5.59 33.28
CA PRO B 111 23.74 5.26 34.69
C PRO B 111 22.39 5.22 35.40
N LEU B 112 22.30 4.36 36.41
CA LEU B 112 21.13 4.38 37.30
C LEU B 112 21.60 4.40 38.76
N PRO B 113 20.85 5.05 39.64
CA PRO B 113 21.35 5.16 41.02
C PRO B 113 21.13 3.91 41.87
N GLU B 114 20.34 2.95 41.43
CA GLU B 114 20.03 1.78 42.25
C GLU B 114 20.16 0.46 41.51
N PRO B 115 20.39 -0.63 42.22
CA PRO B 115 20.47 -1.93 41.53
C PRO B 115 19.19 -2.25 40.73
N TYR B 116 19.29 -3.09 39.71
CA TYR B 116 18.13 -3.34 38.82
C TYR B 116 18.25 -4.68 38.15
N VAL B 117 17.13 -5.32 37.88
CA VAL B 117 17.13 -6.63 37.25
C VAL B 117 16.93 -6.44 35.74
N VAL B 118 17.73 -7.13 34.96
CA VAL B 118 17.65 -7.04 33.51
C VAL B 118 17.03 -8.32 33.01
N PRO B 119 16.56 -8.32 31.76
CA PRO B 119 15.88 -9.56 31.32
C PRO B 119 16.80 -10.78 31.25
N GLY B 120 18.01 -10.60 30.72
CA GLY B 120 18.95 -11.69 30.45
C GLY B 120 19.53 -11.66 29.03
N GLY B 121 20.62 -12.39 28.84
CA GLY B 121 21.26 -12.53 27.52
C GLY B 121 21.70 -11.18 26.95
N ARG B 122 21.33 -10.93 25.70
CA ARG B 122 21.76 -9.68 25.04
C ARG B 122 21.07 -8.45 25.66
N PHE B 123 20.06 -8.70 26.49
CA PHE B 123 19.39 -7.60 27.18
C PHE B 123 20.15 -7.27 28.46
N ARG B 124 21.12 -6.40 28.29
CA ARG B 124 22.06 -6.07 29.31
C ARG B 124 21.69 -4.70 29.87
N GLU B 125 20.40 -4.38 29.96
CA GLU B 125 20.01 -3.09 30.51
C GLU B 125 18.58 -3.27 31.03
N VAL B 126 18.07 -2.31 31.81
CA VAL B 126 16.72 -2.39 32.37
C VAL B 126 15.71 -2.14 31.24
N TYR B 127 14.58 -2.87 31.22
CA TYR B 127 13.50 -2.64 30.23
C TYR B 127 12.24 -2.17 30.96
N TYR B 128 11.57 -1.16 30.40
CA TYR B 128 10.39 -0.57 31.01
C TYR B 128 9.31 -1.62 31.35
N TRP B 129 8.60 -2.12 30.35
CA TRP B 129 7.49 -3.02 30.71
C TRP B 129 7.92 -4.38 31.32
N ASP B 130 9.07 -4.93 30.90
CA ASP B 130 9.56 -6.19 31.45
C ASP B 130 9.65 -6.06 32.95
N SER B 131 10.12 -4.88 33.38
CA SER B 131 10.43 -4.69 34.79
C SER B 131 9.20 -4.88 35.67
N TYR B 132 8.02 -4.57 35.14
CA TYR B 132 6.83 -4.72 36.02
C TYR B 132 6.60 -6.20 36.36
N PHE B 133 6.64 -7.04 35.33
CA PHE B 133 6.39 -8.46 35.51
C PHE B 133 7.55 -9.09 36.28
N THR B 134 8.76 -8.61 36.01
CA THR B 134 9.91 -9.00 36.79
C THR B 134 9.74 -8.61 38.27
N MET B 135 9.30 -7.38 38.53
CA MET B 135 9.14 -6.94 39.92
C MET B 135 8.02 -7.70 40.67
N LEU B 136 7.01 -8.17 39.93
CA LEU B 136 5.97 -9.00 40.54
C LEU B 136 6.65 -10.26 41.14
N GLY B 137 7.64 -10.80 40.41
CA GLY B 137 8.37 -11.98 40.83
C GLY B 137 9.24 -11.64 42.02
N LEU B 138 9.94 -10.51 41.93
CA LEU B 138 10.75 -10.06 43.02
C LEU B 138 9.87 -9.89 44.27
N ALA B 139 8.75 -9.21 44.13
CA ALA B 139 7.84 -9.01 45.28
C ALA B 139 7.37 -10.35 45.88
N GLU B 140 6.98 -11.28 45.02
CA GLU B 140 6.50 -12.59 45.43
C GLU B 140 7.54 -13.35 46.24
N SER B 141 8.82 -13.20 45.88
CA SER B 141 9.85 -13.94 46.59
C SER B 141 10.51 -13.07 47.65
N GLY B 142 9.86 -11.99 48.03
CA GLY B 142 10.27 -11.24 49.22
C GLY B 142 11.32 -10.17 49.00
N HIS B 143 11.69 -9.95 47.73
CA HIS B 143 12.79 -9.00 47.43
C HIS B 143 12.30 -7.59 47.23
N TRP B 144 11.66 -7.06 48.28
CA TRP B 144 11.11 -5.72 48.25
C TRP B 144 12.17 -4.63 48.11
N ASP B 145 13.37 -4.82 48.65
CA ASP B 145 14.49 -3.88 48.41
C ASP B 145 14.71 -3.66 46.90
N LYS B 146 14.67 -4.74 46.12
CA LYS B 146 14.92 -4.65 44.69
C LYS B 146 13.76 -4.00 44.03
N VAL B 147 12.56 -4.26 44.53
CA VAL B 147 11.39 -3.62 43.95
C VAL B 147 11.55 -2.11 44.17
N ALA B 148 11.86 -1.72 45.41
CA ALA B 148 12.07 -0.31 45.73
C ALA B 148 13.24 0.30 44.95
N ASP B 149 14.32 -0.46 44.77
CA ASP B 149 15.44 0.01 43.95
C ASP B 149 14.93 0.37 42.58
N MET B 150 14.12 -0.53 42.00
CA MET B 150 13.67 -0.38 40.60
CA MET B 150 13.71 -0.35 40.61
C MET B 150 12.69 0.77 40.43
N VAL B 151 11.79 0.94 41.40
CA VAL B 151 10.84 2.06 41.33
C VAL B 151 11.64 3.38 41.41
N ALA B 152 12.62 3.38 42.31
CA ALA B 152 13.45 4.57 42.51
C ALA B 152 14.17 4.92 41.21
N ASN B 153 14.66 3.89 40.54
CA ASN B 153 15.35 4.08 39.27
C ASN B 153 14.45 4.72 38.25
N PHE B 154 13.25 4.18 38.11
CA PHE B 154 12.34 4.73 37.12
C PHE B 154 11.91 6.15 37.47
N ALA B 155 11.73 6.44 38.76
CA ALA B 155 11.41 7.80 39.17
C ALA B 155 12.59 8.71 38.80
N HIS B 156 13.81 8.23 39.03
CA HIS B 156 14.96 9.02 38.66
C HIS B 156 15.03 9.36 37.15
N GLU B 157 14.69 8.39 36.29
CA GLU B 157 14.68 8.63 34.83
C GLU B 157 13.61 9.65 34.42
N ILE B 158 12.44 9.53 35.02
CA ILE B 158 11.40 10.54 34.80
C ILE B 158 11.93 11.95 35.17
N ASP B 159 12.65 12.02 36.29
CA ASP B 159 13.28 13.27 36.71
C ASP B 159 14.37 13.78 35.77
N THR B 160 15.23 12.90 35.25
CA THR B 160 16.35 13.37 34.45
C THR B 160 15.99 13.49 32.98
N TYR B 161 15.16 12.59 32.48
CA TYR B 161 14.83 12.60 31.05
C TYR B 161 13.44 13.16 30.69
N GLY B 162 12.51 13.21 31.65
CA GLY B 162 11.12 13.60 31.35
C GLY B 162 10.17 12.43 31.11
N HIS B 163 10.72 11.24 30.91
CA HIS B 163 9.90 10.02 30.74
C HIS B 163 10.74 8.83 31.09
N ILE B 164 10.13 7.66 31.12
CA ILE B 164 10.92 6.42 31.23
C ILE B 164 11.24 5.94 29.84
N PRO B 165 12.53 5.81 29.51
CA PRO B 165 12.92 5.30 28.20
C PRO B 165 12.69 3.79 28.09
N ASN B 166 12.62 3.27 26.87
CA ASN B 166 12.44 1.84 26.59
C ASN B 166 13.37 1.06 27.51
N GLY B 167 14.57 1.59 27.73
CA GLY B 167 15.54 0.98 28.63
C GLY B 167 16.64 1.97 28.91
N ASN B 168 17.58 1.66 29.82
CA ASN B 168 18.63 2.66 30.09
C ASN B 168 19.77 2.63 29.04
N ARG B 169 19.42 2.96 27.80
CA ARG B 169 20.42 3.09 26.70
C ARG B 169 20.22 4.38 25.96
N SER B 170 21.32 5.02 25.55
CA SER B 170 21.18 6.27 24.77
C SER B 170 20.27 6.05 23.56
N TYR B 171 20.31 4.87 22.94
CA TYR B 171 19.48 4.67 21.75
C TYR B 171 18.01 4.31 22.09
N TYR B 172 17.69 4.31 23.37
CA TYR B 172 16.26 4.18 23.79
C TYR B 172 15.61 5.49 24.32
N LEU B 173 16.35 6.59 24.35
CA LEU B 173 15.85 7.84 24.98
CA LEU B 173 15.84 7.82 24.98
C LEU B 173 14.71 8.49 24.19
N SER B 174 14.66 8.23 22.88
CA SER B 174 13.65 8.88 22.03
C SER B 174 12.25 8.24 22.11
N ARG B 175 12.10 7.19 22.92
CA ARG B 175 10.80 6.53 23.08
C ARG B 175 10.62 5.98 24.51
N SER B 176 9.39 5.64 24.89
CA SER B 176 9.15 4.98 26.17
C SER B 176 8.82 3.50 25.90
N GLN B 177 7.83 2.98 26.62
CA GLN B 177 7.37 1.60 26.45
C GLN B 177 5.95 1.50 27.03
N PRO B 178 5.33 0.32 26.99
CA PRO B 178 3.98 0.29 27.60
C PRO B 178 4.05 0.75 29.05
N PRO B 179 3.28 1.78 29.42
CA PRO B 179 3.51 2.46 30.73
C PRO B 179 3.01 1.68 31.93
N PHE B 180 3.94 1.15 32.72
CA PHE B 180 3.60 0.40 33.91
C PHE B 180 4.08 1.05 35.20
N PHE B 181 4.68 2.24 35.11
CA PHE B 181 5.28 2.83 36.33
C PHE B 181 4.25 3.02 37.43
N ALA B 182 3.08 3.53 37.08
CA ALA B 182 1.99 3.68 38.04
C ALA B 182 1.59 2.36 38.70
N LEU B 183 1.60 1.27 37.94
CA LEU B 183 1.33 -0.04 38.51
C LEU B 183 2.51 -0.50 39.38
N MET B 184 3.73 -0.11 39.02
CA MET B 184 4.85 -0.45 39.91
C MET B 184 4.73 0.24 41.26
N VAL B 185 4.29 1.49 41.24
CA VAL B 185 4.04 2.24 42.48
C VAL B 185 2.96 1.56 43.33
N GLU B 186 1.88 1.11 42.68
CA GLU B 186 0.83 0.41 43.42
C GLU B 186 1.33 -0.91 44.00
N LEU B 187 2.17 -1.62 43.24
CA LEU B 187 2.81 -2.84 43.75
C LEU B 187 3.56 -2.49 45.03
N LEU B 188 4.43 -1.49 44.97
CA LEU B 188 5.13 -1.10 46.17
C LEU B 188 4.16 -0.67 47.29
N ALA B 189 3.06 0.00 46.94
CA ALA B 189 2.00 0.31 47.93
C ALA B 189 1.38 -0.93 48.62
N GLN B 190 1.43 -2.10 48.00
CA GLN B 190 0.90 -3.30 48.65
C GLN B 190 1.71 -3.60 49.89
N HIS B 191 3.01 -3.36 49.84
CA HIS B 191 3.86 -3.57 50.98
C HIS B 191 3.90 -2.33 51.90
N GLU B 192 3.99 -1.14 51.32
CA GLU B 192 4.31 0.06 52.12
C GLU B 192 3.05 0.82 52.57
N GLY B 193 1.92 0.50 51.98
CA GLY B 193 0.73 1.33 52.17
C GLY B 193 0.83 2.58 51.31
N ASP B 194 0.00 3.56 51.63
CA ASP B 194 -0.12 4.87 50.95
C ASP B 194 1.17 5.66 50.86
N ALA B 195 2.11 5.38 51.73
CA ALA B 195 3.41 6.02 51.67
C ALA B 195 3.98 5.99 50.22
N ALA B 196 3.78 4.86 49.52
CA ALA B 196 4.34 4.76 48.17
C ALA B 196 3.65 5.75 47.19
N LEU B 197 2.33 5.87 47.29
CA LEU B 197 1.58 6.74 46.37
C LEU B 197 1.96 8.19 46.62
N LYS B 198 2.08 8.54 47.91
CA LYS B 198 2.46 9.90 48.32
C LYS B 198 3.87 10.25 47.88
N GLN B 199 4.78 9.28 48.02
CA GLN B 199 6.15 9.53 47.64
C GLN B 199 6.27 9.76 46.11
N TYR B 200 5.60 8.92 45.31
CA TYR B 200 5.81 8.96 43.87
C TYR B 200 4.73 9.67 43.05
N LEU B 201 3.75 10.27 43.74
CA LEU B 201 2.76 11.09 43.04
C LEU B 201 3.37 12.09 42.00
N PRO B 202 4.33 12.92 42.41
CA PRO B 202 4.87 13.90 41.46
C PRO B 202 5.49 13.24 40.20
N GLN B 203 6.21 12.11 40.36
CA GLN B 203 6.79 11.41 39.21
C GLN B 203 5.71 10.73 38.34
N MET B 204 4.69 10.15 38.95
CA MET B 204 3.55 9.65 38.18
C MET B 204 2.90 10.78 37.38
N GLN B 205 2.72 11.94 38.00
CA GLN B 205 2.13 13.08 37.32
C GLN B 205 3.02 13.47 36.16
N LYS B 206 4.33 13.47 36.39
CA LYS B 206 5.23 13.90 35.32
C LYS B 206 5.22 12.89 34.16
N GLU B 207 5.11 11.59 34.47
CA GLU B 207 5.02 10.60 33.37
C GLU B 207 3.73 10.85 32.57
N TYR B 208 2.65 11.08 33.28
CA TYR B 208 1.38 11.42 32.63
C TYR B 208 1.49 12.64 31.67
N ALA B 209 2.18 13.69 32.12
CA ALA B 209 2.42 14.87 31.30
C ALA B 209 3.23 14.51 30.07
N TYR B 210 4.13 13.54 30.17
CA TYR B 210 4.85 13.09 28.98
C TYR B 210 3.91 12.41 27.95
N TRP B 211 3.09 11.48 28.41
CA TRP B 211 2.12 10.84 27.53
C TRP B 211 1.18 11.84 26.90
N MET B 212 0.70 12.81 27.67
CA MET B 212 -0.29 13.79 27.18
C MET B 212 0.33 15.09 26.61
N ASP B 213 1.66 15.14 26.50
CA ASP B 213 2.32 16.36 26.07
C ASP B 213 1.73 16.87 24.75
N GLY B 214 1.36 18.15 24.73
CA GLY B 214 0.79 18.82 23.55
C GLY B 214 -0.72 18.78 23.52
N VAL B 215 -1.33 17.94 24.36
CA VAL B 215 -2.79 17.80 24.33
C VAL B 215 -3.58 19.13 24.42
N GLU B 216 -3.11 20.06 25.27
CA GLU B 216 -3.77 21.36 25.45
C GLU B 216 -4.01 22.17 24.15
N ASN B 217 -3.14 22.00 23.16
CA ASN B 217 -3.25 22.78 21.92
C ASN B 217 -3.57 21.95 20.68
N LEU B 218 -3.93 20.68 20.86
CA LEU B 218 -4.24 19.80 19.76
C LEU B 218 -5.69 19.96 19.28
N GLN B 219 -5.90 20.21 17.97
CA GLN B 219 -7.26 20.35 17.42
C GLN B 219 -7.88 18.98 17.16
N ALA B 220 -9.21 18.88 17.22
CA ALA B 220 -9.91 17.62 16.97
C ALA B 220 -9.58 17.14 15.58
N GLY B 221 -9.43 15.84 15.39
CA GLY B 221 -9.02 15.31 14.08
C GLY B 221 -7.52 15.35 13.82
N GLN B 222 -6.72 15.71 14.81
CA GLN B 222 -5.26 15.76 14.59
C GLN B 222 -4.51 14.89 15.60
N GLN B 223 -3.22 14.66 15.36
CA GLN B 223 -2.39 13.90 16.29
C GLN B 223 -1.12 14.67 16.51
N GLU B 224 -0.44 14.39 17.61
CA GLU B 224 0.90 14.92 17.78
C GLU B 224 1.63 14.13 18.88
N LYS B 225 2.86 13.77 18.59
CA LYS B 225 3.61 12.90 19.46
C LYS B 225 2.73 11.73 19.93
N ARG B 226 2.54 11.57 21.23
CA ARG B 226 1.85 10.39 21.76
CA ARG B 226 1.86 10.38 21.75
C ARG B 226 0.34 10.54 21.95
N VAL B 227 -0.23 11.66 21.49
CA VAL B 227 -1.63 11.97 21.72
C VAL B 227 -2.42 12.03 20.42
N VAL B 228 -3.62 11.47 20.45
CA VAL B 228 -4.55 11.68 19.35
C VAL B 228 -5.86 12.27 19.83
N LYS B 229 -6.40 13.18 19.04
CA LYS B 229 -7.69 13.74 19.38
C LYS B 229 -8.62 13.48 18.21
N LEU B 230 -9.63 12.65 18.46
CA LEU B 230 -10.57 12.29 17.39
C LEU B 230 -11.50 13.47 17.11
N GLN B 231 -12.31 13.33 16.05
CA GLN B 231 -13.11 14.43 15.58
C GLN B 231 -14.15 14.83 16.57
N ASP B 232 -14.62 13.90 17.40
CA ASP B 232 -15.59 14.29 18.41
C ASP B 232 -14.89 14.77 19.68
N GLY B 233 -13.58 14.98 19.61
CA GLY B 233 -12.85 15.43 20.80
C GLY B 233 -12.33 14.35 21.72
N THR B 234 -12.62 13.06 21.44
CA THR B 234 -12.12 11.95 22.26
C THR B 234 -10.58 11.94 22.30
N LEU B 235 -10.03 11.80 23.51
CA LEU B 235 -8.58 11.84 23.70
C LEU B 235 -8.02 10.45 23.98
N LEU B 236 -7.08 9.99 23.14
CA LEU B 236 -6.44 8.70 23.31
C LEU B 236 -4.94 8.87 23.04
N ASN B 237 -4.15 7.86 23.40
CA ASN B 237 -2.73 7.90 23.12
C ASN B 237 -2.33 6.85 22.06
N ARG B 238 -1.16 7.06 21.46
CA ARG B 238 -0.58 6.09 20.53
C ARG B 238 0.90 5.96 20.89
N TYR B 239 1.57 4.95 20.32
CA TYR B 239 3.00 4.81 20.53
C TYR B 239 3.73 5.69 19.51
N TRP B 240 4.88 6.22 19.92
CA TRP B 240 5.55 7.24 19.10
C TRP B 240 7.01 7.29 19.53
N ASP B 241 7.91 7.43 18.55
CA ASP B 241 9.32 7.65 18.81
C ASP B 241 9.65 9.01 18.17
N ASP B 242 10.48 9.82 18.84
CA ASP B 242 10.75 11.15 18.35
C ASP B 242 11.76 11.16 17.20
N ARG B 243 12.37 10.02 16.91
CA ARG B 243 13.34 9.95 15.81
C ARG B 243 12.78 9.18 14.61
N ASP B 244 13.37 9.41 13.45
CA ASP B 244 12.83 8.83 12.21
C ASP B 244 13.94 8.24 11.39
N THR B 245 14.87 7.58 12.09
CA THR B 245 16.02 6.99 11.47
C THR B 245 16.13 5.52 11.89
N PRO B 246 17.07 4.80 11.27
CA PRO B 246 17.19 3.38 11.64
C PRO B 246 17.56 3.24 13.13
N ARG B 247 17.06 2.19 13.80
CA ARG B 247 17.48 1.90 15.17
C ARG B 247 18.91 1.40 15.23
N PRO B 248 19.75 2.06 16.05
CA PRO B 248 21.16 1.66 16.14
C PRO B 248 21.29 0.16 16.44
N GLU B 249 20.45 -0.35 17.34
CA GLU B 249 20.55 -1.72 17.78
C GLU B 249 19.98 -2.70 16.76
N SER B 250 19.35 -2.19 15.70
CA SER B 250 18.85 -3.05 14.61
C SER B 250 19.18 -2.46 13.25
N TRP B 251 20.40 -1.96 13.10
CA TRP B 251 20.69 -0.98 12.04
C TRP B 251 20.48 -1.55 10.64
N VAL B 252 21.18 -2.62 10.33
CA VAL B 252 21.06 -3.17 8.98
C VAL B 252 19.65 -3.66 8.69
N GLU B 253 18.99 -4.28 9.68
CA GLU B 253 17.63 -4.81 9.44
C GLU B 253 16.67 -3.68 9.02
N ASP B 254 16.65 -2.61 9.83
CA ASP B 254 15.76 -1.49 9.54
C ASP B 254 16.04 -0.86 8.17
N ILE B 255 17.32 -0.73 7.81
CA ILE B 255 17.65 -0.15 6.51
C ILE B 255 17.12 -1.04 5.38
N ALA B 256 17.27 -2.36 5.53
CA ALA B 256 16.81 -3.30 4.48
C ALA B 256 15.27 -3.23 4.39
N THR B 257 14.61 -3.22 5.55
CA THR B 257 13.15 -3.08 5.62
C THR B 257 12.63 -1.87 4.87
N ALA B 258 13.19 -0.69 5.14
CA ALA B 258 12.71 0.48 4.43
C ALA B 258 13.05 0.41 2.94
N LYS B 259 14.21 -0.13 2.64
CA LYS B 259 14.65 -0.15 1.24
C LYS B 259 13.68 -0.99 0.39
N SER B 260 13.05 -1.99 0.99
CA SER B 260 12.19 -2.90 0.23
C SER B 260 10.82 -2.32 -0.07
N ASN B 261 10.56 -1.09 0.38
CA ASN B 261 9.32 -0.40 0.04
C ASN B 261 9.59 1.00 -0.45
N PRO B 262 9.96 1.12 -1.73
CA PRO B 262 10.25 2.45 -2.28
C PRO B 262 9.00 3.32 -2.49
N ASN B 263 7.84 2.78 -2.11
CA ASN B 263 6.57 3.51 -2.08
C ASN B 263 6.37 4.47 -0.90
N ARG B 264 7.22 4.39 0.12
CA ARG B 264 7.07 5.31 1.28
C ARG B 264 8.42 5.92 1.59
N PRO B 265 8.43 7.17 2.07
CA PRO B 265 9.70 7.72 2.53
C PRO B 265 10.30 6.80 3.60
N ALA B 266 11.61 6.57 3.54
CA ALA B 266 12.25 5.69 4.52
C ALA B 266 11.97 6.20 5.95
N THR B 267 12.00 7.50 6.13
CA THR B 267 11.82 8.10 7.47
C THR B 267 10.49 7.69 8.12
N GLU B 268 9.45 7.57 7.32
CA GLU B 268 8.14 7.16 7.86
C GLU B 268 8.19 5.71 8.31
N ILE B 269 8.85 4.87 7.53
CA ILE B 269 8.99 3.47 7.89
C ILE B 269 9.82 3.36 9.17
N TYR B 270 10.95 4.07 9.24
CA TYR B 270 11.78 4.08 10.48
C TYR B 270 10.97 4.53 11.68
N ARG B 271 10.18 5.58 11.52
CA ARG B 271 9.36 6.08 12.63
C ARG B 271 8.34 5.05 13.10
N ASP B 272 7.77 4.31 12.14
CA ASP B 272 6.84 3.23 12.46
C ASP B 272 7.51 1.99 13.06
N LEU B 273 8.72 1.63 12.59
CA LEU B 273 9.49 0.56 13.24
C LEU B 273 9.78 0.93 14.72
N ARG B 274 10.31 2.14 14.94
CA ARG B 274 10.66 2.59 16.29
C ARG B 274 9.42 2.63 17.17
N SER B 275 8.29 3.05 16.61
CA SER B 275 7.06 3.17 17.38
C SER B 275 6.53 1.80 17.81
N ALA B 276 6.67 0.81 16.93
CA ALA B 276 6.40 -0.60 17.27
C ALA B 276 7.33 -1.13 18.36
N ALA B 277 8.61 -0.80 18.28
CA ALA B 277 9.49 -1.11 19.39
C ALA B 277 8.98 -0.45 20.69
N ALA B 278 8.52 0.78 20.60
CA ALA B 278 7.90 1.44 21.76
C ALA B 278 6.69 0.66 22.29
N SER B 279 5.96 -0.06 21.41
CA SER B 279 4.74 -0.75 21.84
C SER B 279 5.09 -2.05 22.54
N GLY B 280 6.36 -2.47 22.41
CA GLY B 280 6.77 -3.77 22.96
C GLY B 280 6.56 -4.87 21.94
N TRP B 281 5.61 -4.66 21.02
CA TRP B 281 5.24 -5.66 19.99
C TRP B 281 6.04 -5.42 18.71
N ASP B 282 7.36 -5.54 18.80
CA ASP B 282 8.20 -5.44 17.63
C ASP B 282 8.60 -6.86 17.24
N PHE B 283 7.99 -7.47 16.22
CA PHE B 283 6.91 -6.88 15.41
C PHE B 283 5.69 -7.82 15.33
N SER B 284 4.65 -7.39 14.63
CA SER B 284 3.39 -8.09 14.65
C SER B 284 2.51 -7.72 13.45
N SER B 285 1.71 -8.68 13.00
CA SER B 285 0.68 -8.43 11.97
C SER B 285 -0.28 -7.35 12.44
N ARG B 286 -0.39 -7.22 13.75
CA ARG B 286 -1.20 -6.19 14.37
C ARG B 286 -1.01 -4.79 13.78
N TRP B 287 0.23 -4.45 13.41
CA TRP B 287 0.55 -3.13 12.87
C TRP B 287 0.64 -3.08 11.35
N MET B 288 0.64 -4.26 10.70
CA MET B 288 1.05 -4.38 9.27
C MET B 288 -0.15 -4.50 8.30
N ASP B 289 -0.14 -3.77 7.19
CA ASP B 289 -1.21 -3.92 6.21
C ASP B 289 -1.12 -5.29 5.52
N ASN B 290 0.11 -5.71 5.23
CA ASN B 290 0.45 -7.00 4.55
C ASN B 290 1.30 -7.80 5.55
N PRO B 291 0.80 -8.96 6.02
CA PRO B 291 1.62 -9.66 7.05
C PRO B 291 2.96 -10.29 6.63
N GLN B 292 3.32 -10.25 5.34
CA GLN B 292 4.60 -10.79 4.90
C GLN B 292 5.49 -9.63 4.45
N GLN B 293 5.03 -8.40 4.71
CA GLN B 293 5.84 -7.23 4.44
C GLN B 293 5.88 -6.33 5.66
N LEU B 294 6.99 -6.40 6.38
CA LEU B 294 7.16 -5.62 7.59
C LEU B 294 7.15 -4.19 7.16
N ASN B 295 7.56 -3.96 5.91
CA ASN B 295 7.66 -2.62 5.41
C ASN B 295 6.29 -1.96 5.20
N THR B 296 5.22 -2.69 5.48
CA THR B 296 3.87 -2.09 5.38
C THR B 296 3.30 -1.73 6.76
N LEU B 297 4.13 -1.77 7.78
CA LEU B 297 3.61 -1.49 9.12
C LEU B 297 3.36 0.01 9.29
N ARG B 298 2.31 0.35 10.03
CA ARG B 298 1.98 1.73 10.22
C ARG B 298 1.56 2.03 11.66
N THR B 299 2.42 1.65 12.59
CA THR B 299 2.18 1.81 14.02
C THR B 299 1.60 3.16 14.43
N THR B 300 2.18 4.25 13.96
CA THR B 300 1.74 5.56 14.45
C THR B 300 0.33 6.00 13.97
N SER B 301 -0.32 5.18 13.14
CA SER B 301 -1.66 5.54 12.65
C SER B 301 -2.71 4.60 13.29
N ILE B 302 -2.28 3.91 14.33
CA ILE B 302 -3.14 2.92 14.99
C ILE B 302 -3.22 3.28 16.50
N VAL B 303 -4.42 3.44 17.05
CA VAL B 303 -4.61 3.73 18.47
C VAL B 303 -4.68 2.38 19.23
N PRO B 304 -3.68 2.06 20.06
CA PRO B 304 -3.63 0.72 20.63
C PRO B 304 -4.54 0.54 21.85
N VAL B 305 -5.23 -0.59 21.93
CA VAL B 305 -6.19 -0.77 23.02
C VAL B 305 -5.41 -1.12 24.30
N ASP B 306 -4.25 -1.78 24.16
CA ASP B 306 -3.44 -2.04 25.35
C ASP B 306 -2.89 -0.72 25.96
N LEU B 307 -2.30 0.14 25.15
CA LEU B 307 -1.77 1.41 25.67
C LEU B 307 -2.87 2.21 26.38
N ASN B 308 -4.03 2.31 25.74
CA ASN B 308 -5.09 3.12 26.31
C ASN B 308 -5.74 2.57 27.58
N SER B 309 -5.67 1.25 27.75
CA SER B 309 -6.05 0.61 29.02
C SER B 309 -5.06 0.98 30.12
N LEU B 310 -3.77 0.96 29.79
CA LEU B 310 -2.72 1.36 30.74
C LEU B 310 -2.89 2.82 31.11
N MET B 311 -3.32 3.65 30.14
CA MET B 311 -3.50 5.08 30.39
C MET B 311 -4.68 5.29 31.35
N PHE B 312 -5.77 4.54 31.13
CA PHE B 312 -6.87 4.57 32.07
C PHE B 312 -6.40 4.20 33.49
N LYS B 313 -5.62 3.13 33.58
CA LYS B 313 -5.16 2.66 34.87
C LYS B 313 -4.25 3.72 35.51
N MET B 314 -3.45 4.38 34.68
CA MET B 314 -2.59 5.45 35.17
C MET B 314 -3.45 6.57 35.80
N GLU B 315 -4.49 6.96 35.10
CA GLU B 315 -5.42 7.96 35.57
C GLU B 315 -6.11 7.50 36.86
N LYS B 316 -6.54 6.25 36.91
CA LYS B 316 -7.13 5.74 38.15
C LYS B 316 -6.15 5.81 39.31
N ILE B 317 -4.90 5.45 39.04
CA ILE B 317 -3.88 5.44 40.09
C ILE B 317 -3.54 6.87 40.53
N LEU B 318 -3.41 7.79 39.57
CA LEU B 318 -3.26 9.23 39.86
C LEU B 318 -4.38 9.74 40.80
N ALA B 319 -5.64 9.37 40.58
CA ALA B 319 -6.73 9.78 41.49
C ALA B 319 -6.53 9.19 42.89
N ARG B 320 -6.24 7.90 42.95
CA ARG B 320 -5.95 7.23 44.20
C ARG B 320 -4.75 7.88 44.93
N ALA B 321 -3.66 8.18 44.22
CA ALA B 321 -2.51 8.86 44.86
C ALA B 321 -2.85 10.27 45.33
N SER B 322 -3.62 11.01 44.53
CA SER B 322 -4.05 12.34 44.95
C SER B 322 -4.85 12.27 46.24
N LYS B 323 -5.78 11.34 46.31
CA LYS B 323 -6.61 11.18 47.49
C LYS B 323 -5.68 10.84 48.70
N ALA B 324 -4.76 9.89 48.53
CA ALA B 324 -3.84 9.53 49.63
C ALA B 324 -3.03 10.73 50.10
N ALA B 325 -2.74 11.65 49.19
CA ALA B 325 -2.01 12.87 49.58
C ALA B 325 -2.96 13.94 50.13
N GLY B 326 -4.23 13.62 50.32
CA GLY B 326 -5.19 14.56 50.85
C GLY B 326 -5.68 15.65 49.89
N ASP B 327 -5.47 15.48 48.58
CA ASP B 327 -6.06 16.48 47.64
CA ASP B 327 -5.96 16.42 47.60
C ASP B 327 -7.21 15.85 46.92
N ASN B 328 -8.38 15.97 47.56
CA ASN B 328 -9.62 15.39 47.07
C ASN B 328 -10.13 15.98 45.76
N ALA B 329 -9.99 17.28 45.60
CA ALA B 329 -10.44 17.89 44.36
C ALA B 329 -9.54 17.43 43.20
N MET B 330 -8.24 17.38 43.43
CA MET B 330 -7.35 16.85 42.40
C MET B 330 -7.72 15.40 42.09
N ALA B 331 -7.97 14.60 43.12
CA ALA B 331 -8.40 13.21 42.90
C ALA B 331 -9.61 13.10 41.97
N ASN B 332 -10.61 13.97 42.20
CA ASN B 332 -11.83 14.02 41.36
C ASN B 332 -11.48 14.43 39.94
N GLN B 333 -10.59 15.39 39.77
CA GLN B 333 -10.16 15.68 38.40
C GLN B 333 -9.65 14.43 37.68
N TYR B 334 -8.84 13.62 38.37
CA TYR B 334 -8.27 12.42 37.74
C TYR B 334 -9.34 11.39 37.45
N GLU B 335 -10.31 11.26 38.36
CA GLU B 335 -11.40 10.35 38.15
C GLU B 335 -12.17 10.71 36.88
N THR B 336 -12.37 12.01 36.69
CA THR B 336 -13.07 12.50 35.49
C THR B 336 -12.27 12.16 34.24
N LEU B 337 -10.96 12.39 34.26
CA LEU B 337 -10.17 12.02 33.08
C LEU B 337 -10.30 10.50 32.81
N ALA B 338 -10.26 9.69 33.87
CA ALA B 338 -10.37 8.24 33.72
C ALA B 338 -11.72 7.85 33.16
N ASN B 339 -12.77 8.51 33.65
CA ASN B 339 -14.12 8.27 33.13
C ASN B 339 -14.15 8.56 31.64
N ALA B 340 -13.50 9.64 31.22
CA ALA B 340 -13.52 10.01 29.80
C ALA B 340 -12.78 8.96 28.96
N ARG B 341 -11.68 8.47 29.52
CA ARG B 341 -10.85 7.43 28.89
C ARG B 341 -11.61 6.12 28.74
N GLN B 342 -12.33 5.72 29.79
CA GLN B 342 -13.15 4.50 29.72
C GLN B 342 -14.23 4.62 28.62
N LYS B 343 -14.84 5.79 28.51
CA LYS B 343 -15.83 5.98 27.44
C LYS B 343 -15.20 5.85 26.09
N GLY B 344 -13.98 6.39 25.97
CA GLY B 344 -13.22 6.32 24.70
C GLY B 344 -12.94 4.90 24.30
N ILE B 345 -12.53 4.08 25.27
CA ILE B 345 -12.19 2.69 25.05
C ILE B 345 -13.44 1.91 24.61
N GLU B 346 -14.56 2.12 25.30
CA GLU B 346 -15.76 1.32 25.01
C GLU B 346 -16.34 1.68 23.65
N LYS B 347 -16.01 2.89 23.18
CA LYS B 347 -16.60 3.40 21.96
C LYS B 347 -15.70 3.09 20.77
N TYR B 348 -14.41 3.41 20.88
CA TYR B 348 -13.49 3.34 19.75
C TYR B 348 -12.55 2.15 19.73
N LEU B 349 -12.52 1.39 20.82
CA LEU B 349 -11.60 0.27 20.97
C LEU B 349 -12.37 -1.03 21.24
N TRP B 350 -13.67 -1.01 20.92
CA TRP B 350 -14.49 -2.22 20.97
C TRP B 350 -15.07 -2.46 19.59
N ASN B 351 -14.93 -3.68 19.09
CA ASN B 351 -15.45 -4.06 17.76
C ASN B 351 -16.75 -4.81 18.01
N ASP B 352 -17.86 -4.12 17.82
CA ASP B 352 -19.13 -4.76 18.14
CA ASP B 352 -19.19 -4.69 18.07
C ASP B 352 -19.56 -5.82 17.11
N GLN B 353 -19.19 -5.66 15.84
CA GLN B 353 -19.47 -6.70 14.85
C GLN B 353 -18.89 -8.04 15.30
N GLN B 354 -17.62 -8.05 15.69
CA GLN B 354 -16.96 -9.31 16.07
C GLN B 354 -17.09 -9.68 17.53
N GLY B 355 -17.35 -8.70 18.39
CA GLY B 355 -17.49 -9.01 19.81
C GLY B 355 -16.17 -9.10 20.54
N TRP B 356 -15.25 -8.17 20.24
CA TRP B 356 -14.04 -8.10 21.02
C TRP B 356 -13.39 -6.72 20.96
N TYR B 357 -12.56 -6.44 21.96
CA TYR B 357 -11.78 -5.21 22.01
C TYR B 357 -10.73 -5.31 20.93
N ALA B 358 -10.28 -4.16 20.42
CA ALA B 358 -9.41 -4.12 19.23
C ALA B 358 -8.80 -2.73 19.12
N ASP B 359 -7.78 -2.57 18.26
CA ASP B 359 -7.21 -1.23 18.03
C ASP B 359 -8.09 -0.34 17.13
N TYR B 360 -7.88 0.98 17.19
CA TYR B 360 -8.61 1.90 16.30
C TYR B 360 -7.71 2.41 15.19
N ASP B 361 -8.24 2.48 13.96
CA ASP B 361 -7.42 2.81 12.77
C ASP B 361 -7.66 4.25 12.35
N LEU B 362 -6.65 5.10 12.46
CA LEU B 362 -6.77 6.54 12.13
C LEU B 362 -6.88 6.76 10.64
N LYS B 363 -6.38 5.82 9.85
CA LYS B 363 -6.45 5.96 8.42
C LYS B 363 -7.88 5.72 7.91
N SER B 364 -8.50 4.63 8.34
CA SER B 364 -9.84 4.29 7.88
C SER B 364 -10.97 4.75 8.82
N HIS B 365 -10.58 5.28 9.98
CA HIS B 365 -11.54 5.81 10.94
C HIS B 365 -12.49 4.72 11.41
N LYS B 366 -11.91 3.57 11.72
CA LYS B 366 -12.71 2.43 12.09
C LYS B 366 -11.95 1.56 13.06
N VAL B 367 -12.72 0.89 13.91
CA VAL B 367 -12.19 -0.11 14.81
C VAL B 367 -11.69 -1.25 13.94
N ARG B 368 -10.53 -1.79 14.25
CA ARG B 368 -9.97 -2.85 13.42
C ARG B 368 -10.57 -4.22 13.75
N ASN B 369 -10.44 -5.17 12.82
CA ASN B 369 -11.08 -6.46 12.99
C ASN B 369 -10.27 -7.47 13.76
N GLN B 370 -8.96 -7.40 13.65
CA GLN B 370 -8.11 -8.45 14.19
C GLN B 370 -8.23 -8.57 15.72
N LEU B 371 -8.36 -9.81 16.20
CA LEU B 371 -8.33 -10.13 17.62
C LEU B 371 -6.87 -10.41 17.99
N THR B 372 -6.31 -9.67 18.95
CA THR B 372 -5.01 -10.06 19.53
C THR B 372 -5.09 -10.10 21.04
N ALA B 373 -4.03 -10.57 21.69
CA ALA B 373 -4.03 -10.65 23.16
C ALA B 373 -4.08 -9.26 23.80
N ALA B 374 -3.80 -8.21 23.02
CA ALA B 374 -3.96 -6.83 23.52
C ALA B 374 -5.40 -6.64 24.03
N ALA B 375 -6.32 -7.41 23.46
CA ALA B 375 -7.76 -7.20 23.71
C ALA B 375 -8.16 -7.53 25.15
N LEU B 376 -7.27 -8.19 25.89
CA LEU B 376 -7.59 -8.54 27.27
C LEU B 376 -7.28 -7.37 28.19
N PHE B 377 -6.55 -6.37 27.68
CA PHE B 377 -6.11 -5.27 28.53
C PHE B 377 -7.25 -4.52 29.24
N PRO B 378 -8.37 -4.24 28.54
CA PRO B 378 -9.46 -3.56 29.24
C PRO B 378 -10.04 -4.35 30.42
N LEU B 379 -9.94 -5.68 30.38
CA LEU B 379 -10.34 -6.49 31.56
C LEU B 379 -9.25 -6.36 32.65
N TYR B 380 -8.00 -6.43 32.23
CA TYR B 380 -6.90 -6.35 33.17
C TYR B 380 -7.00 -5.07 34.03
N VAL B 381 -7.32 -3.94 33.42
CA VAL B 381 -7.36 -2.66 34.14
C VAL B 381 -8.78 -2.30 34.67
N ASN B 382 -9.70 -3.26 34.60
CA ASN B 382 -11.08 -3.09 35.06
C ASN B 382 -11.85 -1.96 34.38
N ALA B 383 -11.51 -1.70 33.11
CA ALA B 383 -12.20 -0.71 32.35
C ALA B 383 -13.40 -1.33 31.66
N ALA B 384 -13.37 -2.64 31.38
CA ALA B 384 -14.43 -3.26 30.55
C ALA B 384 -15.79 -3.43 31.26
N ALA B 385 -16.89 -3.19 30.53
CA ALA B 385 -18.20 -3.67 30.99
C ALA B 385 -18.20 -5.18 31.19
N LYS B 386 -18.95 -5.65 32.18
CA LYS B 386 -19.04 -7.09 32.45
C LYS B 386 -19.48 -7.89 31.23
N ASP B 387 -20.47 -7.38 30.50
CA ASP B 387 -20.96 -8.20 29.41
C ASP B 387 -19.86 -8.35 28.33
N ARG B 388 -19.03 -7.32 28.19
CA ARG B 388 -17.92 -7.36 27.24
C ARG B 388 -16.78 -8.25 27.72
N ALA B 389 -16.56 -8.25 29.02
CA ALA B 389 -15.61 -9.18 29.61
C ALA B 389 -16.00 -10.66 29.38
N ASN B 390 -17.29 -10.96 29.54
CA ASN B 390 -17.75 -12.32 29.29
C ASN B 390 -17.58 -12.70 27.83
N LYS B 391 -17.86 -11.77 26.92
CA LYS B 391 -17.54 -11.98 25.51
C LYS B 391 -16.05 -12.22 25.27
N MET B 392 -15.18 -11.52 26.00
CA MET B 392 -13.74 -11.71 25.83
C MET B 392 -13.28 -13.10 26.29
N ALA B 393 -13.91 -13.62 27.33
CA ALA B 393 -13.59 -14.96 27.77
C ALA B 393 -13.92 -15.94 26.63
N THR B 394 -15.06 -15.74 25.98
CA THR B 394 -15.44 -16.61 24.88
C THR B 394 -14.44 -16.48 23.74
N ALA B 395 -14.16 -15.24 23.35
CA ALA B 395 -13.21 -15.02 22.27
C ALA B 395 -11.88 -15.66 22.61
N THR B 396 -11.46 -15.52 23.86
CA THR B 396 -10.16 -16.06 24.25
C THR B 396 -10.13 -17.59 24.11
N LYS B 397 -11.13 -18.25 24.69
CA LYS B 397 -11.26 -19.72 24.53
C LYS B 397 -11.26 -20.13 23.07
N THR B 398 -12.08 -19.50 22.25
CA THR B 398 -12.18 -20.01 20.87
C THR B 398 -10.98 -19.67 19.93
N HIS B 399 -10.28 -18.56 20.17
CA HIS B 399 -9.27 -18.13 19.19
C HIS B 399 -7.84 -18.08 19.69
N LEU B 400 -7.64 -17.86 20.98
CA LEU B 400 -6.29 -17.59 21.44
C LEU B 400 -5.71 -18.68 22.33
N LEU B 401 -6.58 -19.39 23.05
CA LEU B 401 -6.08 -20.35 24.03
C LEU B 401 -5.53 -21.54 23.27
N GLN B 402 -4.30 -21.94 23.60
CA GLN B 402 -3.63 -23.06 22.93
C GLN B 402 -3.03 -24.00 23.98
N PRO B 403 -2.64 -25.21 23.57
CA PRO B 403 -2.16 -26.17 24.57
C PRO B 403 -0.97 -25.65 25.38
N GLY B 404 -0.13 -24.79 24.79
CA GLY B 404 1.03 -24.24 25.51
C GLY B 404 0.83 -22.83 26.06
N GLY B 405 -0.38 -22.33 26.02
CA GLY B 405 -0.67 -21.02 26.63
C GLY B 405 -1.52 -20.17 25.72
N LEU B 406 -1.55 -18.87 26.01
CA LEU B 406 -2.30 -17.90 25.23
C LEU B 406 -1.47 -17.45 24.01
N ASN B 407 -2.04 -17.63 22.82
CA ASN B 407 -1.39 -17.18 21.60
C ASN B 407 -1.41 -15.64 21.55
N THR B 408 -0.38 -15.04 20.96
CA THR B 408 -0.31 -13.57 20.90
C THR B 408 -1.29 -13.06 19.89
N THR B 409 -1.38 -13.75 18.76
CA THR B 409 -2.41 -13.50 17.78
C THR B 409 -2.77 -14.85 17.20
N SER B 410 -3.69 -14.87 16.22
CA SER B 410 -3.99 -16.11 15.49
CA SER B 410 -3.96 -16.13 15.52
C SER B 410 -3.36 -16.10 14.11
N VAL B 411 -2.45 -15.15 13.88
CA VAL B 411 -1.81 -15.01 12.57
C VAL B 411 -0.37 -15.49 12.61
N LYS B 412 -0.05 -16.50 11.81
CA LYS B 412 1.30 -16.96 11.80
C LYS B 412 2.08 -16.22 10.73
N SER B 413 2.63 -15.05 11.10
CA SER B 413 3.25 -14.17 10.14
C SER B 413 4.76 -14.45 9.97
N GLY B 414 5.35 -15.10 10.95
CA GLY B 414 6.79 -15.16 11.02
C GLY B 414 7.40 -14.14 12.00
N GLN B 415 6.60 -13.22 12.50
CA GLN B 415 7.07 -12.20 13.43
C GLN B 415 6.91 -12.68 14.87
N GLN B 416 7.63 -12.01 15.78
CA GLN B 416 7.68 -12.47 17.16
C GLN B 416 6.38 -12.32 17.95
N TRP B 417 5.66 -11.24 17.71
CA TRP B 417 4.43 -10.96 18.47
C TRP B 417 3.22 -11.40 17.63
N ASP B 418 3.16 -12.71 17.39
CA ASP B 418 2.17 -13.34 16.51
C ASP B 418 2.19 -14.83 16.82
N ALA B 419 1.14 -15.56 16.45
CA ALA B 419 1.18 -17.03 16.54
C ALA B 419 2.49 -17.52 15.94
N PRO B 420 3.11 -18.57 16.51
CA PRO B 420 2.61 -19.37 17.62
C PRO B 420 3.29 -18.96 18.92
N ASN B 421 3.74 -17.70 18.99
CA ASN B 421 4.51 -17.28 20.18
C ASN B 421 3.64 -16.89 21.37
N GLY B 422 4.04 -17.35 22.55
CA GLY B 422 3.34 -17.01 23.76
C GLY B 422 4.32 -16.21 24.58
N TRP B 423 3.89 -15.02 25.01
CA TRP B 423 4.74 -14.22 25.85
C TRP B 423 4.20 -14.06 27.28
N ALA B 424 5.08 -14.29 28.25
CA ALA B 424 4.71 -14.21 29.67
C ALA B 424 3.89 -12.97 30.06
N PRO B 425 4.30 -11.75 29.66
CA PRO B 425 3.44 -10.64 30.12
C PRO B 425 1.99 -10.78 29.69
N LEU B 426 1.76 -11.27 28.47
CA LEU B 426 0.38 -11.42 27.96
C LEU B 426 -0.36 -12.57 28.65
N GLN B 427 0.36 -13.63 29.02
CA GLN B 427 -0.25 -14.68 29.83
C GLN B 427 -0.84 -14.13 31.13
N TRP B 428 -0.05 -13.29 31.78
CA TRP B 428 -0.43 -12.75 33.10
C TRP B 428 -1.53 -11.68 32.96
N VAL B 429 -1.38 -10.80 31.97
CA VAL B 429 -2.40 -9.76 31.75
C VAL B 429 -3.75 -10.43 31.48
N ALA B 430 -3.76 -11.43 30.59
CA ALA B 430 -4.96 -12.21 30.30
C ALA B 430 -5.54 -12.93 31.52
N THR B 431 -4.68 -13.65 32.26
CA THR B 431 -5.08 -14.38 33.48
C THR B 431 -5.71 -13.47 34.53
N GLU B 432 -5.05 -12.36 34.84
CA GLU B 432 -5.61 -11.46 35.85
C GLU B 432 -6.88 -10.77 35.37
N GLY B 433 -6.90 -10.32 34.12
CA GLY B 433 -8.10 -9.67 33.61
C GLY B 433 -9.31 -10.60 33.66
N LEU B 434 -9.14 -11.84 33.20
CA LEU B 434 -10.23 -12.81 33.26
C LEU B 434 -10.73 -13.03 34.71
N GLN B 435 -9.79 -13.22 35.64
CA GLN B 435 -10.10 -13.32 37.07
CA GLN B 435 -10.14 -13.34 37.06
C GLN B 435 -10.80 -12.10 37.63
N ASN B 436 -10.42 -10.92 37.15
CA ASN B 436 -11.10 -9.70 37.57
C ASN B 436 -12.60 -9.80 37.30
N TYR B 437 -12.99 -10.59 36.29
CA TYR B 437 -14.43 -10.68 35.97
C TYR B 437 -15.01 -12.07 36.23
N GLY B 438 -14.33 -12.84 37.07
CA GLY B 438 -14.85 -14.14 37.49
C GLY B 438 -14.68 -15.27 36.49
N GLN B 439 -13.95 -15.01 35.42
CA GLN B 439 -13.76 -16.01 34.38
C GLN B 439 -12.60 -16.95 34.76
N LYS B 440 -12.82 -17.70 35.84
CA LYS B 440 -11.79 -18.43 36.54
C LYS B 440 -11.30 -19.59 35.68
N GLU B 441 -12.23 -20.24 34.99
CA GLU B 441 -11.82 -21.40 34.25
C GLU B 441 -10.85 -21.06 33.14
N VAL B 442 -11.17 -20.03 32.36
CA VAL B 442 -10.29 -19.66 31.27
C VAL B 442 -8.95 -19.18 31.85
N ALA B 443 -8.98 -18.44 32.96
CA ALA B 443 -7.75 -17.91 33.49
C ALA B 443 -6.83 -19.04 33.93
N MET B 444 -7.41 -20.06 34.58
CA MET B 444 -6.63 -21.21 35.03
C MET B 444 -6.09 -22.02 33.86
N ASP B 445 -6.83 -22.09 32.75
CA ASP B 445 -6.36 -22.84 31.60
C ASP B 445 -5.08 -22.21 31.07
N ILE B 446 -5.09 -20.89 30.99
CA ILE B 446 -3.95 -20.17 30.44
C ILE B 446 -2.75 -20.46 31.34
N SER B 447 -2.95 -20.34 32.66
CA SER B 447 -1.87 -20.57 33.63
C SER B 447 -1.31 -22.00 33.59
N TRP B 448 -2.19 -23.00 33.71
CA TRP B 448 -1.73 -24.39 33.60
C TRP B 448 -1.01 -24.65 32.28
N HIS B 449 -1.57 -24.17 31.17
CA HIS B 449 -1.01 -24.47 29.85
C HIS B 449 0.38 -23.80 29.68
N PHE B 450 0.47 -22.51 30.06
CA PHE B 450 1.73 -21.79 29.95
C PHE B 450 2.76 -22.39 30.92
N LEU B 451 2.36 -22.59 32.16
CA LEU B 451 3.30 -23.18 33.13
C LEU B 451 3.85 -24.54 32.68
N THR B 452 3.00 -25.34 32.07
CA THR B 452 3.44 -26.66 31.64
C THR B 452 4.48 -26.47 30.54
N ASN B 453 4.25 -25.49 29.68
CA ASN B 453 5.23 -25.19 28.64
C ASN B 453 6.56 -24.80 29.30
N VAL B 454 6.46 -23.90 30.28
CA VAL B 454 7.66 -23.41 30.91
C VAL B 454 8.40 -24.56 31.61
N GLN B 455 7.65 -25.43 32.30
CA GLN B 455 8.24 -26.54 33.06
C GLN B 455 9.00 -27.51 32.15
N HIS B 456 8.46 -27.77 30.98
CA HIS B 456 9.07 -28.75 30.09
CA HIS B 456 9.06 -28.73 30.05
C HIS B 456 10.41 -28.22 29.54
N THR B 457 10.47 -26.94 29.20
CA THR B 457 11.75 -26.38 28.79
C THR B 457 12.72 -26.41 29.97
N TYR B 458 12.21 -26.18 31.18
CA TYR B 458 13.10 -26.24 32.32
C TYR B 458 13.63 -27.66 32.55
N ASP B 459 12.73 -28.67 32.49
CA ASP B 459 13.11 -30.08 32.65
C ASP B 459 14.19 -30.49 31.66
N ARG B 460 14.03 -30.10 30.39
CA ARG B 460 14.98 -30.47 29.34
C ARG B 460 16.27 -29.65 29.29
N GLU B 461 16.17 -28.34 29.53
CA GLU B 461 17.30 -27.45 29.27
C GLU B 461 17.76 -26.68 30.50
N LYS B 462 17.04 -26.85 31.61
CA LYS B 462 17.37 -26.15 32.85
C LYS B 462 17.46 -24.64 32.68
N LYS B 463 16.60 -24.06 31.86
CA LYS B 463 16.54 -22.62 31.79
C LYS B 463 15.11 -22.14 31.54
N LEU B 464 14.92 -20.84 31.69
CA LEU B 464 13.69 -20.17 31.26
C LEU B 464 14.13 -19.21 30.17
N VAL B 465 13.21 -18.97 29.23
CA VAL B 465 13.55 -18.24 28.01
C VAL B 465 12.51 -17.13 27.77
N GLU B 466 12.76 -16.27 26.80
CA GLU B 466 11.94 -15.05 26.64
C GLU B 466 10.52 -15.34 26.17
N LYS B 467 10.32 -16.40 25.39
CA LYS B 467 9.01 -16.66 24.82
C LYS B 467 8.91 -18.16 24.55
N TYR B 468 7.69 -18.63 24.28
CA TYR B 468 7.40 -20.05 24.16
C TYR B 468 6.50 -20.25 22.96
N ASP B 469 6.61 -21.43 22.34
CA ASP B 469 5.73 -21.81 21.25
C ASP B 469 4.52 -22.46 21.92
N VAL B 470 3.34 -21.90 21.68
CA VAL B 470 2.16 -22.36 22.39
C VAL B 470 1.42 -23.50 21.66
N SER B 471 1.81 -23.83 20.45
CA SER B 471 1.13 -24.89 19.69
CA SER B 471 1.09 -24.88 19.72
C SER B 471 1.27 -26.26 20.37
N THR B 472 2.34 -26.43 21.16
CA THR B 472 2.51 -27.62 22.02
C THR B 472 3.20 -27.20 23.32
N THR B 473 3.15 -28.03 24.35
CA THR B 473 4.06 -27.80 25.46
C THR B 473 5.34 -28.61 25.20
N TYR B 482 17.34 -12.24 16.24
CA TYR B 482 18.39 -12.64 17.19
C TYR B 482 17.98 -14.05 17.73
N PRO B 483 18.93 -14.83 18.25
CA PRO B 483 18.50 -16.14 18.76
C PRO B 483 17.72 -16.05 20.08
N LEU B 484 17.08 -17.13 20.47
CA LEU B 484 16.28 -17.13 21.67
C LEU B 484 17.11 -16.80 22.91
N GLN B 485 16.69 -15.79 23.66
CA GLN B 485 17.41 -15.40 24.87
C GLN B 485 16.93 -16.09 26.16
N ASP B 486 17.87 -16.29 27.09
CA ASP B 486 17.65 -17.02 28.33
C ASP B 486 17.69 -16.08 29.54
N GLY B 487 17.00 -16.50 30.59
CA GLY B 487 16.99 -15.76 31.87
C GLY B 487 15.80 -16.28 32.67
N PHE B 488 14.62 -15.71 32.45
CA PHE B 488 14.44 -14.51 31.63
C PHE B 488 13.45 -13.64 32.42
N GLY B 489 13.85 -12.40 32.71
CA GLY B 489 13.14 -11.62 33.73
C GLY B 489 11.62 -11.83 33.80
N TRP B 490 10.88 -11.44 32.76
CA TRP B 490 9.41 -11.52 32.85
C TRP B 490 8.81 -12.93 32.90
N THR B 491 9.51 -13.89 32.31
CA THR B 491 9.05 -15.25 32.35
C THR B 491 9.20 -15.76 33.78
N ASN B 492 10.33 -15.41 34.40
CA ASN B 492 10.60 -15.82 35.78
C ASN B 492 9.56 -15.20 36.75
N GLY B 493 9.23 -13.92 36.53
CA GLY B 493 8.27 -13.23 37.40
C GLY B 493 6.88 -13.83 37.24
N VAL B 494 6.45 -13.99 36.01
CA VAL B 494 5.10 -14.53 35.78
C VAL B 494 4.97 -16.00 36.25
N THR B 495 6.03 -16.78 36.11
CA THR B 495 6.00 -18.18 36.50
C THR B 495 5.78 -18.33 38.02
N LEU B 496 6.50 -17.55 38.82
CA LEU B 496 6.25 -17.49 40.26
C LEU B 496 4.80 -17.14 40.60
N LYS B 497 4.23 -16.13 39.94
CA LYS B 497 2.85 -15.72 40.24
C LYS B 497 1.90 -16.85 39.82
N MET B 498 2.17 -17.47 38.68
CA MET B 498 1.28 -18.53 38.21
C MET B 498 1.39 -19.79 39.09
N LEU B 499 2.60 -20.15 39.51
CA LEU B 499 2.78 -21.31 40.38
C LEU B 499 2.01 -21.12 41.67
N ASP B 500 2.02 -19.90 42.22
CA ASP B 500 1.24 -19.66 43.43
C ASP B 500 -0.24 -19.79 43.14
N LEU B 501 -0.66 -19.35 41.95
CA LEU B 501 -2.08 -19.37 41.59
C LEU B 501 -2.62 -20.79 41.46
N ILE B 502 -1.90 -21.66 40.77
CA ILE B 502 -2.47 -22.97 40.45
C ILE B 502 -2.42 -24.03 41.54
N CYS B 503 -1.63 -23.84 42.59
CA CYS B 503 -1.60 -24.82 43.67
C CYS B 503 -2.24 -24.24 44.94
N PRO B 504 -2.84 -25.11 45.80
CA PRO B 504 -3.40 -24.64 47.09
C PRO B 504 -2.36 -23.90 47.94
N LYS B 505 -2.81 -22.91 48.70
CA LYS B 505 -1.89 -22.16 49.52
C LYS B 505 -1.08 -23.09 50.46
N GLU B 506 -1.72 -24.11 51.04
CA GLU B 506 -1.04 -25.03 51.95
C GLU B 506 -0.33 -26.19 51.27
N GLN B 507 -0.38 -26.21 49.96
CA GLN B 507 0.42 -27.18 49.23
C GLN B 507 1.13 -26.46 48.10
N PRO B 508 2.07 -25.56 48.43
CA PRO B 508 2.76 -24.83 47.38
C PRO B 508 3.52 -25.78 46.47
N CYS B 509 3.61 -25.45 45.20
CA CYS B 509 4.42 -26.25 44.30
CA CYS B 509 4.40 -26.23 44.26
C CYS B 509 5.71 -25.53 43.95
N ASP B 510 6.76 -26.31 43.75
CA ASP B 510 8.05 -25.82 43.33
C ASP B 510 8.32 -26.16 41.85
N ASN B 511 7.57 -27.12 41.34
CA ASN B 511 7.51 -27.45 39.90
C ASN B 511 6.04 -27.61 39.54
N VAL B 512 5.68 -27.40 38.29
CA VAL B 512 4.30 -27.55 37.88
C VAL B 512 3.91 -29.03 38.00
N PRO B 513 2.81 -29.34 38.70
CA PRO B 513 2.45 -30.76 38.83
C PRO B 513 2.20 -31.39 37.47
N ALA B 514 2.41 -32.69 37.34
CA ALA B 514 2.26 -33.35 36.03
C ALA B 514 0.79 -33.53 35.66
N THR B 515 -0.06 -33.69 36.66
CA THR B 515 -1.47 -33.84 36.40
C THR B 515 -2.15 -32.71 37.11
N ARG B 516 -2.93 -31.95 36.36
CA ARG B 516 -3.63 -30.82 36.92
C ARG B 516 -4.61 -31.36 37.97
N GLN C 8 -19.57 -17.02 -28.49
CA GLN C 8 -19.03 -15.62 -28.28
C GLN C 8 -20.06 -14.50 -28.55
N PRO C 9 -20.22 -13.55 -27.61
CA PRO C 9 -21.27 -12.55 -27.75
C PRO C 9 -21.00 -11.64 -28.95
N PRO C 10 -22.03 -10.91 -29.41
CA PRO C 10 -21.87 -10.29 -30.74
C PRO C 10 -20.89 -9.10 -30.78
N ASP C 11 -20.73 -8.41 -29.66
CA ASP C 11 -19.73 -7.34 -29.64
C ASP C 11 -18.31 -7.89 -29.84
N ILE C 12 -18.05 -9.09 -29.31
CA ILE C 12 -16.74 -9.68 -29.49
C ILE C 12 -16.61 -10.23 -30.90
N LEU C 13 -17.66 -10.92 -31.34
CA LEU C 13 -17.64 -11.59 -32.64
C LEU C 13 -17.43 -10.58 -33.76
N LEU C 14 -18.04 -9.41 -33.64
CA LEU C 14 -18.07 -8.46 -34.76
C LEU C 14 -17.15 -7.27 -34.54
N GLY C 15 -16.57 -7.15 -33.36
CA GLY C 15 -15.72 -6.00 -33.07
C GLY C 15 -16.49 -4.71 -33.27
N PRO C 16 -15.81 -3.68 -33.79
CA PRO C 16 -16.41 -2.36 -33.84
C PRO C 16 -17.60 -2.24 -34.80
N LEU C 17 -17.81 -3.20 -35.69
CA LEU C 17 -19.03 -3.13 -36.52
C LEU C 17 -20.25 -3.19 -35.59
N PHE C 18 -20.19 -4.03 -34.56
CA PHE C 18 -21.28 -4.08 -33.57
C PHE C 18 -21.54 -2.73 -32.89
N ASN C 19 -20.47 -2.12 -32.40
CA ASN C 19 -20.55 -0.81 -31.76
C ASN C 19 -21.16 0.23 -32.71
N ASP C 20 -20.68 0.21 -33.97
CA ASP C 20 -21.11 1.18 -34.95
C ASP C 20 -22.61 1.06 -35.24
N VAL C 21 -23.08 -0.17 -35.38
CA VAL C 21 -24.46 -0.40 -35.79
C VAL C 21 -25.40 -0.04 -34.62
N GLN C 22 -25.00 -0.37 -33.40
CA GLN C 22 -25.80 -0.05 -32.21
C GLN C 22 -25.85 1.46 -32.02
N ASN C 23 -24.68 2.10 -32.15
CA ASN C 23 -24.62 3.53 -31.88
C ASN C 23 -25.40 4.30 -32.92
N ALA C 24 -25.39 3.81 -34.16
CA ALA C 24 -26.18 4.43 -35.23
C ALA C 24 -27.67 4.25 -34.97
N LYS C 25 -28.03 3.37 -34.05
CA LYS C 25 -29.44 3.12 -33.81
C LYS C 25 -30.20 2.87 -35.10
N LEU C 26 -29.63 2.04 -35.98
CA LEU C 26 -30.39 1.64 -37.14
C LEU C 26 -31.70 0.94 -36.76
N PHE C 27 -31.77 0.32 -35.59
CA PHE C 27 -33.01 -0.31 -35.13
C PHE C 27 -33.46 0.32 -33.83
N PRO C 28 -34.77 0.43 -33.60
CA PRO C 28 -35.21 1.12 -32.40
C PRO C 28 -34.97 0.32 -31.12
N ASP C 29 -34.73 -0.97 -31.22
CA ASP C 29 -34.39 -1.78 -30.02
C ASP C 29 -32.93 -2.20 -30.12
N GLN C 30 -32.14 -1.97 -29.08
CA GLN C 30 -30.75 -2.45 -29.10
C GLN C 30 -30.69 -3.97 -29.21
N LYS C 31 -31.71 -4.67 -28.70
CA LYS C 31 -31.70 -6.14 -28.76
C LYS C 31 -31.77 -6.66 -30.21
N THR C 32 -32.29 -5.87 -31.12
CA THR C 32 -32.46 -6.35 -32.49
C THR C 32 -31.14 -6.77 -33.13
N PHE C 33 -30.14 -5.90 -33.03
CA PHE C 33 -28.91 -6.24 -33.70
C PHE C 33 -28.15 -7.30 -32.92
N ALA C 34 -28.39 -7.38 -31.61
CA ALA C 34 -27.74 -8.43 -30.82
C ALA C 34 -28.30 -9.80 -31.23
N ASP C 35 -29.50 -9.80 -31.82
CA ASP C 35 -30.13 -11.05 -32.33
C ASP C 35 -29.97 -11.30 -33.83
N ALA C 36 -29.16 -10.47 -34.49
CA ALA C 36 -28.96 -10.61 -35.93
C ALA C 36 -28.11 -11.86 -36.17
N VAL C 37 -28.32 -12.57 -37.27
CA VAL C 37 -27.56 -13.76 -37.61
C VAL C 37 -26.66 -13.41 -38.81
N PRO C 38 -25.33 -13.40 -38.60
CA PRO C 38 -24.37 -13.18 -39.69
C PRO C 38 -24.61 -14.21 -40.82
N ASN C 39 -24.57 -13.78 -42.09
CA ASN C 39 -24.78 -14.67 -43.23
C ASN C 39 -23.51 -15.45 -43.52
N SER C 40 -22.39 -15.02 -42.95
CA SER C 40 -21.11 -15.68 -43.24
C SER C 40 -20.18 -15.43 -42.05
N ASP C 41 -18.96 -15.89 -42.11
CA ASP C 41 -18.01 -15.72 -40.99
C ASP C 41 -17.86 -14.23 -40.59
N PRO C 42 -18.17 -13.90 -39.33
CA PRO C 42 -18.09 -12.52 -38.83
C PRO C 42 -16.69 -11.92 -39.00
N LEU C 43 -15.66 -12.75 -38.94
CA LEU C 43 -14.32 -12.21 -39.04
C LEU C 43 -14.12 -11.67 -40.47
N MET C 44 -14.72 -12.36 -41.45
CA MET C 44 -14.68 -11.90 -42.84
C MET C 44 -15.63 -10.73 -43.10
N ILE C 45 -16.81 -10.74 -42.49
CA ILE C 45 -17.69 -9.57 -42.52
C ILE C 45 -16.99 -8.32 -42.00
N LEU C 46 -16.27 -8.45 -40.88
CA LEU C 46 -15.55 -7.31 -40.26
C LEU C 46 -14.51 -6.74 -41.24
N ALA C 47 -13.74 -7.66 -41.83
CA ALA C 47 -12.72 -7.27 -42.79
C ALA C 47 -13.33 -6.58 -44.03
N ASP C 48 -14.46 -7.09 -44.46
CA ASP C 48 -15.20 -6.47 -45.58
C ASP C 48 -15.68 -5.07 -45.15
N TYR C 49 -16.23 -4.97 -43.94
CA TYR C 49 -16.62 -3.66 -43.40
C TYR C 49 -15.48 -2.64 -43.43
N ARG C 50 -14.32 -3.00 -42.90
CA ARG C 50 -13.21 -2.05 -42.86
CA ARG C 50 -13.20 -2.06 -42.84
C ARG C 50 -12.83 -1.57 -44.26
N MET C 51 -12.85 -2.48 -45.21
CA MET C 51 -12.52 -2.11 -46.56
CA MET C 51 -12.54 -2.16 -46.58
C MET C 51 -13.60 -1.19 -47.16
N GLN C 52 -14.86 -1.58 -47.05
CA GLN C 52 -15.97 -0.81 -47.65
C GLN C 52 -16.28 0.53 -46.96
N GLN C 53 -16.03 0.65 -45.66
CA GLN C 53 -16.47 1.85 -44.96
C GLN C 53 -15.67 3.07 -45.37
N ASN C 54 -14.55 2.86 -46.03
CA ASN C 54 -13.81 3.97 -46.61
C ASN C 54 -14.30 4.37 -47.99
N GLN C 55 -15.05 3.49 -48.62
CA GLN C 55 -15.47 3.73 -49.98
C GLN C 55 -16.50 4.85 -50.10
N SER C 56 -16.35 5.62 -51.18
CA SER C 56 -17.29 6.69 -51.42
C SER C 56 -18.68 6.09 -51.48
N GLY C 57 -19.67 6.76 -50.92
CA GLY C 57 -21.03 6.25 -50.98
C GLY C 57 -21.32 5.04 -50.06
N PHE C 58 -20.44 4.74 -49.12
CA PHE C 58 -20.74 3.60 -48.23
C PHE C 58 -22.06 3.81 -47.49
N ASP C 59 -22.87 2.78 -47.40
CA ASP C 59 -24.09 2.86 -46.58
C ASP C 59 -24.17 1.74 -45.52
N LEU C 60 -24.13 2.11 -44.25
CA LEU C 60 -24.16 1.13 -43.15
C LEU C 60 -25.37 0.19 -43.16
N ARG C 61 -26.56 0.76 -43.30
CA ARG C 61 -27.79 -0.05 -43.30
C ARG C 61 -27.79 -1.06 -44.43
N HIS C 62 -27.36 -0.62 -45.62
CA HIS C 62 -27.30 -1.55 -46.74
C HIS C 62 -26.30 -2.66 -46.42
N PHE C 63 -25.14 -2.28 -45.90
CA PHE C 63 -24.12 -3.29 -45.52
C PHE C 63 -24.71 -4.33 -44.54
N VAL C 64 -25.46 -3.89 -43.55
CA VAL C 64 -26.07 -4.81 -42.60
C VAL C 64 -27.07 -5.74 -43.30
N ASN C 65 -27.94 -5.16 -44.11
CA ASN C 65 -28.98 -5.93 -44.79
C ASN C 65 -28.41 -7.03 -45.64
N VAL C 66 -27.23 -6.79 -46.21
CA VAL C 66 -26.61 -7.77 -47.09
C VAL C 66 -25.82 -8.88 -46.34
N ASN C 67 -25.45 -8.62 -45.10
CA ASN C 67 -24.56 -9.52 -44.35
C ASN C 67 -25.21 -10.23 -43.16
N PHE C 68 -26.47 -9.87 -42.90
CA PHE C 68 -27.17 -10.34 -41.72
C PHE C 68 -28.63 -10.63 -42.02
N THR C 69 -29.16 -11.66 -41.38
CA THR C 69 -30.59 -11.85 -41.28
CA THR C 69 -30.59 -11.78 -41.29
C THR C 69 -31.04 -11.25 -39.93
N LEU C 70 -32.05 -10.38 -39.97
CA LEU C 70 -32.59 -9.71 -38.79
C LEU C 70 -33.84 -10.42 -38.23
N PRO C 71 -34.15 -10.22 -36.94
CA PRO C 71 -35.33 -10.90 -36.38
C PRO C 71 -36.58 -10.41 -37.07
N LYS C 72 -37.58 -11.30 -37.18
CA LYS C 72 -38.87 -10.94 -37.80
C LYS C 72 -39.48 -9.75 -37.09
N GLU C 73 -40.05 -8.83 -37.86
CA GLU C 73 -40.21 -7.44 -37.42
C GLU C 73 -41.59 -7.00 -36.92
N GLY C 74 -42.63 -7.12 -37.75
CA GLY C 74 -43.90 -6.46 -37.43
C GLY C 74 -45.14 -7.33 -37.41
N GLU C 75 -45.06 -8.48 -36.74
CA GLU C 75 -46.23 -9.37 -36.62
C GLU C 75 -46.91 -9.19 -35.25
N LYS C 76 -48.21 -9.45 -35.18
CA LYS C 76 -48.99 -9.12 -34.00
C LYS C 76 -50.04 -10.20 -33.73
N TYR C 77 -50.00 -10.75 -32.53
CA TYR C 77 -51.01 -11.73 -32.13
C TYR C 77 -52.36 -11.04 -31.98
N VAL C 78 -53.41 -11.64 -32.53
CA VAL C 78 -54.79 -11.14 -32.35
C VAL C 78 -55.67 -12.20 -31.69
N PRO C 79 -55.98 -12.02 -30.41
CA PRO C 79 -56.85 -13.04 -29.80
C PRO C 79 -58.30 -12.87 -30.27
N PRO C 80 -59.09 -13.93 -30.18
CA PRO C 80 -60.54 -13.79 -30.39
C PRO C 80 -61.13 -12.94 -29.28
N GLU C 81 -62.32 -12.40 -29.48
CA GLU C 81 -62.84 -11.43 -28.51
C GLU C 81 -63.41 -12.06 -27.26
N GLY C 82 -63.97 -13.26 -27.39
CA GLY C 82 -64.81 -13.79 -26.33
C GLY C 82 -64.23 -14.83 -25.40
N GLN C 83 -62.92 -15.02 -25.41
CA GLN C 83 -62.32 -16.02 -24.52
C GLN C 83 -62.23 -15.56 -23.09
N SER C 84 -62.40 -16.48 -22.15
CA SER C 84 -62.16 -16.14 -20.76
C SER C 84 -60.66 -15.97 -20.54
N LEU C 85 -60.31 -15.36 -19.41
CA LEU C 85 -58.92 -15.22 -19.00
C LEU C 85 -58.22 -16.58 -19.01
N ARG C 86 -58.86 -17.58 -18.41
CA ARG C 86 -58.26 -18.90 -18.31
C ARG C 86 -58.05 -19.54 -19.67
N GLU C 87 -59.08 -19.51 -20.51
CA GLU C 87 -58.96 -20.19 -21.80
C GLU C 87 -57.96 -19.41 -22.69
N HIS C 88 -57.89 -18.09 -22.51
CA HIS C 88 -56.93 -17.31 -23.26
C HIS C 88 -55.50 -17.75 -22.94
N ILE C 89 -55.20 -17.83 -21.65
CA ILE C 89 -53.91 -18.33 -21.19
C ILE C 89 -53.63 -19.73 -21.71
N ASP C 90 -54.59 -20.64 -21.52
CA ASP C 90 -54.37 -22.03 -21.87
C ASP C 90 -54.16 -22.23 -23.36
N GLY C 91 -54.76 -21.39 -24.18
CA GLY C 91 -54.60 -21.53 -25.64
C GLY C 91 -53.33 -20.90 -26.17
N LEU C 92 -52.72 -20.01 -25.38
CA LEU C 92 -51.48 -19.35 -25.82
C LEU C 92 -50.19 -20.19 -25.81
N TRP C 93 -50.19 -21.34 -25.12
CA TRP C 93 -48.93 -22.02 -24.88
C TRP C 93 -48.20 -22.36 -26.17
N PRO C 94 -48.92 -22.85 -27.19
CA PRO C 94 -48.19 -23.17 -28.44
C PRO C 94 -47.64 -21.93 -29.14
N VAL C 95 -48.28 -20.77 -28.93
CA VAL C 95 -47.77 -19.54 -29.55
C VAL C 95 -46.47 -19.10 -28.86
N LEU C 96 -46.37 -19.30 -27.54
CA LEU C 96 -45.14 -18.96 -26.82
C LEU C 96 -44.10 -20.08 -26.84
N THR C 97 -44.37 -21.19 -27.55
CA THR C 97 -43.44 -22.29 -27.60
C THR C 97 -42.47 -22.14 -28.80
N ARG C 98 -41.17 -22.33 -28.56
CA ARG C 98 -40.19 -22.31 -29.64
C ARG C 98 -39.54 -23.69 -29.69
N SER C 99 -38.99 -23.99 -30.86
CA SER C 99 -38.27 -25.25 -31.06
C SER C 99 -37.02 -24.95 -31.87
N THR C 100 -35.86 -24.89 -31.21
CA THR C 100 -34.64 -24.52 -31.92
C THR C 100 -33.50 -25.47 -31.53
N GLU C 101 -33.58 -26.70 -32.05
CA GLU C 101 -32.62 -27.73 -31.74
C GLU C 101 -31.32 -27.51 -32.46
N ASN C 102 -31.40 -26.89 -33.63
CA ASN C 102 -30.23 -26.44 -34.39
C ASN C 102 -30.39 -24.97 -34.70
N THR C 103 -29.28 -24.25 -34.76
CA THR C 103 -29.32 -22.84 -35.03
C THR C 103 -28.17 -22.64 -35.96
N GLU C 104 -28.28 -21.67 -36.86
CA GLU C 104 -27.20 -21.34 -37.78
C GLU C 104 -25.93 -21.06 -37.03
N LYS C 105 -24.82 -21.27 -37.72
CA LYS C 105 -23.55 -20.90 -37.16
C LYS C 105 -23.55 -19.37 -36.92
N TRP C 106 -22.93 -18.95 -35.83
CA TRP C 106 -22.82 -17.54 -35.54
C TRP C 106 -24.11 -16.87 -35.04
N ASP C 107 -25.20 -17.62 -34.89
CA ASP C 107 -26.44 -17.04 -34.37
C ASP C 107 -26.21 -16.82 -32.88
N SER C 108 -26.66 -15.71 -32.31
CA SER C 108 -26.58 -15.52 -30.86
C SER C 108 -27.57 -16.43 -30.10
N LEU C 109 -28.61 -16.92 -30.79
CA LEU C 109 -29.51 -17.88 -30.18
C LEU C 109 -28.79 -19.22 -30.01
N LEU C 110 -28.81 -19.75 -28.79
CA LEU C 110 -28.11 -21.00 -28.51
C LEU C 110 -29.12 -22.13 -28.67
N PRO C 111 -28.69 -23.28 -29.24
CA PRO C 111 -29.62 -24.39 -29.38
C PRO C 111 -30.04 -25.04 -28.05
N LEU C 112 -31.22 -25.63 -28.04
CA LEU C 112 -31.68 -26.45 -26.95
C LEU C 112 -32.32 -27.73 -27.54
N PRO C 113 -32.17 -28.86 -26.84
CA PRO C 113 -32.67 -30.13 -27.38
C PRO C 113 -34.20 -30.31 -27.37
N GLU C 114 -34.93 -29.49 -26.61
CA GLU C 114 -36.39 -29.69 -26.50
C GLU C 114 -37.13 -28.38 -26.66
N PRO C 115 -38.40 -28.45 -27.03
CA PRO C 115 -39.22 -27.23 -27.11
C PRO C 115 -39.27 -26.45 -25.79
N TYR C 116 -39.48 -25.13 -25.88
CA TYR C 116 -39.47 -24.32 -24.66
C TYR C 116 -40.40 -23.13 -24.79
N VAL C 117 -40.94 -22.69 -23.66
CA VAL C 117 -41.84 -21.53 -23.65
C VAL C 117 -41.03 -20.27 -23.38
N VAL C 118 -41.29 -19.21 -24.14
CA VAL C 118 -40.53 -17.96 -23.97
C VAL C 118 -41.48 -16.96 -23.37
N PRO C 119 -40.97 -15.84 -22.83
CA PRO C 119 -41.91 -14.93 -22.18
C PRO C 119 -42.95 -14.25 -23.13
N GLY C 120 -42.56 -13.93 -24.36
CA GLY C 120 -43.43 -13.14 -25.26
C GLY C 120 -42.72 -11.89 -25.76
N GLY C 121 -43.25 -11.29 -26.82
CA GLY C 121 -42.70 -10.07 -27.42
C GLY C 121 -41.23 -10.17 -27.82
N ARG C 122 -40.42 -9.24 -27.34
CA ARG C 122 -39.00 -9.15 -27.74
C ARG C 122 -38.18 -10.21 -27.04
N PHE C 123 -38.81 -10.92 -26.12
CA PHE C 123 -38.13 -11.99 -25.42
C PHE C 123 -38.34 -13.31 -26.15
N ARG C 124 -37.47 -13.56 -27.14
CA ARG C 124 -37.59 -14.70 -28.03
C ARG C 124 -36.57 -15.78 -27.70
N GLU C 125 -36.40 -16.02 -26.40
CA GLU C 125 -35.48 -17.03 -25.93
C GLU C 125 -35.96 -17.43 -24.54
N VAL C 126 -35.41 -18.51 -24.02
CA VAL C 126 -35.88 -18.99 -22.74
C VAL C 126 -35.27 -18.07 -21.67
N TYR C 127 -35.99 -17.82 -20.57
CA TYR C 127 -35.46 -17.04 -19.43
C TYR C 127 -35.48 -17.90 -18.17
N TYR C 128 -34.37 -17.87 -17.43
CA TYR C 128 -34.17 -18.73 -16.28
C TYR C 128 -35.32 -18.60 -15.26
N TRP C 129 -35.38 -17.48 -14.54
CA TRP C 129 -36.39 -17.43 -13.46
C TRP C 129 -37.83 -17.33 -14.00
N ASP C 130 -38.04 -16.60 -15.10
CA ASP C 130 -39.39 -16.55 -15.66
C ASP C 130 -39.91 -17.96 -15.87
N SER C 131 -39.00 -18.86 -16.27
CA SER C 131 -39.44 -20.19 -16.67
C SER C 131 -40.10 -20.96 -15.53
N TYR C 132 -39.61 -20.80 -14.30
CA TYR C 132 -40.22 -21.50 -13.18
C TYR C 132 -41.70 -21.17 -13.06
N PHE C 133 -42.01 -19.87 -13.06
CA PHE C 133 -43.38 -19.44 -12.88
C PHE C 133 -44.26 -19.81 -14.09
N THR C 134 -43.66 -19.75 -15.28
CA THR C 134 -44.31 -20.24 -16.51
C THR C 134 -44.66 -21.73 -16.37
N MET C 135 -43.68 -22.52 -15.93
CA MET C 135 -43.84 -23.95 -15.69
C MET C 135 -44.95 -24.30 -14.67
N LEU C 136 -45.08 -23.48 -13.62
CA LEU C 136 -46.20 -23.64 -12.68
C LEU C 136 -47.51 -23.62 -13.49
N GLY C 137 -47.60 -22.70 -14.46
CA GLY C 137 -48.79 -22.59 -15.32
C GLY C 137 -48.97 -23.82 -16.21
N LEU C 138 -47.88 -24.25 -16.82
CA LEU C 138 -47.88 -25.42 -17.69
C LEU C 138 -48.34 -26.66 -16.93
N ALA C 139 -47.75 -26.86 -15.75
CA ALA C 139 -48.15 -27.96 -14.88
C ALA C 139 -49.63 -27.87 -14.53
N GLU C 140 -50.05 -26.73 -14.01
CA GLU C 140 -51.43 -26.52 -13.59
C GLU C 140 -52.46 -26.86 -14.67
N SER C 141 -52.10 -26.69 -15.94
CA SER C 141 -53.06 -26.87 -17.04
C SER C 141 -52.77 -28.15 -17.82
N GLY C 142 -52.07 -29.09 -17.18
CA GLY C 142 -51.87 -30.44 -17.73
C GLY C 142 -50.74 -30.63 -18.71
N HIS C 143 -49.84 -29.67 -18.87
CA HIS C 143 -48.77 -29.80 -19.88
C HIS C 143 -47.44 -30.27 -19.31
N TRP C 144 -47.47 -31.46 -18.72
CA TRP C 144 -46.31 -32.03 -18.07
C TRP C 144 -45.17 -32.32 -19.03
N ASP C 145 -45.49 -32.67 -20.27
CA ASP C 145 -44.46 -32.94 -21.25
C ASP C 145 -43.60 -31.68 -21.53
N LYS C 146 -44.26 -30.52 -21.63
CA LYS C 146 -43.58 -29.24 -21.80
C LYS C 146 -42.74 -28.92 -20.55
N VAL C 147 -43.30 -29.18 -19.37
CA VAL C 147 -42.55 -28.98 -18.14
C VAL C 147 -41.24 -29.79 -18.18
N ALA C 148 -41.37 -31.07 -18.56
CA ALA C 148 -40.22 -31.98 -18.59
C ALA C 148 -39.20 -31.58 -19.65
N ASP C 149 -39.70 -31.12 -20.78
CA ASP C 149 -38.87 -30.56 -21.83
C ASP C 149 -37.99 -29.46 -21.27
N MET C 150 -38.59 -28.58 -20.48
CA MET C 150 -37.87 -27.40 -20.01
C MET C 150 -36.88 -27.74 -18.92
N VAL C 151 -37.26 -28.67 -18.06
CA VAL C 151 -36.29 -29.19 -17.11
C VAL C 151 -35.13 -29.79 -17.86
N ALA C 152 -35.42 -30.58 -18.90
CA ALA C 152 -34.36 -31.24 -19.64
C ALA C 152 -33.44 -30.18 -20.30
N ASN C 153 -34.03 -29.14 -20.86
CA ASN C 153 -33.28 -28.02 -21.45
C ASN C 153 -32.30 -27.35 -20.44
N PHE C 154 -32.79 -27.05 -19.25
CA PHE C 154 -31.91 -26.44 -18.26
C PHE C 154 -30.80 -27.37 -17.84
N ALA C 155 -31.14 -28.64 -17.63
CA ALA C 155 -30.14 -29.62 -17.25
C ALA C 155 -29.06 -29.67 -18.34
N HIS C 156 -29.47 -29.62 -19.61
CA HIS C 156 -28.53 -29.60 -20.72
C HIS C 156 -27.64 -28.34 -20.69
N GLU C 157 -28.23 -27.18 -20.41
CA GLU C 157 -27.38 -25.99 -20.30
C GLU C 157 -26.31 -26.16 -19.20
N ILE C 158 -26.72 -26.72 -18.07
CA ILE C 158 -25.75 -26.96 -17.00
C ILE C 158 -24.62 -27.85 -17.48
N ASP C 159 -24.98 -28.93 -18.18
CA ASP C 159 -23.99 -29.87 -18.68
C ASP C 159 -23.09 -29.24 -19.73
N THR C 160 -23.66 -28.39 -20.59
CA THR C 160 -22.92 -27.78 -21.69
C THR C 160 -22.11 -26.52 -21.25
N TYR C 161 -22.69 -25.65 -20.44
CA TYR C 161 -22.06 -24.35 -20.13
C TYR C 161 -21.54 -24.30 -18.72
N GLY C 162 -22.01 -25.18 -17.85
CA GLY C 162 -21.53 -25.16 -16.48
C GLY C 162 -22.55 -24.49 -15.60
N HIS C 163 -23.55 -23.83 -16.20
CA HIS C 163 -24.54 -23.14 -15.41
C HIS C 163 -25.74 -22.83 -16.32
N ILE C 164 -26.83 -22.35 -15.73
CA ILE C 164 -27.94 -21.90 -16.55
C ILE C 164 -27.77 -20.41 -16.80
N PRO C 165 -27.56 -20.05 -18.07
CA PRO C 165 -27.42 -18.67 -18.47
C PRO C 165 -28.73 -17.93 -18.31
N ASN C 166 -28.63 -16.60 -18.14
CA ASN C 166 -29.79 -15.71 -17.99
C ASN C 166 -30.88 -16.14 -19.01
N GLY C 167 -30.44 -16.54 -20.21
CA GLY C 167 -31.35 -16.98 -21.28
C GLY C 167 -30.49 -17.71 -22.31
N ASN C 168 -31.09 -18.40 -23.29
CA ASN C 168 -30.23 -19.07 -24.26
C ASN C 168 -29.71 -18.15 -25.36
N ARG C 169 -28.93 -17.13 -24.97
CA ARG C 169 -28.23 -16.24 -25.90
C ARG C 169 -26.77 -16.14 -25.56
N SER C 170 -25.94 -16.02 -26.60
CA SER C 170 -24.51 -15.92 -26.36
C SER C 170 -24.21 -14.80 -25.39
N TYR C 171 -24.95 -13.69 -25.49
CA TYR C 171 -24.69 -12.51 -24.67
C TYR C 171 -25.26 -12.61 -23.27
N TYR C 172 -25.87 -13.74 -22.97
CA TYR C 172 -26.29 -14.05 -21.57
C TYR C 172 -25.39 -15.10 -20.90
N LEU C 173 -24.43 -15.64 -21.64
CA LEU C 173 -23.62 -16.75 -21.07
C LEU C 173 -22.77 -16.37 -19.85
N SER C 174 -22.40 -15.09 -19.76
CA SER C 174 -21.50 -14.65 -18.71
C SER C 174 -22.23 -14.47 -17.36
N ARG C 175 -23.54 -14.70 -17.32
CA ARG C 175 -24.25 -14.62 -16.03
C ARG C 175 -25.38 -15.66 -15.98
N SER C 176 -25.92 -15.88 -14.78
CA SER C 176 -27.12 -16.72 -14.59
C SER C 176 -28.35 -15.84 -14.26
N GLN C 177 -29.18 -16.25 -13.30
CA GLN C 177 -30.35 -15.48 -12.86
C GLN C 177 -30.78 -16.07 -11.54
N PRO C 178 -31.80 -15.51 -10.88
CA PRO C 178 -32.26 -16.11 -9.62
C PRO C 178 -32.49 -17.62 -9.80
N PRO C 179 -31.85 -18.45 -8.95
CA PRO C 179 -31.79 -19.89 -9.23
C PRO C 179 -33.06 -20.65 -8.85
N PHE C 180 -33.77 -21.16 -9.84
CA PHE C 180 -35.03 -21.88 -9.57
C PHE C 180 -34.96 -23.32 -10.12
N PHE C 181 -33.81 -23.73 -10.65
CA PHE C 181 -33.75 -25.05 -11.29
C PHE C 181 -34.07 -26.16 -10.29
N ALA C 182 -33.57 -26.06 -9.06
CA ALA C 182 -33.89 -27.08 -8.07
C ALA C 182 -35.39 -27.14 -7.76
N LEU C 183 -36.03 -25.97 -7.75
CA LEU C 183 -37.47 -25.86 -7.58
C LEU C 183 -38.22 -26.44 -8.77
N MET C 184 -37.65 -26.27 -9.97
CA MET C 184 -38.23 -26.87 -11.20
C MET C 184 -38.21 -28.41 -11.08
N VAL C 185 -37.10 -28.96 -10.58
CA VAL C 185 -36.98 -30.41 -10.41
C VAL C 185 -38.03 -30.87 -9.39
N GLU C 186 -38.19 -30.10 -8.31
CA GLU C 186 -39.22 -30.42 -7.30
CA GLU C 186 -39.22 -30.36 -7.32
C GLU C 186 -40.58 -30.42 -7.96
N LEU C 187 -40.86 -29.40 -8.77
CA LEU C 187 -42.15 -29.34 -9.48
C LEU C 187 -42.39 -30.60 -10.32
N LEU C 188 -41.38 -30.97 -11.09
CA LEU C 188 -41.46 -32.13 -11.97
C LEU C 188 -41.63 -33.42 -11.15
N ALA C 189 -40.98 -33.46 -10.00
CA ALA C 189 -41.11 -34.57 -9.05
C ALA C 189 -42.57 -34.71 -8.54
N GLN C 190 -43.30 -33.60 -8.48
CA GLN C 190 -44.69 -33.70 -8.10
C GLN C 190 -45.43 -34.65 -9.03
N HIS C 191 -45.00 -34.71 -10.29
CA HIS C 191 -45.67 -35.49 -11.31
C HIS C 191 -45.02 -36.84 -11.51
N GLU C 192 -43.68 -36.87 -11.47
CA GLU C 192 -42.93 -38.08 -11.74
C GLU C 192 -42.42 -38.77 -10.48
N GLY C 193 -42.74 -38.25 -9.30
CA GLY C 193 -42.18 -38.77 -8.05
C GLY C 193 -40.67 -38.63 -7.94
N ASP C 194 -40.11 -39.31 -6.94
CA ASP C 194 -38.68 -39.23 -6.65
C ASP C 194 -37.75 -39.52 -7.80
N ALA C 195 -38.21 -40.26 -8.82
CA ALA C 195 -37.36 -40.54 -9.96
C ALA C 195 -36.80 -39.23 -10.55
N ALA C 196 -37.59 -38.16 -10.52
CA ALA C 196 -37.11 -36.85 -11.04
C ALA C 196 -35.93 -36.28 -10.20
N LEU C 197 -36.06 -36.33 -8.88
CA LEU C 197 -34.97 -35.89 -7.98
C LEU C 197 -33.68 -36.67 -8.25
N LYS C 198 -33.82 -37.98 -8.42
CA LYS C 198 -32.66 -38.82 -8.69
C LYS C 198 -32.02 -38.52 -10.05
N GLN C 199 -32.85 -38.39 -11.07
CA GLN C 199 -32.36 -38.11 -12.42
C GLN C 199 -31.52 -36.83 -12.46
N TYR C 200 -32.01 -35.77 -11.82
CA TYR C 200 -31.36 -34.47 -11.97
C TYR C 200 -30.45 -34.04 -10.80
N LEU C 201 -30.18 -34.97 -9.88
CA LEU C 201 -29.26 -34.71 -8.78
C LEU C 201 -27.86 -34.24 -9.24
N PRO C 202 -27.30 -34.88 -10.28
CA PRO C 202 -25.97 -34.48 -10.74
C PRO C 202 -25.97 -33.07 -11.28
N GLN C 203 -27.02 -32.69 -12.01
CA GLN C 203 -27.12 -31.32 -12.55
C GLN C 203 -27.40 -30.31 -11.44
N MET C 204 -28.24 -30.67 -10.46
CA MET C 204 -28.44 -29.77 -9.30
C MET C 204 -27.17 -29.58 -8.50
N GLN C 205 -26.37 -30.63 -8.38
CA GLN C 205 -25.07 -30.50 -7.70
C GLN C 205 -24.10 -29.63 -8.49
N LYS C 206 -24.07 -29.81 -9.79
CA LYS C 206 -23.21 -28.99 -10.60
C LYS C 206 -23.64 -27.49 -10.56
N GLU C 207 -24.95 -27.22 -10.56
CA GLU C 207 -25.37 -25.80 -10.46
C GLU C 207 -24.93 -25.18 -9.12
N TYR C 208 -25.07 -25.95 -8.04
CA TYR C 208 -24.62 -25.50 -6.72
C TYR C 208 -23.11 -25.17 -6.77
N ALA C 209 -22.35 -26.02 -7.44
CA ALA C 209 -20.90 -25.80 -7.57
C ALA C 209 -20.58 -24.53 -8.34
N TYR C 210 -21.42 -24.19 -9.31
CA TYR C 210 -21.31 -22.91 -10.02
C TYR C 210 -21.51 -21.75 -9.04
N TRP C 211 -22.65 -21.75 -8.32
CA TRP C 211 -22.92 -20.68 -7.38
C TRP C 211 -21.78 -20.57 -6.37
N MET C 212 -21.32 -21.71 -5.84
CA MET C 212 -20.29 -21.76 -4.79
C MET C 212 -18.85 -21.76 -5.27
N ASP C 213 -18.64 -21.63 -6.58
CA ASP C 213 -17.28 -21.69 -7.14
C ASP C 213 -16.26 -20.77 -6.42
N GLY C 214 -15.13 -21.34 -6.03
CA GLY C 214 -14.04 -20.63 -5.32
C GLY C 214 -14.24 -20.59 -3.80
N VAL C 215 -15.35 -21.12 -3.31
CA VAL C 215 -15.62 -20.94 -1.92
C VAL C 215 -14.51 -21.56 -1.05
N GLU C 216 -14.01 -22.70 -1.45
CA GLU C 216 -13.05 -23.47 -0.66
C GLU C 216 -11.81 -22.67 -0.34
N ASN C 217 -11.47 -21.74 -1.19
CA ASN C 217 -10.26 -20.99 -0.96
C ASN C 217 -10.46 -19.53 -0.58
N LEU C 218 -11.69 -19.13 -0.29
CA LEU C 218 -11.99 -17.72 -0.09
C LEU C 218 -11.72 -17.35 1.37
N GLN C 219 -11.01 -16.25 1.60
CA GLN C 219 -10.69 -15.90 2.98
CA GLN C 219 -10.62 -15.82 2.95
C GLN C 219 -11.71 -14.95 3.58
N ALA C 220 -11.74 -14.87 4.92
CA ALA C 220 -12.79 -14.08 5.57
C ALA C 220 -12.69 -12.61 5.19
N GLY C 221 -13.85 -11.97 5.04
CA GLY C 221 -13.87 -10.59 4.65
C GLY C 221 -13.68 -10.38 3.15
N GLN C 222 -13.75 -11.44 2.35
CA GLN C 222 -13.51 -11.27 0.90
C GLN C 222 -14.67 -11.78 0.07
N GLN C 223 -14.65 -11.42 -1.21
CA GLN C 223 -15.67 -11.88 -2.15
C GLN C 223 -14.97 -12.37 -3.42
N GLU C 224 -15.55 -13.35 -4.07
CA GLU C 224 -15.10 -13.72 -5.40
C GLU C 224 -16.27 -14.31 -6.19
N LYS C 225 -16.37 -13.87 -7.44
CA LYS C 225 -17.48 -14.28 -8.27
C LYS C 225 -18.80 -14.19 -7.53
N ARG C 226 -19.49 -15.31 -7.34
CA ARG C 226 -20.83 -15.30 -6.73
C ARG C 226 -20.87 -15.55 -5.23
N VAL C 227 -19.69 -15.61 -4.59
CA VAL C 227 -19.58 -15.94 -3.15
C VAL C 227 -18.98 -14.82 -2.32
N VAL C 228 -19.53 -14.65 -1.11
CA VAL C 228 -18.97 -13.71 -0.15
C VAL C 228 -18.74 -14.44 1.17
N LYS C 229 -17.62 -14.13 1.81
CA LYS C 229 -17.37 -14.65 3.13
C LYS C 229 -17.18 -13.51 4.11
N LEU C 230 -18.07 -13.44 5.11
CA LEU C 230 -18.02 -12.32 6.03
C LEU C 230 -16.87 -12.52 6.99
N GLN C 231 -16.52 -11.49 7.75
CA GLN C 231 -15.40 -11.55 8.69
C GLN C 231 -15.47 -12.78 9.61
N ASP C 232 -16.65 -13.17 10.07
CA ASP C 232 -16.75 -14.32 10.97
C ASP C 232 -16.88 -15.64 10.23
N GLY C 233 -16.69 -15.62 8.91
CA GLY C 233 -16.72 -16.87 8.16
C GLY C 233 -18.06 -17.26 7.59
N THR C 234 -19.09 -16.48 7.87
CA THR C 234 -20.42 -16.72 7.27
C THR C 234 -20.34 -16.69 5.74
N LEU C 235 -20.89 -17.72 5.12
CA LEU C 235 -20.89 -17.84 3.67
C LEU C 235 -22.25 -17.49 3.07
N LEU C 236 -22.24 -16.53 2.16
CA LEU C 236 -23.47 -16.14 1.42
C LEU C 236 -23.17 -15.92 -0.07
N ASN C 237 -24.21 -15.75 -0.90
CA ASN C 237 -23.97 -15.56 -2.33
C ASN C 237 -24.40 -14.15 -2.79
N ARG C 238 -23.83 -13.67 -3.89
CA ARG C 238 -24.26 -12.43 -4.51
C ARG C 238 -24.44 -12.64 -5.99
N TYR C 239 -25.10 -11.70 -6.64
CA TYR C 239 -25.20 -11.75 -8.09
C TYR C 239 -23.93 -11.22 -8.73
N TRP C 240 -23.50 -11.85 -9.81
CA TRP C 240 -22.21 -11.52 -10.43
C TRP C 240 -22.28 -11.89 -11.91
N ASP C 241 -21.70 -11.06 -12.76
CA ASP C 241 -21.55 -11.36 -14.18
C ASP C 241 -20.05 -11.39 -14.44
N ASP C 242 -19.59 -12.36 -15.24
CA ASP C 242 -18.15 -12.47 -15.48
C ASP C 242 -17.58 -11.38 -16.41
N ARG C 243 -18.39 -10.57 -17.05
CA ARG C 243 -17.87 -9.55 -17.94
C ARG C 243 -18.02 -8.16 -17.34
N ASP C 244 -17.29 -7.20 -17.88
CA ASP C 244 -17.30 -5.84 -17.34
C ASP C 244 -17.39 -4.80 -18.45
N THR C 245 -18.26 -5.05 -19.42
CA THR C 245 -18.43 -4.24 -20.65
C THR C 245 -19.94 -4.00 -20.87
N PRO C 246 -20.31 -3.07 -21.79
CA PRO C 246 -21.74 -2.81 -21.99
C PRO C 246 -22.46 -4.11 -22.37
N ARG C 247 -23.73 -4.25 -22.01
CA ARG C 247 -24.53 -5.39 -22.46
C ARG C 247 -24.83 -5.21 -23.95
N PRO C 248 -24.57 -6.26 -24.76
CA PRO C 248 -24.81 -6.11 -26.18
C PRO C 248 -26.24 -5.70 -26.44
N GLU C 249 -27.16 -6.25 -25.64
CA GLU C 249 -28.57 -6.05 -25.86
C GLU C 249 -29.05 -4.72 -25.30
N SER C 250 -28.22 -4.00 -24.56
CA SER C 250 -28.61 -2.66 -24.11
C SER C 250 -27.38 -1.74 -24.31
N TRP C 251 -26.72 -1.93 -25.44
CA TRP C 251 -25.41 -1.33 -25.71
C TRP C 251 -25.32 0.18 -25.49
N VAL C 252 -26.14 0.94 -26.20
CA VAL C 252 -26.03 2.41 -26.15
CA VAL C 252 -26.06 2.40 -26.16
C VAL C 252 -26.47 2.97 -24.81
N GLU C 253 -27.42 2.30 -24.15
CA GLU C 253 -27.88 2.75 -22.85
C GLU C 253 -26.79 2.58 -21.80
N ASP C 254 -26.10 1.43 -21.83
CA ASP C 254 -25.08 1.15 -20.80
C ASP C 254 -23.91 2.10 -20.95
N ILE C 255 -23.46 2.29 -22.18
CA ILE C 255 -22.43 3.32 -22.46
C ILE C 255 -22.85 4.69 -21.91
N ALA C 256 -24.10 5.10 -22.15
CA ALA C 256 -24.55 6.43 -21.67
C ALA C 256 -24.61 6.46 -20.16
N THR C 257 -25.02 5.34 -19.55
CA THR C 257 -25.05 5.29 -18.08
C THR C 257 -23.65 5.48 -17.50
N ALA C 258 -22.66 4.80 -18.06
CA ALA C 258 -21.31 4.90 -17.49
C ALA C 258 -20.70 6.29 -17.73
N LYS C 259 -20.90 6.82 -18.92
CA LYS C 259 -20.40 8.14 -19.28
C LYS C 259 -20.94 9.24 -18.32
N SER C 260 -22.16 9.09 -17.83
CA SER C 260 -22.72 10.12 -16.96
C SER C 260 -22.07 10.18 -15.58
N ASN C 261 -21.13 9.27 -15.30
CA ASN C 261 -20.42 9.27 -14.02
C ASN C 261 -18.91 9.05 -14.25
N PRO C 262 -18.20 10.08 -14.71
CA PRO C 262 -16.76 9.96 -15.03
C PRO C 262 -15.89 9.69 -13.78
N ASN C 263 -16.44 9.91 -12.59
CA ASN C 263 -15.71 9.64 -11.34
C ASN C 263 -15.64 8.16 -10.96
N ARG C 264 -16.28 7.31 -11.73
CA ARG C 264 -16.26 5.90 -11.46
C ARG C 264 -15.67 5.18 -12.67
N PRO C 265 -14.79 4.20 -12.47
CA PRO C 265 -14.38 3.44 -13.67
C PRO C 265 -15.60 2.85 -14.38
N ALA C 266 -15.69 3.04 -15.69
CA ALA C 266 -16.80 2.49 -16.45
C ALA C 266 -16.98 0.98 -16.23
N THR C 267 -15.88 0.24 -16.13
CA THR C 267 -15.94 -1.23 -16.03
C THR C 267 -16.68 -1.65 -14.79
N GLU C 268 -16.54 -0.87 -13.71
CA GLU C 268 -17.28 -1.16 -12.51
C GLU C 268 -18.77 -0.94 -12.66
N ILE C 269 -19.13 0.13 -13.36
CA ILE C 269 -20.54 0.40 -13.61
C ILE C 269 -21.13 -0.72 -14.48
N TYR C 270 -20.41 -1.14 -15.53
CA TYR C 270 -20.91 -2.25 -16.40
C TYR C 270 -21.06 -3.53 -15.59
N ARG C 271 -20.11 -3.81 -14.71
CA ARG C 271 -20.20 -5.02 -13.90
C ARG C 271 -21.48 -4.97 -13.05
N ASP C 272 -21.75 -3.83 -12.42
CA ASP C 272 -22.96 -3.67 -11.61
C ASP C 272 -24.26 -3.64 -12.39
N LEU C 273 -24.26 -3.09 -13.60
CA LEU C 273 -25.39 -3.18 -14.52
C LEU C 273 -25.64 -4.66 -14.87
N ARG C 274 -24.57 -5.35 -15.25
CA ARG C 274 -24.76 -6.73 -15.67
C ARG C 274 -25.23 -7.56 -14.49
N SER C 275 -24.70 -7.28 -13.30
CA SER C 275 -25.04 -8.09 -12.15
C SER C 275 -26.46 -7.83 -11.68
N ALA C 276 -26.96 -6.62 -11.88
CA ALA C 276 -28.41 -6.37 -11.64
C ALA C 276 -29.29 -7.06 -12.66
N ALA C 277 -28.85 -7.11 -13.92
CA ALA C 277 -29.53 -8.01 -14.87
C ALA C 277 -29.53 -9.46 -14.33
N ALA C 278 -28.39 -9.93 -13.79
CA ALA C 278 -28.38 -11.31 -13.22
C ALA C 278 -29.36 -11.49 -12.08
N SER C 279 -29.58 -10.40 -11.32
CA SER C 279 -30.48 -10.47 -10.20
C SER C 279 -31.95 -10.57 -10.65
N GLY C 280 -32.23 -10.35 -11.94
CA GLY C 280 -33.63 -10.19 -12.39
C GLY C 280 -34.22 -8.79 -12.21
N TRP C 281 -33.72 -8.06 -11.21
CA TRP C 281 -34.23 -6.73 -10.89
C TRP C 281 -33.42 -5.63 -11.57
N ASP C 282 -33.42 -5.61 -12.90
CA ASP C 282 -32.78 -4.53 -13.65
C ASP C 282 -33.88 -3.57 -14.10
N PHE C 283 -34.05 -2.41 -13.45
CA PHE C 283 -33.24 -1.96 -12.32
C PHE C 283 -34.13 -1.51 -11.16
N SER C 284 -33.51 -1.05 -10.07
CA SER C 284 -34.23 -0.83 -8.82
C SER C 284 -33.44 0.06 -7.87
N SER C 285 -34.14 0.92 -7.12
CA SER C 285 -33.59 1.67 -6.00
C SER C 285 -32.83 0.75 -5.07
N ARG C 286 -33.29 -0.51 -5.01
CA ARG C 286 -32.69 -1.53 -4.15
C ARG C 286 -31.14 -1.59 -4.24
N TRP C 287 -30.63 -1.36 -5.45
CA TRP C 287 -29.19 -1.47 -5.68
C TRP C 287 -28.48 -0.11 -5.72
N MET C 288 -29.27 0.97 -5.82
CA MET C 288 -28.70 2.28 -6.19
C MET C 288 -28.34 3.09 -4.96
N ASP C 289 -27.16 3.70 -4.91
CA ASP C 289 -26.87 4.67 -3.84
C ASP C 289 -27.79 5.88 -3.99
N ASN C 290 -28.20 6.17 -5.22
CA ASN C 290 -28.99 7.35 -5.54
C ASN C 290 -30.04 6.98 -6.55
N PRO C 291 -31.31 6.89 -6.12
CA PRO C 291 -32.35 6.34 -6.97
C PRO C 291 -32.60 7.21 -8.20
N GLN C 292 -32.01 8.40 -8.24
CA GLN C 292 -32.19 9.30 -9.35
C GLN C 292 -31.18 8.96 -10.45
N GLN C 293 -30.10 8.25 -10.09
CA GLN C 293 -29.00 8.02 -11.05
C GLN C 293 -28.57 6.55 -11.05
N LEU C 294 -28.92 5.88 -12.13
CA LEU C 294 -28.54 4.47 -12.31
C LEU C 294 -27.03 4.26 -12.25
N ASN C 295 -26.26 5.32 -12.55
CA ASN C 295 -24.79 5.18 -12.56
C ASN C 295 -24.23 4.96 -11.15
N THR C 296 -25.10 5.04 -10.13
CA THR C 296 -24.68 4.81 -8.74
C THR C 296 -25.01 3.41 -8.23
N LEU C 297 -25.41 2.49 -9.11
CA LEU C 297 -25.80 1.21 -8.57
C LEU C 297 -24.59 0.43 -8.13
N ARG C 298 -24.74 -0.39 -7.11
CA ARG C 298 -23.60 -1.19 -6.66
CA ARG C 298 -23.66 -1.11 -6.48
C ARG C 298 -23.95 -2.61 -6.28
N THR C 299 -24.70 -3.21 -7.19
CA THR C 299 -25.16 -4.59 -7.09
C THR C 299 -24.20 -5.56 -6.44
N THR C 300 -22.96 -5.62 -6.88
CA THR C 300 -22.01 -6.64 -6.37
C THR C 300 -21.49 -6.40 -4.96
N SER C 301 -21.85 -5.26 -4.38
CA SER C 301 -21.46 -5.01 -3.00
C SER C 301 -22.66 -5.26 -2.08
N ILE C 302 -23.71 -5.88 -2.63
CA ILE C 302 -24.92 -6.08 -1.86
C ILE C 302 -25.27 -7.60 -1.78
N VAL C 303 -25.47 -8.13 -0.57
CA VAL C 303 -25.78 -9.54 -0.40
C VAL C 303 -27.32 -9.71 -0.42
N PRO C 304 -27.87 -10.36 -1.47
CA PRO C 304 -29.33 -10.26 -1.67
C PRO C 304 -30.09 -11.25 -0.81
N VAL C 305 -31.18 -10.83 -0.18
CA VAL C 305 -31.90 -11.75 0.69
C VAL C 305 -32.73 -12.75 -0.12
N ASP C 306 -33.20 -12.35 -1.31
CA ASP C 306 -33.89 -13.33 -2.19
C ASP C 306 -32.94 -14.43 -2.72
N LEU C 307 -31.81 -14.05 -3.29
CA LEU C 307 -30.79 -15.02 -3.73
C LEU C 307 -30.42 -16.01 -2.64
N ASN C 308 -30.17 -15.51 -1.46
CA ASN C 308 -29.72 -16.39 -0.41
C ASN C 308 -30.79 -17.31 0.12
N SER C 309 -32.03 -16.89 -0.01
CA SER C 309 -33.18 -17.73 0.34
C SER C 309 -33.25 -18.83 -0.72
N LEU C 310 -32.96 -18.47 -1.95
CA LEU C 310 -33.03 -19.49 -3.02
C LEU C 310 -31.90 -20.49 -2.83
N MET C 311 -30.73 -20.03 -2.34
CA MET C 311 -29.60 -20.94 -2.07
C MET C 311 -29.95 -21.93 -0.93
N PHE C 312 -30.62 -21.42 0.10
CA PHE C 312 -31.15 -22.28 1.17
C PHE C 312 -32.03 -23.40 0.58
N LYS C 313 -33.05 -23.00 -0.18
CA LYS C 313 -33.92 -23.91 -0.85
C LYS C 313 -33.16 -24.93 -1.71
N MET C 314 -32.17 -24.46 -2.46
CA MET C 314 -31.33 -25.36 -3.25
C MET C 314 -30.64 -26.44 -2.34
N GLU C 315 -30.03 -25.97 -1.25
CA GLU C 315 -29.39 -26.87 -0.30
C GLU C 315 -30.39 -27.86 0.32
N LYS C 316 -31.59 -27.40 0.64
CA LYS C 316 -32.65 -28.30 1.13
C LYS C 316 -33.07 -29.39 0.14
N ILE C 317 -33.21 -29.02 -1.13
CA ILE C 317 -33.63 -29.94 -2.16
C ILE C 317 -32.52 -30.92 -2.49
N LEU C 318 -31.27 -30.43 -2.43
CA LEU C 318 -30.13 -31.31 -2.60
C LEU C 318 -30.11 -32.39 -1.51
N ALA C 319 -30.45 -32.02 -0.27
CA ALA C 319 -30.59 -33.01 0.80
C ALA C 319 -31.71 -34.00 0.43
N ARG C 320 -32.85 -33.46 0.00
CA ARG C 320 -33.99 -34.30 -0.31
C ARG C 320 -33.63 -35.24 -1.46
N ALA C 321 -32.96 -34.70 -2.46
CA ALA C 321 -32.59 -35.48 -3.63
C ALA C 321 -31.60 -36.56 -3.26
N SER C 322 -30.64 -36.23 -2.41
CA SER C 322 -29.60 -37.16 -1.95
C SER C 322 -30.23 -38.35 -1.23
N LYS C 323 -31.08 -38.04 -0.26
CA LYS C 323 -31.92 -39.04 0.39
C LYS C 323 -32.68 -39.89 -0.62
N ALA C 324 -33.33 -39.30 -1.61
CA ALA C 324 -34.05 -40.10 -2.61
C ALA C 324 -33.15 -41.07 -3.39
N ALA C 325 -31.89 -40.72 -3.56
CA ALA C 325 -30.94 -41.56 -4.24
C ALA C 325 -30.33 -42.56 -3.24
N GLY C 326 -30.84 -42.54 -2.01
CA GLY C 326 -30.42 -43.51 -1.01
C GLY C 326 -29.06 -43.22 -0.43
N ASP C 327 -28.65 -41.95 -0.43
CA ASP C 327 -27.39 -41.52 0.14
C ASP C 327 -27.66 -40.65 1.37
N ASN C 328 -27.82 -41.28 2.53
CA ASN C 328 -28.24 -40.56 3.71
C ASN C 328 -27.15 -39.70 4.26
N ALA C 329 -25.90 -40.19 4.19
CA ALA C 329 -24.81 -39.36 4.69
C ALA C 329 -24.63 -38.09 3.84
N MET C 330 -24.83 -38.22 2.53
CA MET C 330 -24.69 -37.05 1.66
C MET C 330 -25.81 -36.06 1.95
N ALA C 331 -27.01 -36.59 2.14
CA ALA C 331 -28.15 -35.79 2.55
C ALA C 331 -27.87 -34.94 3.78
N ASN C 332 -27.32 -35.55 4.83
CA ASN C 332 -27.01 -34.83 6.08
C ASN C 332 -26.00 -33.72 5.85
N GLN C 333 -25.08 -33.92 4.92
CA GLN C 333 -24.11 -32.87 4.62
C GLN C 333 -24.79 -31.64 4.06
N TYR C 334 -25.73 -31.87 3.14
CA TYR C 334 -26.56 -30.80 2.57
C TYR C 334 -27.47 -30.16 3.63
N GLU C 335 -28.07 -30.95 4.52
CA GLU C 335 -28.80 -30.40 5.66
C GLU C 335 -27.95 -29.45 6.49
N THR C 336 -26.72 -29.86 6.77
CA THR C 336 -25.78 -29.02 7.52
C THR C 336 -25.49 -27.70 6.77
N LEU C 337 -25.32 -27.78 5.44
CA LEU C 337 -25.04 -26.55 4.68
C LEU C 337 -26.25 -25.62 4.75
N ALA C 338 -27.44 -26.19 4.59
CA ALA C 338 -28.67 -25.43 4.67
C ALA C 338 -28.89 -24.81 6.07
N ASN C 339 -28.45 -25.54 7.10
CA ASN C 339 -28.56 -25.02 8.46
C ASN C 339 -27.72 -23.79 8.67
N ALA C 340 -26.50 -23.84 8.15
CA ALA C 340 -25.61 -22.70 8.27
C ALA C 340 -26.15 -21.50 7.46
N ARG C 341 -26.83 -21.80 6.36
CA ARG C 341 -27.32 -20.75 5.47
C ARG C 341 -28.46 -20.02 6.17
N GLN C 342 -29.30 -20.81 6.81
CA GLN C 342 -30.41 -20.28 7.57
C GLN C 342 -29.90 -19.39 8.72
N LYS C 343 -28.83 -19.79 9.37
CA LYS C 343 -28.24 -18.94 10.40
C LYS C 343 -27.70 -17.66 9.81
N GLY C 344 -27.08 -17.76 8.63
CA GLY C 344 -26.56 -16.55 8.00
C GLY C 344 -27.68 -15.60 7.64
N ILE C 345 -28.77 -16.16 7.12
CA ILE C 345 -29.97 -15.40 6.80
C ILE C 345 -30.54 -14.69 8.04
N GLU C 346 -30.77 -15.43 9.11
CA GLU C 346 -31.39 -14.88 10.33
C GLU C 346 -30.49 -13.85 11.02
N LYS C 347 -29.18 -13.93 10.77
CA LYS C 347 -28.27 -12.99 11.41
C LYS C 347 -27.95 -11.75 10.55
N TYR C 348 -27.65 -11.94 9.28
CA TYR C 348 -27.21 -10.83 8.45
C TYR C 348 -28.26 -10.29 7.46
N LEU C 349 -29.37 -10.99 7.30
CA LEU C 349 -30.37 -10.60 6.31
C LEU C 349 -31.71 -10.25 6.98
N TRP C 350 -31.64 -10.02 8.29
CA TRP C 350 -32.81 -9.63 9.05
C TRP C 350 -32.51 -8.31 9.74
N ASN C 351 -33.41 -7.34 9.62
CA ASN C 351 -33.21 -6.03 10.24
C ASN C 351 -34.05 -6.00 11.49
N ASP C 352 -33.44 -6.21 12.64
CA ASP C 352 -34.24 -6.36 13.84
C ASP C 352 -34.81 -5.03 14.30
N GLN C 353 -34.14 -3.94 14.00
CA GLN C 353 -34.63 -2.61 14.30
C GLN C 353 -35.93 -2.29 13.56
N GLN C 354 -36.02 -2.67 12.27
CA GLN C 354 -37.26 -2.43 11.52
C GLN C 354 -38.28 -3.56 11.64
N GLY C 355 -37.82 -4.78 11.88
CA GLY C 355 -38.74 -5.92 11.86
C GLY C 355 -38.99 -6.44 10.46
N TRP C 356 -37.94 -6.52 9.64
CA TRP C 356 -38.09 -7.15 8.33
C TRP C 356 -36.77 -7.64 7.75
N TYR C 357 -36.87 -8.58 6.81
CA TYR C 357 -35.71 -9.10 6.11
C TYR C 357 -35.24 -8.01 5.14
N ALA C 358 -33.94 -7.98 4.84
CA ALA C 358 -33.35 -6.98 3.96
C ALA C 358 -32.01 -7.50 3.46
N ASP C 359 -31.47 -6.81 2.46
CA ASP C 359 -30.15 -7.11 1.93
C ASP C 359 -29.08 -6.69 2.93
N TYR C 360 -27.90 -7.26 2.79
CA TYR C 360 -26.75 -6.90 3.62
C TYR C 360 -25.75 -6.09 2.80
N ASP C 361 -25.25 -5.02 3.40
CA ASP C 361 -24.41 -4.09 2.69
C ASP C 361 -22.94 -4.34 3.02
N LEU C 362 -22.17 -4.78 2.02
CA LEU C 362 -20.74 -5.10 2.26
C LEU C 362 -19.89 -3.86 2.51
N LYS C 363 -20.35 -2.70 2.06
CA LYS C 363 -19.57 -1.48 2.23
C LYS C 363 -19.68 -0.88 3.64
N SER C 364 -20.89 -0.89 4.18
CA SER C 364 -21.13 -0.39 5.53
C SER C 364 -21.14 -1.53 6.56
N HIS C 365 -21.11 -2.79 6.09
CA HIS C 365 -21.14 -3.95 6.99
C HIS C 365 -22.35 -3.93 7.95
N LYS C 366 -23.53 -3.64 7.41
CA LYS C 366 -24.79 -3.60 8.19
C LYS C 366 -25.92 -4.16 7.33
N VAL C 367 -26.95 -4.75 7.96
CA VAL C 367 -28.16 -5.09 7.21
C VAL C 367 -28.88 -3.79 6.79
N ARG C 368 -29.39 -3.72 5.56
CA ARG C 368 -30.05 -2.48 5.12
C ARG C 368 -31.41 -2.23 5.77
N ASN C 369 -31.86 -0.98 5.67
CA ASN C 369 -33.22 -0.60 6.10
C ASN C 369 -34.28 -0.76 5.03
N GLN C 370 -33.91 -0.59 3.77
CA GLN C 370 -34.93 -0.58 2.70
C GLN C 370 -35.75 -1.86 2.69
N LEU C 371 -37.09 -1.73 2.71
CA LEU C 371 -37.98 -2.89 2.58
C LEU C 371 -38.43 -3.03 1.10
N THR C 372 -38.12 -4.18 0.50
CA THR C 372 -38.62 -4.53 -0.84
C THR C 372 -39.31 -5.88 -0.79
N ALA C 373 -39.93 -6.24 -1.90
CA ALA C 373 -40.64 -7.50 -2.02
C ALA C 373 -39.67 -8.70 -1.85
N ALA C 374 -38.36 -8.46 -1.99
CA ALA C 374 -37.42 -9.56 -1.75
C ALA C 374 -37.52 -10.11 -0.32
N ALA C 375 -38.03 -9.30 0.59
CA ALA C 375 -38.05 -9.68 1.99
C ALA C 375 -39.00 -10.86 2.28
N LEU C 376 -39.90 -11.16 1.35
CA LEU C 376 -40.80 -12.31 1.50
C LEU C 376 -40.09 -13.63 1.19
N PHE C 377 -38.93 -13.59 0.54
CA PHE C 377 -38.32 -14.85 0.09
C PHE C 377 -37.98 -15.85 1.25
N PRO C 378 -37.48 -15.37 2.39
CA PRO C 378 -37.26 -16.30 3.53
C PRO C 378 -38.51 -17.04 4.02
N LEU C 379 -39.69 -16.46 3.86
CA LEU C 379 -40.91 -17.19 4.15
C LEU C 379 -41.16 -18.18 3.06
N TYR C 380 -40.94 -17.74 1.83
CA TYR C 380 -41.29 -18.56 0.68
C TYR C 380 -40.52 -19.87 0.75
N VAL C 381 -39.27 -19.82 1.20
CA VAL C 381 -38.45 -21.03 1.21
C VAL C 381 -38.49 -21.71 2.59
N ASN C 382 -39.36 -21.25 3.49
CA ASN C 382 -39.41 -21.75 4.85
C ASN C 382 -38.13 -21.66 5.63
N ALA C 383 -37.37 -20.58 5.47
CA ALA C 383 -36.19 -20.36 6.27
C ALA C 383 -36.50 -19.48 7.49
N ALA C 384 -37.53 -18.66 7.40
CA ALA C 384 -37.88 -17.69 8.43
C ALA C 384 -38.39 -18.34 9.73
N ALA C 385 -37.95 -17.79 10.87
CA ALA C 385 -38.59 -18.08 12.16
C ALA C 385 -40.06 -17.66 12.11
N LYS C 386 -40.92 -18.43 12.74
CA LYS C 386 -42.36 -18.13 12.79
C LYS C 386 -42.66 -16.71 13.23
N ASP C 387 -41.96 -16.23 14.25
CA ASP C 387 -42.27 -14.87 14.72
C ASP C 387 -41.82 -13.84 13.69
N ARG C 388 -40.73 -14.13 12.97
CA ARG C 388 -40.27 -13.20 11.93
C ARG C 388 -41.24 -13.20 10.73
N ALA C 389 -41.87 -14.34 10.53
CA ALA C 389 -42.85 -14.48 9.47
C ALA C 389 -44.07 -13.67 9.78
N ASN C 390 -44.51 -13.69 11.03
CA ASN C 390 -45.64 -12.84 11.43
C ASN C 390 -45.30 -11.36 11.28
N LYS C 391 -44.09 -11.00 11.67
CA LYS C 391 -43.65 -9.62 11.49
C LYS C 391 -43.63 -9.21 10.02
N MET C 392 -43.24 -10.13 9.13
CA MET C 392 -43.25 -9.86 7.69
C MET C 392 -44.67 -9.62 7.19
N ALA C 393 -45.65 -10.38 7.72
CA ALA C 393 -47.06 -10.14 7.32
C ALA C 393 -47.48 -8.69 7.62
N THR C 394 -47.20 -8.23 8.82
CA THR C 394 -47.47 -6.84 9.17
C THR C 394 -46.74 -5.85 8.26
N ALA C 395 -45.43 -6.02 8.07
CA ALA C 395 -44.68 -5.09 7.19
C ALA C 395 -45.24 -5.05 5.76
N THR C 396 -45.59 -6.22 5.25
CA THR C 396 -46.26 -6.36 3.95
C THR C 396 -47.56 -5.51 3.88
N LYS C 397 -48.47 -5.76 4.80
CA LYS C 397 -49.75 -5.02 4.83
C LYS C 397 -49.56 -3.49 5.01
N THR C 398 -48.59 -3.08 5.82
CA THR C 398 -48.35 -1.66 6.05
C THR C 398 -47.67 -0.97 4.87
N HIS C 399 -46.74 -1.64 4.21
CA HIS C 399 -45.88 -0.94 3.24
C HIS C 399 -46.02 -1.39 1.78
N LEU C 400 -46.27 -2.68 1.53
CA LEU C 400 -46.22 -3.17 0.14
C LEU C 400 -47.57 -3.53 -0.48
N LEU C 401 -48.54 -3.88 0.35
CA LEU C 401 -49.83 -4.27 -0.19
C LEU C 401 -50.54 -3.04 -0.75
N GLN C 402 -50.90 -3.07 -2.04
CA GLN C 402 -51.58 -1.95 -2.72
C GLN C 402 -52.82 -2.47 -3.42
N PRO C 403 -53.67 -1.54 -3.93
CA PRO C 403 -54.95 -2.01 -4.43
C PRO C 403 -54.84 -3.04 -5.56
N GLY C 404 -53.80 -2.93 -6.38
CA GLY C 404 -53.68 -3.79 -7.53
C GLY C 404 -52.60 -4.82 -7.37
N GLY C 405 -52.17 -5.02 -6.13
CA GLY C 405 -51.21 -6.11 -5.82
C GLY C 405 -50.04 -5.70 -4.96
N LEU C 406 -49.03 -6.57 -4.87
CA LEU C 406 -47.85 -6.36 -4.05
C LEU C 406 -46.88 -5.41 -4.73
N ASN C 407 -46.59 -4.28 -4.08
CA ASN C 407 -45.58 -3.33 -4.61
C ASN C 407 -44.15 -3.92 -4.58
N THR C 408 -43.36 -3.64 -5.60
CA THR C 408 -42.01 -4.15 -5.63
C THR C 408 -41.10 -3.50 -4.56
N THR C 409 -41.20 -2.20 -4.40
CA THR C 409 -40.56 -1.48 -3.30
C THR C 409 -41.53 -0.35 -2.97
N SER C 410 -41.12 0.53 -2.05
CA SER C 410 -41.93 1.71 -1.77
C SER C 410 -41.29 2.97 -2.33
N VAL C 411 -40.30 2.82 -3.22
CA VAL C 411 -39.67 3.99 -3.80
C VAL C 411 -40.01 4.17 -5.26
N LYS C 412 -40.71 5.26 -5.60
CA LYS C 412 -41.11 5.49 -6.99
C LYS C 412 -39.96 6.16 -7.77
N SER C 413 -38.97 5.37 -8.12
CA SER C 413 -37.75 5.90 -8.71
C SER C 413 -37.86 6.17 -10.22
N GLY C 414 -38.87 5.62 -10.87
CA GLY C 414 -38.86 5.64 -12.32
C GLY C 414 -38.33 4.34 -12.91
N GLN C 415 -37.68 3.51 -12.08
CA GLN C 415 -37.11 2.26 -12.53
C GLN C 415 -38.17 1.16 -12.50
N GLN C 416 -37.90 0.05 -13.17
CA GLN C 416 -38.91 -0.99 -13.36
C GLN C 416 -39.16 -1.82 -12.10
N TRP C 417 -38.09 -2.18 -11.38
CA TRP C 417 -38.32 -2.93 -10.17
C TRP C 417 -38.38 -2.02 -8.93
N ASP C 418 -39.50 -1.30 -8.84
CA ASP C 418 -39.75 -0.30 -7.83
C ASP C 418 -41.25 0.05 -7.91
N ALA C 419 -41.75 0.77 -6.90
CA ALA C 419 -43.08 1.36 -7.00
C ALA C 419 -43.15 2.19 -8.28
N PRO C 420 -44.31 2.19 -8.95
CA PRO C 420 -45.54 1.48 -8.52
C PRO C 420 -45.70 0.11 -9.21
N ASN C 421 -44.60 -0.50 -9.62
CA ASN C 421 -44.71 -1.70 -10.46
C ASN C 421 -44.92 -2.99 -9.67
N GLY C 422 -45.83 -3.82 -10.14
CA GLY C 422 -46.10 -5.10 -9.54
C GLY C 422 -45.71 -6.18 -10.55
N TRP C 423 -44.90 -7.12 -10.09
CA TRP C 423 -44.42 -8.20 -10.97
C TRP C 423 -44.95 -9.57 -10.50
N ALA C 424 -45.63 -10.28 -11.39
CA ALA C 424 -46.17 -11.63 -11.11
C ALA C 424 -45.32 -12.50 -10.16
N PRO C 425 -44.04 -12.74 -10.52
CA PRO C 425 -43.23 -13.65 -9.72
C PRO C 425 -43.15 -13.26 -8.24
N LEU C 426 -43.01 -11.97 -7.97
CA LEU C 426 -43.02 -11.50 -6.57
C LEU C 426 -44.41 -11.65 -5.92
N GLN C 427 -45.49 -11.52 -6.70
CA GLN C 427 -46.84 -11.74 -6.14
C GLN C 427 -46.98 -13.18 -5.62
N TRP C 428 -46.45 -14.12 -6.40
CA TRP C 428 -46.57 -15.53 -6.09
C TRP C 428 -45.65 -15.91 -4.94
N VAL C 429 -44.43 -15.40 -4.95
CA VAL C 429 -43.48 -15.66 -3.90
C VAL C 429 -44.05 -15.21 -2.55
N ALA C 430 -44.55 -13.98 -2.52
CA ALA C 430 -45.20 -13.41 -1.34
C ALA C 430 -46.44 -14.21 -0.84
N THR C 431 -47.37 -14.49 -1.77
CA THR C 431 -48.59 -15.27 -1.47
C THR C 431 -48.25 -16.63 -0.85
N GLU C 432 -47.36 -17.37 -1.49
CA GLU C 432 -46.99 -18.70 -1.01
C GLU C 432 -46.23 -18.64 0.29
N GLY C 433 -45.26 -17.72 0.36
CA GLY C 433 -44.49 -17.48 1.58
C GLY C 433 -45.41 -17.21 2.77
N LEU C 434 -46.38 -16.32 2.57
CA LEU C 434 -47.29 -15.98 3.65
C LEU C 434 -48.19 -17.20 3.99
N GLN C 435 -48.61 -17.94 2.97
CA GLN C 435 -49.40 -19.15 3.23
C GLN C 435 -48.62 -20.15 4.04
N ASN C 436 -47.32 -20.27 3.78
CA ASN C 436 -46.49 -21.23 4.51
C ASN C 436 -46.51 -21.01 6.01
N TYR C 437 -46.89 -19.82 6.46
CA TYR C 437 -46.86 -19.51 7.90
C TYR C 437 -48.25 -19.15 8.38
N GLY C 438 -49.27 -19.51 7.59
CA GLY C 438 -50.66 -19.38 7.98
C GLY C 438 -51.15 -17.96 7.93
N GLN C 439 -50.44 -17.10 7.18
CA GLN C 439 -50.89 -15.74 7.05
C GLN C 439 -51.82 -15.59 5.84
N LYS C 440 -52.97 -16.27 5.93
CA LYS C 440 -53.87 -16.42 4.78
C LYS C 440 -54.53 -15.14 4.31
N GLU C 441 -54.90 -14.29 5.25
CA GLU C 441 -55.62 -13.08 4.90
C GLU C 441 -54.78 -12.23 3.96
N VAL C 442 -53.55 -11.91 4.34
CA VAL C 442 -52.72 -11.07 3.50
C VAL C 442 -52.38 -11.80 2.18
N ALA C 443 -52.14 -13.10 2.25
CA ALA C 443 -51.90 -13.85 1.03
C ALA C 443 -53.08 -13.75 0.04
N MET C 444 -54.31 -13.90 0.53
CA MET C 444 -55.48 -13.78 -0.32
C MET C 444 -55.70 -12.34 -0.85
N ASP C 445 -55.40 -11.34 -0.03
CA ASP C 445 -55.49 -9.97 -0.52
C ASP C 445 -54.51 -9.74 -1.67
N ILE C 446 -53.28 -10.18 -1.50
CA ILE C 446 -52.32 -10.05 -2.59
C ILE C 446 -52.89 -10.68 -3.88
N SER C 447 -53.40 -11.92 -3.76
CA SER C 447 -53.95 -12.61 -4.93
C SER C 447 -55.19 -11.94 -5.52
N TRP C 448 -56.13 -11.56 -4.69
CA TRP C 448 -57.32 -10.90 -5.24
C TRP C 448 -56.97 -9.58 -5.91
N HIS C 449 -56.07 -8.82 -5.28
CA HIS C 449 -55.70 -7.49 -5.78
C HIS C 449 -54.98 -7.65 -7.11
N PHE C 450 -53.98 -8.52 -7.14
CA PHE C 450 -53.20 -8.68 -8.39
C PHE C 450 -54.05 -9.25 -9.53
N LEU C 451 -54.83 -10.29 -9.24
CA LEU C 451 -55.73 -10.91 -10.21
C LEU C 451 -56.74 -9.92 -10.72
N THR C 452 -57.27 -9.09 -9.83
CA THR C 452 -58.22 -8.09 -10.25
C THR C 452 -57.54 -7.11 -11.24
N ASN C 453 -56.26 -6.83 -11.02
CA ASN C 453 -55.48 -5.97 -11.91
C ASN C 453 -55.30 -6.68 -13.24
N VAL C 454 -54.92 -7.95 -13.19
CA VAL C 454 -54.74 -8.70 -14.43
C VAL C 454 -56.04 -8.76 -15.25
N GLN C 455 -57.16 -9.02 -14.56
CA GLN C 455 -58.45 -9.13 -15.22
C GLN C 455 -58.86 -7.85 -15.93
N HIS C 456 -58.68 -6.71 -15.27
CA HIS C 456 -59.11 -5.44 -15.84
CA HIS C 456 -59.06 -5.40 -15.84
C HIS C 456 -58.34 -5.15 -17.16
N THR C 457 -57.02 -5.36 -17.15
CA THR C 457 -56.24 -5.18 -18.39
C THR C 457 -56.69 -6.20 -19.43
N TYR C 458 -57.02 -7.40 -18.99
CA TYR C 458 -57.48 -8.40 -19.94
C TYR C 458 -58.83 -8.01 -20.56
N ASP C 459 -59.74 -7.54 -19.72
CA ASP C 459 -61.07 -7.17 -20.18
C ASP C 459 -60.93 -6.07 -21.25
N ARG C 460 -60.10 -5.06 -20.96
CA ARG C 460 -59.88 -3.95 -21.87
C ARG C 460 -59.12 -4.25 -23.17
N GLU C 461 -58.13 -5.12 -23.11
CA GLU C 461 -57.23 -5.26 -24.24
C GLU C 461 -57.01 -6.71 -24.63
N LYS C 462 -57.60 -7.62 -23.89
CA LYS C 462 -57.52 -9.03 -24.25
C LYS C 462 -56.06 -9.50 -24.30
N LYS C 463 -55.25 -9.02 -23.37
CA LYS C 463 -53.86 -9.53 -23.28
C LYS C 463 -53.38 -9.56 -21.84
N LEU C 464 -52.30 -10.28 -21.59
CA LEU C 464 -51.57 -10.17 -20.31
C LEU C 464 -50.18 -9.61 -20.62
N VAL C 465 -49.63 -8.84 -19.70
CA VAL C 465 -48.38 -8.12 -19.97
C VAL C 465 -47.35 -8.44 -18.89
N GLU C 466 -46.14 -7.94 -19.05
CA GLU C 466 -45.07 -8.38 -18.17
C GLU C 466 -45.17 -7.85 -16.73
N LYS C 467 -45.82 -6.72 -16.53
CA LYS C 467 -45.93 -6.10 -15.20
C LYS C 467 -47.15 -5.18 -15.10
N TYR C 468 -47.53 -4.81 -13.87
CA TYR C 468 -48.75 -4.05 -13.64
C TYR C 468 -48.47 -2.89 -12.71
N ASP C 469 -49.19 -1.79 -12.89
CA ASP C 469 -49.20 -0.69 -11.94
C ASP C 469 -50.16 -1.04 -10.80
N VAL C 470 -49.64 -1.25 -9.57
CA VAL C 470 -50.47 -1.71 -8.43
C VAL C 470 -51.17 -0.56 -7.68
N SER C 471 -50.89 0.67 -8.09
CA SER C 471 -51.49 1.86 -7.46
CA SER C 471 -51.49 1.83 -7.44
C SER C 471 -53.01 1.83 -7.56
N THR C 472 -53.55 1.21 -8.63
CA THR C 472 -55.00 0.89 -8.79
C THR C 472 -55.18 -0.49 -9.48
N THR C 473 -56.42 -0.87 -9.80
CA THR C 473 -56.71 -2.16 -10.48
C THR C 473 -57.21 -2.02 -11.95
N TYR C 482 -37.68 0.02 -23.79
CA TYR C 482 -38.52 -0.85 -24.61
C TYR C 482 -39.99 -0.71 -24.14
N PRO C 483 -40.96 -0.84 -25.06
CA PRO C 483 -42.37 -0.73 -24.64
C PRO C 483 -42.89 -1.95 -23.83
N LEU C 484 -44.03 -1.80 -23.17
CA LEU C 484 -44.64 -2.91 -22.42
C LEU C 484 -44.80 -4.19 -23.26
N GLN C 485 -44.25 -5.31 -22.80
CA GLN C 485 -44.28 -6.56 -23.59
C GLN C 485 -45.49 -7.41 -23.21
N ASP C 486 -46.08 -8.07 -24.22
CA ASP C 486 -47.29 -8.92 -24.10
C ASP C 486 -46.95 -10.41 -24.13
N GLY C 487 -47.77 -11.21 -23.44
CA GLY C 487 -47.72 -12.68 -23.50
C GLY C 487 -48.63 -13.23 -22.39
N PHE C 488 -48.12 -13.27 -21.18
CA PHE C 488 -46.71 -13.06 -20.89
C PHE C 488 -46.33 -14.13 -19.87
N GLY C 489 -45.31 -14.90 -20.20
CA GLY C 489 -44.98 -16.12 -19.48
C GLY C 489 -45.31 -16.18 -18.00
N TRP C 490 -44.52 -15.48 -17.18
CA TRP C 490 -44.74 -15.56 -15.74
C TRP C 490 -46.05 -15.00 -15.27
N THR C 491 -46.57 -13.97 -15.93
CA THR C 491 -47.90 -13.46 -15.61
C THR C 491 -48.97 -14.53 -15.86
N ASN C 492 -48.85 -15.24 -16.98
CA ASN C 492 -49.78 -16.30 -17.33
C ASN C 492 -49.80 -17.43 -16.32
N GLY C 493 -48.62 -17.88 -15.92
CA GLY C 493 -48.50 -19.02 -15.01
C GLY C 493 -49.01 -18.65 -13.63
N VAL C 494 -48.59 -17.48 -13.16
CA VAL C 494 -49.00 -17.04 -11.83
C VAL C 494 -50.50 -16.79 -11.82
N THR C 495 -51.02 -16.28 -12.93
CA THR C 495 -52.44 -16.00 -13.00
C THR C 495 -53.28 -17.28 -12.79
N LEU C 496 -52.85 -18.37 -13.43
CA LEU C 496 -53.53 -19.67 -13.30
C LEU C 496 -53.49 -20.19 -11.86
N LYS C 497 -52.32 -20.08 -11.23
CA LYS C 497 -52.17 -20.54 -9.87
C LYS C 497 -53.06 -19.74 -8.92
N MET C 498 -53.11 -18.42 -9.11
CA MET C 498 -53.93 -17.58 -8.24
C MET C 498 -55.43 -17.74 -8.48
N LEU C 499 -55.79 -17.96 -9.73
CA LEU C 499 -57.18 -18.16 -10.06
C LEU C 499 -57.71 -19.40 -9.34
N ASP C 500 -56.95 -20.48 -9.36
CA ASP C 500 -57.33 -21.71 -8.69
C ASP C 500 -57.45 -21.50 -7.18
N LEU C 501 -56.58 -20.65 -6.66
CA LEU C 501 -56.51 -20.37 -5.23
C LEU C 501 -57.75 -19.63 -4.74
N ILE C 502 -58.25 -18.66 -5.51
CA ILE C 502 -59.31 -17.77 -5.01
C ILE C 502 -60.73 -18.28 -5.23
N CYS C 503 -60.88 -19.40 -5.94
CA CYS C 503 -62.23 -19.99 -6.12
C CYS C 503 -62.24 -21.40 -5.57
N PRO C 504 -63.40 -21.89 -5.13
CA PRO C 504 -63.38 -23.25 -4.61
C PRO C 504 -62.75 -24.23 -5.61
N LYS C 505 -62.11 -25.25 -5.07
CA LYS C 505 -61.48 -26.24 -5.90
C LYS C 505 -62.53 -26.91 -6.76
N GLU C 506 -63.69 -27.18 -6.22
CA GLU C 506 -64.59 -27.92 -7.07
C GLU C 506 -65.48 -26.99 -7.89
N GLN C 507 -65.34 -25.67 -7.70
CA GLN C 507 -66.13 -24.75 -8.51
C GLN C 507 -65.25 -23.65 -9.13
N PRO C 508 -64.32 -24.07 -9.99
CA PRO C 508 -63.27 -23.16 -10.47
C PRO C 508 -63.80 -22.00 -11.31
N CYS C 509 -63.07 -20.90 -11.31
CA CYS C 509 -63.46 -19.74 -12.10
CA CYS C 509 -63.44 -19.72 -12.10
C CYS C 509 -62.56 -19.61 -13.33
N ASP C 510 -63.11 -19.04 -14.40
CA ASP C 510 -62.31 -18.85 -15.61
C ASP C 510 -61.98 -17.37 -15.77
N ASN C 511 -62.61 -16.54 -14.95
CA ASN C 511 -62.32 -15.12 -14.84
C ASN C 511 -62.39 -14.76 -13.36
N VAL C 512 -61.71 -13.69 -12.96
CA VAL C 512 -61.77 -13.26 -11.58
C VAL C 512 -63.18 -12.77 -11.28
N PRO C 513 -63.83 -13.28 -10.21
CA PRO C 513 -65.16 -12.72 -9.90
C PRO C 513 -65.14 -11.20 -9.72
N ALA C 514 -66.17 -10.52 -10.25
CA ALA C 514 -66.36 -9.07 -10.09
C ALA C 514 -66.41 -8.62 -8.62
N THR C 515 -67.03 -9.44 -7.75
CA THR C 515 -66.97 -9.17 -6.32
C THR C 515 -66.54 -10.39 -5.52
N ARG C 516 -65.84 -10.17 -4.42
CA ARG C 516 -65.28 -11.28 -3.70
C ARG C 516 -66.10 -11.55 -2.45
N THR D 3 25.84 12.99 38.41
CA THR D 3 24.67 12.78 37.50
C THR D 3 24.83 13.59 36.19
N PRO D 4 24.92 12.88 35.06
CA PRO D 4 24.97 13.56 33.78
C PRO D 4 23.67 14.34 33.56
N VAL D 5 23.74 15.51 32.95
CA VAL D 5 22.49 16.15 32.57
C VAL D 5 22.05 15.81 31.13
N THR D 6 20.74 15.58 30.98
CA THR D 6 20.10 15.57 29.66
C THR D 6 19.24 16.81 29.51
N PRO D 7 19.80 17.85 28.88
CA PRO D 7 19.11 19.13 28.72
C PRO D 7 17.72 18.96 28.07
N GLN D 8 16.67 19.45 28.74
CA GLN D 8 15.34 19.40 28.18
C GLN D 8 14.81 20.82 28.06
N PRO D 9 14.12 21.13 26.96
CA PRO D 9 13.63 22.49 26.79
C PRO D 9 12.53 22.76 27.80
N PRO D 10 12.25 24.04 28.09
CA PRO D 10 11.31 24.47 29.14
C PRO D 10 9.91 23.90 29.01
N ASP D 11 9.35 23.77 27.81
CA ASP D 11 8.02 23.14 27.69
C ASP D 11 8.02 21.68 28.20
N ILE D 12 9.10 20.95 28.00
CA ILE D 12 9.21 19.55 28.41
C ILE D 12 9.48 19.46 29.93
N LEU D 13 10.38 20.31 30.40
CA LEU D 13 10.76 20.34 31.79
CA LEU D 13 10.74 20.35 31.81
C LEU D 13 9.55 20.67 32.69
N LEU D 14 8.75 21.63 32.26
CA LEU D 14 7.73 22.14 33.15
C LEU D 14 6.34 21.60 32.87
N GLY D 15 6.17 20.91 31.75
CA GLY D 15 4.85 20.45 31.35
C GLY D 15 3.91 21.61 31.05
N PRO D 16 2.62 21.39 31.25
CA PRO D 16 1.62 22.40 30.93
C PRO D 16 1.76 23.72 31.72
N LEU D 17 2.51 23.72 32.81
CA LEU D 17 2.76 25.00 33.48
C LEU D 17 3.40 26.00 32.49
N PHE D 18 4.32 25.52 31.66
CA PHE D 18 4.96 26.40 30.69
C PHE D 18 3.92 26.98 29.75
N ASN D 19 3.12 26.08 29.17
CA ASN D 19 2.05 26.46 28.27
C ASN D 19 1.19 27.51 28.94
N ASP D 20 0.87 27.31 30.22
CA ASP D 20 -0.06 28.17 30.91
C ASP D 20 0.51 29.56 31.13
N VAL D 21 1.79 29.62 31.50
CA VAL D 21 2.39 30.89 31.76
C VAL D 21 2.54 31.67 30.47
N GLN D 22 2.95 30.98 29.39
CA GLN D 22 3.08 31.64 28.07
C GLN D 22 1.72 32.15 27.58
N ASN D 23 0.69 31.30 27.65
CA ASN D 23 -0.65 31.72 27.18
C ASN D 23 -1.23 32.86 27.99
N ALA D 24 -0.87 32.93 29.26
CA ALA D 24 -1.39 34.00 30.12
C ALA D 24 -0.68 35.31 29.80
N LYS D 25 0.41 35.22 29.03
CA LYS D 25 1.23 36.39 28.70
C LYS D 25 1.48 37.24 29.94
N LEU D 26 2.04 36.62 30.97
CA LEU D 26 2.42 37.35 32.15
C LEU D 26 3.53 38.30 31.82
N PHE D 27 4.30 38.00 30.76
CA PHE D 27 5.43 38.85 30.35
C PHE D 27 5.20 39.23 28.91
N PRO D 28 5.53 40.49 28.51
CA PRO D 28 5.23 40.88 27.12
C PRO D 28 6.09 40.19 26.04
N ASP D 29 7.22 39.58 26.41
CA ASP D 29 8.05 38.85 25.43
C ASP D 29 7.95 37.34 25.80
N GLN D 30 7.56 36.49 24.85
CA GLN D 30 7.53 35.04 25.11
C GLN D 30 8.89 34.47 25.51
N LYS D 31 9.97 35.11 25.08
CA LYS D 31 11.30 34.61 25.41
C LYS D 31 11.64 34.75 26.91
N THR D 32 11.04 35.75 27.54
CA THR D 32 11.27 35.96 28.97
C THR D 32 11.07 34.70 29.86
N PHE D 33 9.88 34.09 29.81
CA PHE D 33 9.70 32.89 30.64
C PHE D 33 10.54 31.70 30.10
N ALA D 34 10.82 31.65 28.80
CA ALA D 34 11.73 30.60 28.27
C ALA D 34 13.08 30.70 28.94
N ASP D 35 13.41 31.88 29.44
CA ASP D 35 14.72 32.07 30.03
C ASP D 35 14.68 32.12 31.56
N ALA D 36 13.51 31.85 32.13
CA ALA D 36 13.40 31.79 33.60
C ALA D 36 14.15 30.58 34.15
N VAL D 37 14.76 30.73 35.31
CA VAL D 37 15.50 29.66 35.95
C VAL D 37 14.62 29.13 37.07
N PRO D 38 14.25 27.83 37.02
CA PRO D 38 13.40 27.29 38.10
C PRO D 38 14.18 27.33 39.42
N ASN D 39 13.55 27.71 40.54
CA ASN D 39 14.27 27.71 41.82
C ASN D 39 14.49 26.32 42.40
N SER D 40 13.74 25.33 41.91
CA SER D 40 13.90 23.98 42.39
C SER D 40 13.54 23.02 41.25
N ASP D 41 13.61 21.72 41.53
CA ASP D 41 13.35 20.67 40.53
C ASP D 41 12.02 20.95 39.84
N PRO D 42 12.06 21.14 38.54
CA PRO D 42 10.85 21.49 37.76
C PRO D 42 9.72 20.44 37.91
N LEU D 43 10.09 19.20 38.17
CA LEU D 43 9.11 18.14 38.36
C LEU D 43 8.29 18.39 39.62
N MET D 44 8.97 18.86 40.66
CA MET D 44 8.31 19.17 41.93
C MET D 44 7.50 20.48 41.83
N ILE D 45 7.98 21.44 41.02
CA ILE D 45 7.20 22.66 40.79
C ILE D 45 5.89 22.30 40.12
N LEU D 46 5.96 21.36 39.19
CA LEU D 46 4.80 20.99 38.40
C LEU D 46 3.76 20.37 39.33
N ALA D 47 4.21 19.51 40.23
CA ALA D 47 3.31 18.83 41.16
C ALA D 47 2.63 19.82 42.09
N ASP D 48 3.43 20.79 42.56
CA ASP D 48 2.98 21.86 43.45
C ASP D 48 1.88 22.69 42.73
N TYR D 49 2.15 22.98 41.46
CA TYR D 49 1.19 23.67 40.61
C TYR D 49 -0.15 22.92 40.50
N ARG D 50 -0.14 21.63 40.19
CA ARG D 50 -1.42 20.89 40.09
C ARG D 50 -2.17 20.95 41.44
N MET D 51 -1.43 20.82 42.53
CA MET D 51 -2.03 20.84 43.84
C MET D 51 -2.67 22.21 44.10
N GLN D 52 -1.93 23.29 43.83
CA GLN D 52 -2.40 24.64 44.10
C GLN D 52 -3.55 25.11 43.20
N GLN D 53 -3.56 24.70 41.95
CA GLN D 53 -4.73 24.95 41.11
C GLN D 53 -6.00 24.32 41.69
N ASN D 54 -5.88 23.19 42.39
CA ASN D 54 -7.08 22.52 42.95
C ASN D 54 -7.42 23.01 44.34
N GLN D 55 -6.74 24.07 44.77
CA GLN D 55 -7.00 24.68 46.07
C GLN D 55 -7.43 26.11 45.84
N SER D 56 -7.79 26.74 46.95
CA SER D 56 -8.59 27.98 46.99
C SER D 56 -8.23 29.09 46.00
N GLY D 57 -7.64 30.18 46.51
CA GLY D 57 -7.42 31.38 45.69
C GLY D 57 -6.10 31.42 44.93
N PHE D 58 -5.97 30.61 43.88
CA PHE D 58 -4.68 30.52 43.21
C PHE D 58 -4.35 31.74 42.35
N ASP D 59 -3.09 32.18 42.41
CA ASP D 59 -2.59 33.28 41.59
C ASP D 59 -1.33 32.91 40.79
N LEU D 60 -1.49 32.74 39.49
CA LEU D 60 -0.39 32.28 38.64
C LEU D 60 0.83 33.23 38.75
N ARG D 61 0.61 34.53 38.63
CA ARG D 61 1.74 35.43 38.72
C ARG D 61 2.51 35.26 40.03
N HIS D 62 1.80 35.20 41.17
CA HIS D 62 2.47 34.92 42.45
C HIS D 62 3.23 33.57 42.48
N PHE D 63 2.60 32.52 41.98
CA PHE D 63 3.28 31.20 41.88
C PHE D 63 4.60 31.27 41.09
N VAL D 64 4.59 31.96 39.96
CA VAL D 64 5.80 32.07 39.14
C VAL D 64 6.90 32.81 39.90
N ASN D 65 6.52 33.94 40.51
CA ASN D 65 7.48 34.76 41.23
C ASN D 65 8.21 34.00 42.31
N VAL D 66 7.51 33.12 43.03
CA VAL D 66 8.21 32.37 44.09
C VAL D 66 8.94 31.16 43.59
N ASN D 67 8.58 30.64 42.41
CA ASN D 67 9.21 29.43 41.90
C ASN D 67 10.28 29.59 40.84
N PHE D 68 10.43 30.81 40.31
CA PHE D 68 11.40 31.04 39.24
C PHE D 68 12.14 32.34 39.44
N THR D 69 13.37 32.40 38.94
CA THR D 69 14.14 33.63 38.83
C THR D 69 14.06 34.10 37.36
N LEU D 70 13.74 35.37 37.13
CA LEU D 70 13.55 35.85 35.77
C LEU D 70 14.77 36.64 35.25
N PRO D 71 14.92 36.77 33.93
CA PRO D 71 16.12 37.53 33.45
C PRO D 71 16.17 38.96 33.99
N LYS D 72 17.35 39.40 34.47
CA LYS D 72 17.55 40.77 35.01
C LYS D 72 17.21 41.86 34.00
N LYS D 76 22.01 48.96 30.59
CA LYS D 76 22.10 50.43 30.42
C LYS D 76 23.55 50.98 30.33
N TYR D 77 24.15 50.83 29.16
CA TYR D 77 25.48 51.29 28.85
C TYR D 77 25.62 52.84 28.77
N VAL D 78 26.60 53.39 29.48
CA VAL D 78 26.86 54.83 29.40
C VAL D 78 28.25 55.06 28.88
N PRO D 79 28.37 55.34 27.56
CA PRO D 79 29.69 55.61 26.97
C PRO D 79 30.16 56.99 27.39
N PRO D 80 31.50 57.21 27.40
CA PRO D 80 32.01 58.57 27.52
C PRO D 80 31.50 59.37 26.33
N GLU D 81 31.52 60.69 26.43
CA GLU D 81 30.87 61.54 25.42
C GLU D 81 31.64 61.74 24.11
N GLY D 82 30.91 62.00 23.04
CA GLY D 82 31.53 62.38 21.76
C GLY D 82 32.23 61.29 20.97
N GLN D 83 31.93 60.02 21.21
CA GLN D 83 32.61 58.95 20.45
C GLN D 83 32.20 58.92 18.99
N SER D 84 33.13 58.64 18.10
CA SER D 84 32.79 58.33 16.70
C SER D 84 31.97 57.04 16.64
N LEU D 85 31.51 56.72 15.45
CA LEU D 85 30.88 55.43 15.19
C LEU D 85 31.86 54.30 15.55
N ARG D 86 33.10 54.42 15.05
CA ARG D 86 34.10 53.42 15.29
C ARG D 86 34.44 53.23 16.78
N GLU D 87 34.70 54.34 17.49
CA GLU D 87 34.96 54.27 18.94
C GLU D 87 33.79 53.65 19.68
N HIS D 88 32.58 54.05 19.31
CA HIS D 88 31.37 53.51 19.95
C HIS D 88 31.33 51.97 19.84
N ILE D 89 31.55 51.47 18.62
CA ILE D 89 31.54 50.05 18.41
C ILE D 89 32.65 49.37 19.22
N ASP D 90 33.84 49.95 19.17
CA ASP D 90 34.98 49.32 19.79
C ASP D 90 34.82 49.25 21.30
N GLY D 91 34.11 50.22 21.86
CA GLY D 91 33.87 50.25 23.28
C GLY D 91 32.68 49.39 23.74
N LEU D 92 31.91 48.83 22.80
CA LEU D 92 30.72 48.05 23.20
C LEU D 92 31.05 46.60 23.47
N TRP D 93 32.23 46.14 23.04
CA TRP D 93 32.49 44.73 23.14
C TRP D 93 32.27 44.17 24.55
N PRO D 94 32.82 44.84 25.59
CA PRO D 94 32.63 44.33 26.96
C PRO D 94 31.16 44.29 27.34
N VAL D 95 30.39 45.28 26.90
CA VAL D 95 28.96 45.34 27.21
C VAL D 95 28.22 44.13 26.63
N LEU D 96 28.68 43.64 25.49
CA LEU D 96 28.06 42.48 24.83
C LEU D 96 28.72 41.13 25.18
N THR D 97 29.68 41.15 26.10
CA THR D 97 30.40 39.95 26.45
C THR D 97 29.77 39.31 27.68
N ARG D 98 29.57 38.01 27.63
CA ARG D 98 29.05 37.25 28.76
C ARG D 98 30.09 36.19 29.15
N SER D 99 30.07 35.81 30.41
CA SER D 99 30.94 34.76 30.93
C SER D 99 30.05 33.86 31.76
N THR D 100 29.74 32.67 31.23
CA THR D 100 28.79 31.77 31.90
C THR D 100 29.32 30.35 31.91
N GLU D 101 30.33 30.14 32.74
CA GLU D 101 31.00 28.84 32.77
C GLU D 101 30.21 27.80 33.56
N ASN D 102 29.36 28.22 34.48
CA ASN D 102 28.52 27.29 35.21
C ASN D 102 27.13 27.91 35.31
N THR D 103 26.09 27.15 35.04
CA THR D 103 24.76 27.73 35.17
C THR D 103 23.98 26.95 36.21
N GLU D 104 22.94 27.56 36.80
CA GLU D 104 22.07 26.84 37.73
C GLU D 104 21.50 25.62 37.04
N LYS D 105 21.28 24.60 37.85
CA LYS D 105 20.59 23.43 37.37
C LYS D 105 19.24 23.91 36.81
N TRP D 106 18.85 23.34 35.69
CA TRP D 106 17.53 23.62 35.14
C TRP D 106 17.47 24.94 34.35
N ASP D 107 18.52 25.74 34.41
CA ASP D 107 18.55 26.97 33.62
C ASP D 107 18.45 26.54 32.16
N SER D 108 17.70 27.27 31.33
CA SER D 108 17.78 27.04 29.89
C SER D 108 19.10 27.46 29.27
N LEU D 109 19.81 28.41 29.89
CA LEU D 109 21.13 28.85 29.38
C LEU D 109 22.13 27.74 29.56
N LEU D 110 22.84 27.41 28.49
CA LEU D 110 23.77 26.32 28.52
C LEU D 110 25.15 26.87 28.79
N PRO D 111 25.93 26.17 29.64
CA PRO D 111 27.22 26.75 30.02
C PRO D 111 28.20 26.75 28.84
N LEU D 112 29.20 27.61 28.87
CA LEU D 112 30.24 27.63 27.83
C LEU D 112 31.57 27.91 28.53
N PRO D 113 32.65 27.25 28.10
CA PRO D 113 33.89 27.42 28.88
C PRO D 113 34.55 28.81 28.79
N GLU D 114 34.30 29.58 27.73
CA GLU D 114 35.01 30.86 27.54
C GLU D 114 34.03 32.01 27.34
N PRO D 115 34.51 33.25 27.58
CA PRO D 115 33.68 34.40 27.31
C PRO D 115 33.19 34.42 25.87
N TYR D 116 32.04 35.04 25.65
CA TYR D 116 31.49 35.14 24.30
C TYR D 116 30.68 36.40 24.12
N VAL D 117 30.70 36.94 22.92
CA VAL D 117 29.88 38.09 22.59
C VAL D 117 28.47 37.67 22.13
N VAL D 118 27.47 38.30 22.73
CA VAL D 118 26.07 38.11 22.35
C VAL D 118 25.58 39.28 21.50
N PRO D 119 24.46 39.10 20.76
CA PRO D 119 24.04 40.18 19.87
C PRO D 119 23.69 41.49 20.57
N GLY D 120 22.95 41.37 21.68
CA GLY D 120 22.38 42.54 22.38
C GLY D 120 20.90 42.40 22.69
N GLY D 121 20.40 43.25 23.57
CA GLY D 121 18.99 43.28 23.94
C GLY D 121 18.48 41.95 24.47
N ARG D 122 17.35 41.49 23.92
CA ARG D 122 16.73 40.27 24.43
C ARG D 122 17.57 39.03 24.10
N PHE D 123 18.56 39.20 23.24
CA PHE D 123 19.42 38.08 22.86
C PHE D 123 20.59 37.97 23.85
N ARG D 124 20.33 37.22 24.93
CA ARG D 124 21.25 37.10 26.07
C ARG D 124 22.00 35.76 26.00
N GLU D 125 22.31 35.29 24.80
CA GLU D 125 23.06 34.05 24.58
C GLU D 125 23.82 34.22 23.25
N VAL D 126 24.80 33.37 23.00
CA VAL D 126 25.56 33.37 21.74
C VAL D 126 24.68 32.85 20.60
N TYR D 127 24.83 33.43 19.40
CA TYR D 127 24.14 32.97 18.21
C TYR D 127 25.16 32.47 17.21
N TYR D 128 24.86 31.33 16.58
CA TYR D 128 25.81 30.72 15.65
C TYR D 128 26.19 31.67 14.47
N TRP D 129 25.26 32.00 13.57
CA TRP D 129 25.71 32.79 12.43
C TRP D 129 26.06 34.24 12.79
N ASP D 130 25.32 34.84 13.72
CA ASP D 130 25.70 36.18 14.17
C ASP D 130 27.16 36.26 14.58
N SER D 131 27.66 35.21 15.23
CA SER D 131 29.00 35.27 15.76
C SER D 131 30.08 35.49 14.73
N TYR D 132 29.91 34.90 13.55
CA TYR D 132 30.95 35.01 12.53
C TYR D 132 31.16 36.48 12.18
N PHE D 133 30.05 37.16 11.96
CA PHE D 133 30.11 38.56 11.55
C PHE D 133 30.60 39.40 12.70
N THR D 134 30.20 39.03 13.93
CA THR D 134 30.66 39.68 15.13
C THR D 134 32.17 39.49 15.28
N MET D 135 32.65 38.28 15.02
CA MET D 135 34.05 37.97 15.20
C MET D 135 34.92 38.69 14.16
N LEU D 136 34.39 38.90 12.96
CA LEU D 136 35.09 39.73 11.97
C LEU D 136 35.41 41.12 12.57
N GLY D 137 34.46 41.70 13.30
CA GLY D 137 34.70 43.01 13.94
C GLY D 137 35.66 42.94 15.10
N LEU D 138 35.54 41.86 15.89
CA LEU D 138 36.49 41.60 16.99
C LEU D 138 37.91 41.44 16.43
N ALA D 139 38.07 40.60 15.43
CA ALA D 139 39.37 40.44 14.75
C ALA D 139 39.90 41.80 14.20
N GLU D 140 39.07 42.51 13.42
CA GLU D 140 39.41 43.85 12.89
C GLU D 140 39.93 44.83 13.96
N SER D 141 39.36 44.80 15.16
CA SER D 141 39.79 45.73 16.19
C SER D 141 40.82 45.15 17.16
N GLY D 142 41.47 44.05 16.79
CA GLY D 142 42.54 43.45 17.59
C GLY D 142 42.12 42.58 18.78
N HIS D 143 40.86 42.16 18.85
CA HIS D 143 40.47 41.34 20.00
C HIS D 143 40.54 39.87 19.69
N TRP D 144 41.76 39.41 19.45
CA TRP D 144 41.97 38.05 19.04
C TRP D 144 41.75 37.02 20.16
N ASP D 145 41.96 37.41 21.43
CA ASP D 145 41.62 36.50 22.53
C ASP D 145 40.12 36.17 22.47
N LYS D 146 39.30 37.18 22.20
CA LYS D 146 37.86 37.01 22.20
C LYS D 146 37.42 36.15 21.01
N VAL D 147 38.07 36.35 19.85
CA VAL D 147 37.84 35.48 18.70
C VAL D 147 38.19 34.03 19.01
N ALA D 148 39.37 33.79 19.57
CA ALA D 148 39.79 32.43 19.94
C ALA D 148 38.85 31.82 21.01
N ASP D 149 38.45 32.62 21.98
CA ASP D 149 37.45 32.20 22.97
C ASP D 149 36.19 31.63 22.30
N MET D 150 35.68 32.40 21.34
CA MET D 150 34.47 31.99 20.65
C MET D 150 34.66 30.72 19.78
N VAL D 151 35.76 30.63 19.04
CA VAL D 151 35.99 29.41 18.28
C VAL D 151 36.05 28.21 19.26
N ALA D 152 36.71 28.39 20.40
CA ALA D 152 36.77 27.31 21.38
C ALA D 152 35.37 26.93 21.91
N ASN D 153 34.52 27.92 22.16
CA ASN D 153 33.19 27.66 22.62
C ASN D 153 32.39 26.80 21.62
N PHE D 154 32.43 27.18 20.36
CA PHE D 154 31.75 26.40 19.32
C PHE D 154 32.28 24.98 19.20
N ALA D 155 33.60 24.82 19.21
CA ALA D 155 34.21 23.50 19.19
C ALA D 155 33.74 22.66 20.39
N HIS D 156 33.66 23.29 21.55
CA HIS D 156 33.17 22.59 22.74
C HIS D 156 31.69 22.08 22.58
N GLU D 157 30.84 22.90 21.95
CA GLU D 157 29.46 22.53 21.71
C GLU D 157 29.42 21.39 20.69
N ILE D 158 30.28 21.44 19.67
CA ILE D 158 30.33 20.31 18.74
C ILE D 158 30.67 19.03 19.52
N ASP D 159 31.62 19.15 20.44
CA ASP D 159 32.06 18.03 21.24
C ASP D 159 30.98 17.52 22.21
N THR D 160 30.21 18.43 22.81
CA THR D 160 29.26 18.08 23.86
CA THR D 160 29.26 18.01 23.85
C THR D 160 27.88 17.68 23.30
N TYR D 161 27.47 18.34 22.22
CA TYR D 161 26.10 18.15 21.72
C TYR D 161 26.09 17.45 20.40
N GLY D 162 27.22 17.46 19.68
CA GLY D 162 27.25 16.87 18.36
C GLY D 162 27.13 17.87 17.24
N HIS D 163 26.76 19.12 17.58
CA HIS D 163 26.65 20.15 16.58
C HIS D 163 26.61 21.48 17.29
N ILE D 164 26.64 22.57 16.55
CA ILE D 164 26.49 23.88 17.14
C ILE D 164 25.02 24.24 17.09
N PRO D 165 24.40 24.43 18.27
CA PRO D 165 22.99 24.81 18.36
C PRO D 165 22.76 26.25 17.95
N ASN D 166 21.55 26.56 17.49
CA ASN D 166 21.16 27.91 17.08
C ASN D 166 21.77 28.95 18.03
N GLY D 167 21.73 28.63 19.32
CA GLY D 167 22.51 29.36 20.33
C GLY D 167 22.61 28.53 21.61
N ASN D 168 23.27 29.05 22.65
CA ASN D 168 23.44 28.20 23.86
C ASN D 168 22.23 28.20 24.81
N ARG D 169 21.09 27.71 24.29
CA ARG D 169 19.86 27.51 25.09
C ARG D 169 19.32 26.13 24.89
N SER D 170 18.68 25.57 25.91
CA SER D 170 18.12 24.23 25.78
C SER D 170 17.09 24.17 24.66
N TYR D 171 16.33 25.26 24.47
CA TYR D 171 15.31 25.32 23.40
C TYR D 171 15.88 25.57 21.99
N TYR D 172 17.20 25.65 21.89
CA TYR D 172 17.87 25.76 20.59
C TYR D 172 18.63 24.49 20.21
N LEU D 173 18.62 23.49 21.08
CA LEU D 173 19.45 22.30 20.83
C LEU D 173 18.96 21.48 19.64
N SER D 174 17.65 21.54 19.37
CA SER D 174 17.02 20.70 18.33
C SER D 174 17.39 21.18 16.92
N ARG D 175 18.15 22.28 16.83
CA ARG D 175 18.58 22.79 15.51
C ARG D 175 19.94 23.48 15.55
N SER D 176 20.47 23.80 14.36
CA SER D 176 21.69 24.58 14.27
C SER D 176 21.36 25.93 13.63
N GLN D 177 22.21 26.40 12.72
CA GLN D 177 21.98 27.66 12.01
C GLN D 177 22.90 27.68 10.77
N PRO D 178 22.86 28.74 9.95
CA PRO D 178 23.72 28.75 8.77
C PRO D 178 25.16 28.50 9.22
N PRO D 179 25.80 27.47 8.66
CA PRO D 179 27.05 26.97 9.24
C PRO D 179 28.25 27.83 8.87
N PHE D 180 28.79 28.57 9.84
CA PHE D 180 29.98 29.40 9.65
C PHE D 180 31.19 28.92 10.47
N PHE D 181 31.09 27.79 11.17
CA PHE D 181 32.21 27.42 12.05
C PHE D 181 33.54 27.25 11.31
N ALA D 182 33.54 26.55 10.18
CA ALA D 182 34.75 26.40 9.38
C ALA D 182 35.31 27.75 8.96
N LEU D 183 34.43 28.69 8.58
CA LEU D 183 34.84 30.08 8.30
C LEU D 183 35.46 30.78 9.53
N MET D 184 34.95 30.48 10.72
CA MET D 184 35.52 31.07 11.92
C MET D 184 36.94 30.53 12.14
N VAL D 185 37.10 29.25 11.87
CA VAL D 185 38.42 28.64 11.98
C VAL D 185 39.40 29.29 10.97
N GLU D 186 38.97 29.58 9.74
CA GLU D 186 39.83 30.31 8.79
CA GLU D 186 39.84 30.29 8.78
C GLU D 186 40.16 31.70 9.30
N LEU D 187 39.18 32.35 9.92
CA LEU D 187 39.41 33.68 10.48
CA LEU D 187 39.38 33.67 10.50
C LEU D 187 40.50 33.61 11.55
N LEU D 188 40.41 32.64 12.45
CA LEU D 188 41.42 32.44 13.49
C LEU D 188 42.80 32.16 12.87
N ALA D 189 42.79 31.41 11.76
CA ALA D 189 44.00 31.10 11.02
C ALA D 189 44.75 32.33 10.45
N GLN D 190 44.02 33.42 10.21
CA GLN D 190 44.60 34.67 9.75
C GLN D 190 45.52 35.19 10.83
N HIS D 191 45.22 34.87 12.08
CA HIS D 191 46.02 35.35 13.19
C HIS D 191 47.03 34.31 13.66
N GLU D 192 46.62 33.05 13.75
CA GLU D 192 47.47 31.96 14.25
C GLU D 192 48.17 31.19 13.17
N GLY D 193 47.79 31.37 11.90
CA GLY D 193 48.39 30.53 10.85
C GLY D 193 47.73 29.17 10.82
N ASP D 194 48.31 28.24 10.08
CA ASP D 194 47.79 26.87 9.89
C ASP D 194 47.50 26.12 11.18
N ALA D 195 48.11 26.56 12.27
CA ALA D 195 47.91 25.96 13.58
C ALA D 195 46.40 25.86 13.89
N ALA D 196 45.66 26.91 13.54
CA ALA D 196 44.22 26.96 13.75
C ALA D 196 43.49 25.83 13.01
N LEU D 197 43.89 25.56 11.77
CA LEU D 197 43.28 24.51 10.96
C LEU D 197 43.49 23.13 11.63
N LYS D 198 44.69 22.94 12.17
CA LYS D 198 45.05 21.67 12.79
C LYS D 198 44.35 21.52 14.12
N GLN D 199 44.23 22.61 14.84
CA GLN D 199 43.61 22.59 16.15
C GLN D 199 42.15 22.16 16.05
N TYR D 200 41.49 22.49 14.94
CA TYR D 200 40.06 22.27 14.88
C TYR D 200 39.55 21.35 13.80
N LEU D 201 40.45 20.59 13.22
CA LEU D 201 40.09 19.74 12.10
C LEU D 201 39.00 18.72 12.49
N PRO D 202 39.17 18.03 13.62
CA PRO D 202 38.20 17.00 14.03
C PRO D 202 36.82 17.57 14.36
N GLN D 203 36.81 18.78 14.92
CA GLN D 203 35.56 19.46 15.24
C GLN D 203 34.90 19.89 13.95
N MET D 204 35.67 20.38 12.99
CA MET D 204 35.09 20.68 11.68
C MET D 204 34.55 19.42 11.01
N GLN D 205 35.28 18.32 11.16
CA GLN D 205 34.81 17.10 10.53
C GLN D 205 33.53 16.61 11.19
N LYS D 206 33.43 16.81 12.51
CA LYS D 206 32.29 16.31 13.26
C LYS D 206 31.08 17.17 12.88
N GLU D 207 31.29 18.48 12.70
CA GLU D 207 30.18 19.32 12.20
C GLU D 207 29.67 18.88 10.84
N TYR D 208 30.58 18.64 9.93
CA TYR D 208 30.21 18.20 8.61
C TYR D 208 29.38 16.91 8.74
N ALA D 209 29.84 15.99 9.58
CA ALA D 209 29.07 14.75 9.77
C ALA D 209 27.63 14.98 10.29
N TYR D 210 27.44 16.03 11.09
CA TYR D 210 26.14 16.37 11.60
C TYR D 210 25.26 16.78 10.41
N TRP D 211 25.78 17.66 9.58
CA TRP D 211 25.00 18.16 8.44
C TRP D 211 24.66 17.01 7.51
N MET D 212 25.63 16.12 7.28
CA MET D 212 25.45 14.99 6.31
C MET D 212 24.86 13.71 6.91
N ASP D 213 24.51 13.74 8.19
CA ASP D 213 24.01 12.55 8.88
C ASP D 213 22.89 11.81 8.12
N GLY D 214 23.09 10.53 7.84
CA GLY D 214 22.06 9.70 7.18
C GLY D 214 22.29 9.59 5.67
N VAL D 215 23.20 10.40 5.15
CA VAL D 215 23.35 10.51 3.69
C VAL D 215 23.64 9.14 3.05
N GLU D 216 24.40 8.30 3.73
CA GLU D 216 24.86 7.15 3.03
C GLU D 216 23.79 6.08 2.84
N ASN D 217 22.64 6.20 3.51
CA ASN D 217 21.57 5.20 3.31
C ASN D 217 20.34 5.80 2.64
N LEU D 218 20.51 7.04 2.21
CA LEU D 218 19.43 7.82 1.67
C LEU D 218 19.23 7.48 0.18
N GLN D 219 18.04 7.05 -0.21
CA GLN D 219 17.72 6.73 -1.60
C GLN D 219 17.46 7.98 -2.42
N ALA D 220 17.76 7.93 -3.71
CA ALA D 220 17.51 9.06 -4.61
C ALA D 220 16.04 9.47 -4.64
N GLY D 221 15.76 10.77 -4.68
CA GLY D 221 14.38 11.25 -4.60
C GLY D 221 13.84 11.40 -3.17
N GLN D 222 14.68 11.14 -2.18
CA GLN D 222 14.24 11.19 -0.78
C GLN D 222 15.08 12.18 0.04
N GLN D 223 14.56 12.52 1.22
CA GLN D 223 15.20 13.38 2.18
C GLN D 223 15.19 12.76 3.59
N GLU D 224 16.12 13.18 4.40
CA GLU D 224 16.10 12.80 5.80
C GLU D 224 16.92 13.83 6.59
N LYS D 225 16.34 14.30 7.70
CA LYS D 225 16.95 15.33 8.51
C LYS D 225 17.45 16.50 7.64
N ARG D 226 18.75 16.77 7.67
CA ARG D 226 19.30 17.93 6.96
C ARG D 226 19.88 17.59 5.59
N VAL D 227 19.63 16.37 5.09
CA VAL D 227 20.15 15.96 3.78
C VAL D 227 19.05 15.68 2.76
N VAL D 228 19.28 16.07 1.51
CA VAL D 228 18.45 15.64 0.40
C VAL D 228 19.28 14.94 -0.68
N LYS D 229 18.70 13.92 -1.30
CA LYS D 229 19.33 13.29 -2.45
C LYS D 229 18.33 13.32 -3.59
N LEU D 230 18.68 14.08 -4.64
CA LEU D 230 17.79 14.29 -5.78
C LEU D 230 17.74 13.05 -6.67
N GLN D 231 16.79 13.01 -7.61
CA GLN D 231 16.59 11.83 -8.46
C GLN D 231 17.90 11.37 -9.07
N ASP D 232 18.73 12.31 -9.56
CA ASP D 232 19.98 11.88 -10.20
C ASP D 232 21.10 11.59 -9.21
N GLY D 233 20.78 11.58 -7.92
CA GLY D 233 21.82 11.33 -6.93
C GLY D 233 22.56 12.56 -6.43
N THR D 234 22.19 13.76 -6.89
CA THR D 234 22.83 14.98 -6.39
C THR D 234 22.54 15.12 -4.88
N LEU D 235 23.58 15.38 -4.11
CA LEU D 235 23.45 15.53 -2.64
C LEU D 235 23.51 16.99 -2.23
N LEU D 236 22.48 17.46 -1.54
CA LEU D 236 22.43 18.82 -1.02
C LEU D 236 21.88 18.83 0.39
N ASN D 237 21.93 19.99 1.04
CA ASN D 237 21.43 20.09 2.39
C ASN D 237 20.23 21.02 2.49
N ARG D 238 19.47 20.86 3.56
CA ARG D 238 18.36 21.75 3.85
C ARG D 238 18.41 22.07 5.34
N TYR D 239 17.60 23.03 5.73
CA TYR D 239 17.48 23.35 7.14
C TYR D 239 16.39 22.47 7.74
N TRP D 240 16.62 22.00 8.95
CA TRP D 240 15.73 21.06 9.59
C TRP D 240 15.89 21.20 11.11
N ASP D 241 14.79 21.08 11.84
CA ASP D 241 14.80 21.06 13.31
C ASP D 241 14.22 19.71 13.69
N ASP D 242 14.83 19.05 14.69
CA ASP D 242 14.40 17.70 15.07
C ASP D 242 13.07 17.67 15.81
N ARG D 243 12.50 18.83 16.14
CA ARG D 243 11.25 18.84 16.87
C ARG D 243 10.11 19.32 16.01
N ASP D 244 8.89 19.00 16.43
CA ASP D 244 7.69 19.37 15.67
C ASP D 244 6.63 20.01 16.55
N THR D 245 7.08 20.84 17.47
CA THR D 245 6.19 21.51 18.42
C THR D 245 6.45 23.02 18.42
N PRO D 246 5.64 23.80 19.17
CA PRO D 246 5.81 25.25 19.13
C PRO D 246 7.16 25.59 19.74
N ARG D 247 7.82 26.64 19.25
CA ARG D 247 9.07 27.12 19.86
C ARG D 247 8.76 27.75 21.24
N PRO D 248 9.43 27.24 22.29
CA PRO D 248 9.25 27.79 23.63
C PRO D 248 9.37 29.33 23.62
N GLU D 249 10.40 29.85 22.93
CA GLU D 249 10.65 31.29 22.90
C GLU D 249 9.67 32.10 22.02
N SER D 250 8.77 31.42 21.31
CA SER D 250 7.72 32.07 20.49
C SER D 250 6.44 31.25 20.59
N TRP D 251 6.15 30.81 21.80
CA TRP D 251 5.13 29.82 22.08
C TRP D 251 3.75 30.24 21.59
N VAL D 252 3.24 31.38 22.05
CA VAL D 252 1.87 31.76 21.67
C VAL D 252 1.76 32.11 20.22
N GLU D 253 2.80 32.71 19.65
CA GLU D 253 2.81 33.06 18.23
C GLU D 253 2.75 31.82 17.36
N ASP D 254 3.62 30.84 17.63
CA ASP D 254 3.60 29.61 16.85
C ASP D 254 2.26 28.89 16.90
N ILE D 255 1.64 28.83 18.09
CA ILE D 255 0.34 28.19 18.20
C ILE D 255 -0.71 28.94 17.35
N ALA D 256 -0.71 30.28 17.43
CA ALA D 256 -1.63 31.07 16.61
C ALA D 256 -1.41 30.84 15.12
N THR D 257 -0.13 30.84 14.72
CA THR D 257 0.19 30.58 13.31
C THR D 257 -0.37 29.25 12.81
N ALA D 258 -0.15 28.19 13.55
CA ALA D 258 -0.63 26.91 13.08
C ALA D 258 -2.15 26.85 13.14
N LYS D 259 -2.74 27.38 14.20
CA LYS D 259 -4.19 27.29 14.34
C LYS D 259 -4.87 28.00 13.17
N SER D 260 -4.23 29.01 12.61
CA SER D 260 -4.84 29.79 11.56
C SER D 260 -4.87 29.05 10.24
N ASN D 261 -4.28 27.85 10.18
CA ASN D 261 -4.30 27.04 8.97
C ASN D 261 -4.78 25.59 9.25
N PRO D 262 -6.11 25.38 9.33
CA PRO D 262 -6.59 24.02 9.69
C PRO D 262 -6.34 23.01 8.58
N ASN D 263 -6.08 23.50 7.36
CA ASN D 263 -5.66 22.63 6.22
C ASN D 263 -4.32 21.85 6.30
N ARG D 264 -3.49 22.10 7.30
CA ARG D 264 -2.25 21.32 7.49
C ARG D 264 -2.19 20.88 8.92
N PRO D 265 -1.71 19.67 9.19
CA PRO D 265 -1.46 19.28 10.58
C PRO D 265 -0.54 20.32 11.26
N ALA D 266 -0.83 20.66 12.51
CA ALA D 266 -0.04 21.68 13.20
C ALA D 266 1.43 21.29 13.25
N THR D 267 1.71 19.99 13.47
CA THR D 267 3.08 19.51 13.65
C THR D 267 3.94 19.87 12.45
N GLU D 268 3.35 19.81 11.25
CA GLU D 268 4.09 20.13 10.03
CA GLU D 268 4.05 20.13 10.01
C GLU D 268 4.45 21.61 9.97
N ILE D 269 3.51 22.45 10.37
CA ILE D 269 3.73 23.88 10.43
C ILE D 269 4.78 24.21 11.49
N TYR D 270 4.71 23.58 12.66
CA TYR D 270 5.72 23.85 13.70
C TYR D 270 7.13 23.48 13.21
N ARG D 271 7.24 22.32 12.58
CA ARG D 271 8.51 21.90 12.04
C ARG D 271 9.08 22.90 11.01
N ASP D 272 8.20 23.40 10.14
CA ASP D 272 8.65 24.39 9.14
C ASP D 272 9.01 25.75 9.74
N LEU D 273 8.32 26.13 10.81
CA LEU D 273 8.64 27.39 11.47
C LEU D 273 10.02 27.26 12.11
N ARG D 274 10.22 26.16 12.84
CA ARG D 274 11.51 25.88 13.52
C ARG D 274 12.63 25.81 12.52
N SER D 275 12.39 25.19 11.37
CA SER D 275 13.43 25.03 10.36
C SER D 275 13.73 26.36 9.73
N ALA D 276 12.73 27.22 9.62
CA ALA D 276 13.03 28.58 9.13
C ALA D 276 13.89 29.35 10.18
N ALA D 277 13.63 29.11 11.48
CA ALA D 277 14.50 29.69 12.52
C ALA D 277 15.89 29.12 12.32
N ALA D 278 15.99 27.82 11.99
CA ALA D 278 17.33 27.26 11.70
C ALA D 278 18.04 27.95 10.53
N SER D 279 17.25 28.51 9.59
CA SER D 279 17.82 29.12 8.38
C SER D 279 18.35 30.52 8.66
N GLY D 280 17.95 31.07 9.81
CA GLY D 280 18.26 32.46 10.19
C GLY D 280 17.20 33.43 9.65
N TRP D 281 16.53 33.04 8.58
CA TRP D 281 15.47 33.83 7.94
C TRP D 281 14.07 33.50 8.50
N ASP D 282 13.87 33.70 9.81
CA ASP D 282 12.55 33.64 10.41
C ASP D 282 12.00 35.08 10.50
N PHE D 283 11.10 35.49 9.59
CA PHE D 283 10.55 34.66 8.50
C PHE D 283 10.64 35.42 7.17
N SER D 284 10.17 34.81 6.11
CA SER D 284 10.40 35.36 4.78
C SER D 284 9.50 34.77 3.72
N SER D 285 9.08 35.60 2.77
CA SER D 285 8.31 35.18 1.61
C SER D 285 9.06 34.05 0.91
N ARG D 286 10.39 34.09 1.04
CA ARG D 286 11.25 33.04 0.48
C ARG D 286 10.71 31.63 0.76
N TRP D 287 10.08 31.44 1.93
CA TRP D 287 9.62 30.10 2.27
C TRP D 287 8.15 29.81 2.04
N MET D 288 7.37 30.84 1.70
CA MET D 288 5.92 30.75 1.78
CA MET D 288 5.91 30.75 1.76
C MET D 288 5.28 30.55 0.38
N ASP D 289 4.21 29.75 0.31
CA ASP D 289 3.49 29.58 -0.96
C ASP D 289 2.67 30.84 -1.19
N ASN D 290 2.06 31.32 -0.11
CA ASN D 290 1.40 32.61 -0.14
C ASN D 290 2.25 33.67 0.58
N PRO D 291 2.81 34.64 -0.18
CA PRO D 291 3.78 35.59 0.40
C PRO D 291 3.20 36.45 1.50
N GLN D 292 1.88 36.45 1.67
CA GLN D 292 1.27 37.23 2.74
C GLN D 292 0.73 36.39 3.91
N GLN D 293 0.92 35.07 3.85
CA GLN D 293 0.47 34.19 4.95
C GLN D 293 1.59 33.28 5.45
N LEU D 294 2.13 33.66 6.60
CA LEU D 294 3.21 32.89 7.22
C LEU D 294 2.84 31.41 7.32
N ASN D 295 1.57 31.13 7.59
CA ASN D 295 1.13 29.75 7.83
C ASN D 295 1.17 28.86 6.60
N THR D 296 1.58 29.42 5.46
CA THR D 296 1.77 28.62 4.27
C THR D 296 3.25 28.27 4.07
N LEU D 297 4.12 28.55 5.04
CA LEU D 297 5.55 28.28 4.80
C LEU D 297 5.84 26.79 4.73
N ARG D 298 6.86 26.43 3.97
CA ARG D 298 7.26 25.04 3.79
C ARG D 298 8.77 24.86 3.65
N THR D 299 9.48 25.44 4.61
CA THR D 299 10.94 25.50 4.63
C THR D 299 11.63 24.17 4.39
N THR D 300 11.11 23.10 4.99
CA THR D 300 11.77 21.79 4.80
C THR D 300 11.63 21.15 3.41
N SER D 301 10.83 21.74 2.54
CA SER D 301 10.70 21.19 1.18
C SER D 301 11.47 22.05 0.20
N ILE D 302 12.35 22.91 0.73
CA ILE D 302 13.08 23.87 -0.08
C ILE D 302 14.56 23.75 0.16
N VAL D 303 15.34 23.59 -0.90
CA VAL D 303 16.77 23.37 -0.75
C VAL D 303 17.41 24.73 -0.84
N PRO D 304 18.06 25.20 0.25
CA PRO D 304 18.49 26.59 0.21
C PRO D 304 19.83 26.81 -0.48
N VAL D 305 19.93 27.85 -1.30
CA VAL D 305 21.19 28.10 -2.04
C VAL D 305 22.27 28.70 -1.13
N ASP D 306 21.86 29.46 -0.10
CA ASP D 306 22.84 29.97 0.87
C ASP D 306 23.46 28.80 1.66
N LEU D 307 22.60 27.96 2.24
CA LEU D 307 23.12 26.87 3.03
C LEU D 307 24.08 26.06 2.17
N ASN D 308 23.70 25.77 0.94
CA ASN D 308 24.55 24.89 0.16
C ASN D 308 25.89 25.51 -0.28
N SER D 309 25.89 26.83 -0.46
CA SER D 309 27.11 27.58 -0.69
C SER D 309 27.98 27.44 0.56
N LEU D 310 27.33 27.53 1.71
CA LEU D 310 28.10 27.41 2.94
C LEU D 310 28.66 26.00 3.08
N MET D 311 27.93 25.00 2.62
CA MET D 311 28.44 23.63 2.70
C MET D 311 29.64 23.42 1.76
N PHE D 312 29.60 24.03 0.58
CA PHE D 312 30.74 23.98 -0.36
C PHE D 312 31.95 24.58 0.35
N LYS D 313 31.75 25.74 0.95
CA LYS D 313 32.82 26.41 1.67
C LYS D 313 33.39 25.48 2.78
N MET D 314 32.50 24.82 3.52
CA MET D 314 32.94 23.87 4.55
C MET D 314 33.84 22.77 3.97
N GLU D 315 33.36 22.15 2.89
CA GLU D 315 34.12 21.12 2.21
C GLU D 315 35.48 21.64 1.70
N LYS D 316 35.51 22.82 1.09
CA LYS D 316 36.79 23.43 0.69
C LYS D 316 37.71 23.68 1.89
N ILE D 317 37.16 24.10 3.03
CA ILE D 317 38.05 24.34 4.17
C ILE D 317 38.52 23.06 4.80
N LEU D 318 37.65 22.04 4.79
CA LEU D 318 38.05 20.73 5.27
C LEU D 318 39.24 20.19 4.43
N ALA D 319 39.19 20.37 3.12
CA ALA D 319 40.35 20.04 2.27
C ALA D 319 41.60 20.82 2.70
N ARG D 320 41.48 22.11 2.92
CA ARG D 320 42.64 22.89 3.28
C ARG D 320 43.21 22.46 4.66
N ALA D 321 42.32 22.11 5.59
CA ALA D 321 42.79 21.74 6.90
C ALA D 321 43.42 20.35 6.87
N SER D 322 42.83 19.45 6.08
CA SER D 322 43.43 18.13 5.87
C SER D 322 44.86 18.25 5.36
N LYS D 323 45.03 19.05 4.32
CA LYS D 323 46.37 19.34 3.78
C LYS D 323 47.31 19.91 4.84
N ALA D 324 46.85 20.91 5.59
CA ALA D 324 47.68 21.48 6.65
C ALA D 324 48.01 20.46 7.72
N ALA D 325 47.16 19.45 7.88
CA ALA D 325 47.47 18.38 8.84
C ALA D 325 48.41 17.38 8.20
N GLY D 326 48.73 17.57 6.93
CA GLY D 326 49.65 16.65 6.24
C GLY D 326 48.93 15.43 5.71
N ASP D 327 47.62 15.55 5.47
CA ASP D 327 46.82 14.42 4.98
C ASP D 327 46.37 14.70 3.55
N ASN D 328 47.25 14.42 2.59
CA ASN D 328 46.99 14.81 1.21
C ASN D 328 45.91 14.04 0.54
N ALA D 329 45.87 12.73 0.76
CA ALA D 329 44.82 11.93 0.15
C ALA D 329 43.47 12.38 0.72
N MET D 330 43.43 12.63 2.03
CA MET D 330 42.17 13.11 2.65
C MET D 330 41.74 14.46 2.07
N ALA D 331 42.71 15.36 1.86
CA ALA D 331 42.37 16.67 1.27
C ALA D 331 41.72 16.51 -0.11
N ASN D 332 42.28 15.62 -0.92
CA ASN D 332 41.68 15.28 -2.21
C ASN D 332 40.26 14.72 -2.12
N GLN D 333 40.00 13.93 -1.07
CA GLN D 333 38.63 13.48 -0.88
C GLN D 333 37.68 14.65 -0.65
N TYR D 334 38.09 15.59 0.20
CA TYR D 334 37.24 16.77 0.43
C TYR D 334 37.10 17.65 -0.81
N GLU D 335 38.16 17.77 -1.64
CA GLU D 335 38.04 18.52 -2.91
C GLU D 335 37.04 17.86 -3.83
N THR D 336 37.10 16.54 -3.93
CA THR D 336 36.14 15.81 -4.75
C THR D 336 34.72 16.09 -4.26
N LEU D 337 34.51 15.98 -2.95
CA LEU D 337 33.20 16.35 -2.37
C LEU D 337 32.76 17.78 -2.75
N ALA D 338 33.69 18.73 -2.67
CA ALA D 338 33.35 20.13 -2.94
C ALA D 338 33.03 20.34 -4.41
N ASN D 339 33.73 19.59 -5.27
CA ASN D 339 33.50 19.69 -6.70
C ASN D 339 32.10 19.23 -7.03
N ALA D 340 31.64 18.17 -6.35
CA ALA D 340 30.28 17.69 -6.59
C ALA D 340 29.25 18.71 -6.10
N ARG D 341 29.56 19.33 -4.96
CA ARG D 341 28.65 20.34 -4.40
C ARG D 341 28.49 21.49 -5.39
N GLN D 342 29.62 21.93 -5.94
CA GLN D 342 29.61 23.02 -6.89
C GLN D 342 28.77 22.68 -8.14
N LYS D 343 28.94 21.47 -8.70
CA LYS D 343 28.06 21.03 -9.79
C LYS D 343 26.59 21.04 -9.39
N GLY D 344 26.30 20.55 -8.19
CA GLY D 344 24.93 20.61 -7.71
C GLY D 344 24.39 22.02 -7.65
N ILE D 345 25.20 22.94 -7.19
CA ILE D 345 24.72 24.31 -7.07
C ILE D 345 24.39 24.90 -8.46
N GLU D 346 25.33 24.74 -9.39
CA GLU D 346 25.18 25.28 -10.75
C GLU D 346 24.01 24.65 -11.53
N LYS D 347 23.67 23.40 -11.21
CA LYS D 347 22.56 22.76 -11.91
C LYS D 347 21.23 23.02 -11.23
N TYR D 348 21.20 22.87 -9.90
CA TYR D 348 19.90 22.87 -9.23
C TYR D 348 19.55 24.15 -8.48
N LEU D 349 20.51 25.05 -8.35
CA LEU D 349 20.32 26.25 -7.51
C LEU D 349 20.54 27.52 -8.33
N TRP D 350 20.49 27.35 -9.64
CA TRP D 350 20.57 28.49 -10.55
C TRP D 350 19.33 28.46 -11.44
N ASN D 351 18.65 29.59 -11.53
CA ASN D 351 17.47 29.71 -12.37
C ASN D 351 17.84 30.32 -13.73
N ASP D 352 17.85 29.51 -14.79
CA ASP D 352 18.37 30.07 -16.06
C ASP D 352 17.34 30.96 -16.79
N GLN D 353 16.05 30.74 -16.58
CA GLN D 353 15.02 31.65 -17.11
C GLN D 353 15.21 33.08 -16.58
N GLN D 354 15.33 33.25 -15.27
CA GLN D 354 15.48 34.59 -14.68
C GLN D 354 16.90 35.11 -14.71
N GLY D 355 17.88 34.23 -14.74
CA GLY D 355 19.28 34.68 -14.70
C GLY D 355 19.83 34.97 -13.30
N TRP D 356 19.43 34.17 -12.30
CA TRP D 356 20.03 34.35 -10.97
C TRP D 356 19.95 33.09 -10.15
N TYR D 357 20.79 32.99 -9.12
CA TYR D 357 20.76 31.85 -8.22
C TYR D 357 19.46 31.88 -7.40
N ALA D 358 18.99 30.71 -7.02
CA ALA D 358 17.74 30.61 -6.29
C ALA D 358 17.66 29.26 -5.59
N ASP D 359 16.68 29.10 -4.70
CA ASP D 359 16.47 27.82 -3.99
C ASP D 359 15.84 26.77 -4.91
N TYR D 360 15.95 25.48 -4.57
CA TYR D 360 15.31 24.44 -5.35
C TYR D 360 14.07 23.92 -4.63
N ASP D 361 12.97 23.75 -5.38
CA ASP D 361 11.69 23.32 -4.78
C ASP D 361 11.54 21.79 -4.84
N LEU D 362 11.42 21.15 -3.70
CA LEU D 362 11.33 19.70 -3.72
C LEU D 362 9.91 19.21 -4.04
N LYS D 363 8.90 20.06 -3.91
CA LYS D 363 7.54 19.63 -4.28
C LYS D 363 7.37 19.67 -5.78
N SER D 364 7.70 20.82 -6.36
CA SER D 364 7.53 20.99 -7.79
C SER D 364 8.74 20.51 -8.58
N HIS D 365 9.82 20.13 -7.89
CA HIS D 365 11.01 19.65 -8.59
C HIS D 365 11.50 20.68 -9.60
N LYS D 366 11.45 21.95 -9.22
CA LYS D 366 11.89 23.01 -10.11
C LYS D 366 12.78 23.97 -9.33
N VAL D 367 13.67 24.68 -10.03
CA VAL D 367 14.28 25.85 -9.39
C VAL D 367 13.20 26.89 -9.09
N ARG D 368 13.25 27.49 -7.91
CA ARG D 368 12.30 28.52 -7.58
C ARG D 368 12.59 29.85 -8.32
N ASN D 369 11.56 30.67 -8.43
CA ASN D 369 11.65 31.91 -9.18
C ASN D 369 12.24 33.11 -8.47
N GLN D 370 11.86 33.26 -7.20
CA GLN D 370 12.12 34.48 -6.47
C GLN D 370 13.61 34.74 -6.30
N LEU D 371 13.99 36.00 -6.51
CA LEU D 371 15.31 36.46 -6.24
C LEU D 371 15.38 37.00 -4.79
N THR D 372 16.33 36.50 -4.02
CA THR D 372 16.58 37.07 -2.67
C THR D 372 18.08 37.30 -2.54
N ALA D 373 18.48 38.06 -1.53
CA ALA D 373 19.88 38.24 -1.18
C ALA D 373 20.65 36.93 -0.94
N ALA D 374 19.95 35.82 -0.69
CA ALA D 374 20.65 34.51 -0.61
C ALA D 374 21.38 34.19 -1.92
N ALA D 375 20.91 34.77 -3.03
CA ALA D 375 21.48 34.46 -4.36
C ALA D 375 22.94 34.91 -4.47
N LEU D 376 23.42 35.72 -3.54
CA LEU D 376 24.81 36.17 -3.61
C LEU D 376 25.80 35.19 -2.97
N PHE D 377 25.29 34.23 -2.21
CA PHE D 377 26.18 33.27 -1.50
C PHE D 377 27.10 32.47 -2.42
N PRO D 378 26.61 32.07 -3.61
CA PRO D 378 27.53 31.36 -4.50
C PRO D 378 28.77 32.22 -4.86
N LEU D 379 28.58 33.54 -4.89
CA LEU D 379 29.72 34.41 -5.16
C LEU D 379 30.59 34.50 -3.92
N TYR D 380 29.93 34.58 -2.78
CA TYR D 380 30.65 34.80 -1.53
C TYR D 380 31.64 33.65 -1.32
N VAL D 381 31.22 32.44 -1.70
CA VAL D 381 32.07 31.26 -1.47
C VAL D 381 32.93 30.85 -2.66
N ASN D 382 32.87 31.61 -3.76
CA ASN D 382 33.65 31.30 -4.96
C ASN D 382 33.25 30.00 -5.64
N ALA D 383 31.96 29.68 -5.61
CA ALA D 383 31.46 28.49 -6.26
C ALA D 383 30.96 28.87 -7.65
N ALA D 384 30.57 30.13 -7.81
CA ALA D 384 29.86 30.56 -9.02
C ALA D 384 30.78 30.71 -10.22
N ALA D 385 30.24 30.46 -11.41
CA ALA D 385 30.92 30.74 -12.68
C ALA D 385 31.06 32.25 -12.86
N LYS D 386 32.17 32.69 -13.45
CA LYS D 386 32.33 34.13 -13.71
C LYS D 386 31.12 34.73 -14.46
N ASP D 387 30.59 34.02 -15.44
CA ASP D 387 29.49 34.60 -16.21
C ASP D 387 28.22 34.77 -15.37
N ARG D 388 28.00 33.81 -14.49
CA ARG D 388 26.87 33.92 -13.58
C ARG D 388 27.09 34.98 -12.51
N ALA D 389 28.34 35.21 -12.10
CA ALA D 389 28.62 36.26 -11.12
C ALA D 389 28.28 37.61 -11.73
N ASN D 390 28.68 37.80 -12.99
CA ASN D 390 28.31 39.02 -13.71
C ASN D 390 26.82 39.23 -13.76
N LYS D 391 26.08 38.19 -14.11
CA LYS D 391 24.64 38.28 -14.13
C LYS D 391 24.09 38.62 -12.74
N MET D 392 24.74 38.11 -11.69
CA MET D 392 24.30 38.42 -10.33
C MET D 392 24.53 39.89 -9.99
N ALA D 393 25.61 40.47 -10.50
CA ALA D 393 25.83 41.91 -10.27
C ALA D 393 24.70 42.74 -10.86
N THR D 394 24.27 42.37 -12.07
CA THR D 394 23.19 43.04 -12.76
C THR D 394 21.88 42.84 -12.02
N ALA D 395 21.61 41.59 -11.62
CA ALA D 395 20.40 41.29 -10.90
C ALA D 395 20.38 42.12 -9.62
N THR D 396 21.52 42.18 -8.96
CA THR D 396 21.60 42.91 -7.70
C THR D 396 21.31 44.40 -7.89
N LYS D 397 22.04 45.05 -8.80
CA LYS D 397 21.79 46.45 -9.15
C LYS D 397 20.29 46.71 -9.44
N THR D 398 19.69 45.85 -10.25
CA THR D 398 18.30 46.05 -10.70
C THR D 398 17.20 45.81 -9.65
N HIS D 399 17.38 44.80 -8.79
CA HIS D 399 16.26 44.34 -7.96
C HIS D 399 16.43 44.53 -6.46
N LEU D 400 17.69 44.49 -5.99
CA LEU D 400 17.97 44.51 -4.55
C LEU D 400 18.64 45.79 -3.99
N LEU D 401 19.51 46.46 -4.74
CA LEU D 401 20.22 47.63 -4.21
C LEU D 401 19.22 48.77 -4.00
N GLN D 402 19.25 49.37 -2.83
CA GLN D 402 18.33 50.44 -2.45
C GLN D 402 19.17 51.52 -1.79
N PRO D 403 18.58 52.70 -1.56
CA PRO D 403 19.39 53.80 -1.05
C PRO D 403 20.03 53.53 0.31
N GLY D 404 19.39 52.68 1.12
CA GLY D 404 19.89 52.36 2.46
C GLY D 404 20.64 51.04 2.58
N GLY D 405 20.90 50.39 1.44
CA GLY D 405 21.68 49.15 1.40
C GLY D 405 21.03 48.05 0.57
N LEU D 406 21.50 46.82 0.75
CA LEU D 406 20.94 45.66 0.04
C LEU D 406 19.60 45.15 0.61
N ASN D 407 18.56 45.14 -0.21
CA ASN D 407 17.28 44.64 0.25
C ASN D 407 17.33 43.12 0.42
N THR D 408 16.67 42.60 1.45
CA THR D 408 16.65 41.15 1.69
C THR D 408 15.89 40.39 0.58
N THR D 409 14.74 40.91 0.19
CA THR D 409 14.05 40.45 -1.01
C THR D 409 13.37 41.68 -1.58
N SER D 410 12.59 41.51 -2.64
CA SER D 410 11.84 42.67 -3.09
C SER D 410 10.37 42.47 -2.76
N VAL D 411 10.09 41.56 -1.82
CA VAL D 411 8.72 41.38 -1.39
C VAL D 411 8.47 41.99 -0.01
N LYS D 412 7.51 42.91 0.06
CA LYS D 412 7.10 43.49 1.34
C LYS D 412 6.01 42.62 1.90
N SER D 413 6.39 41.63 2.68
CA SER D 413 5.45 40.62 3.13
C SER D 413 4.93 40.98 4.49
N GLY D 414 5.62 41.88 5.17
CA GLY D 414 5.34 42.12 6.58
C GLY D 414 6.29 41.32 7.48
N GLN D 415 7.06 40.39 6.91
CA GLN D 415 8.01 39.60 7.72
C GLN D 415 9.38 40.26 7.72
N GLN D 416 10.22 39.86 8.66
CA GLN D 416 11.55 40.49 8.84
C GLN D 416 12.56 40.23 7.73
N TRP D 417 12.58 39.03 7.17
CA TRP D 417 13.55 38.72 6.12
C TRP D 417 12.90 38.92 4.72
N ASP D 418 12.65 40.19 4.42
CA ASP D 418 11.93 40.62 3.19
C ASP D 418 12.06 42.15 3.11
N ALA D 419 11.74 42.73 1.96
CA ALA D 419 11.67 44.17 1.83
C ALA D 419 10.73 44.72 2.90
N PRO D 420 11.07 45.89 3.48
CA PRO D 420 12.23 46.71 3.12
C PRO D 420 13.43 46.49 4.04
N ASN D 421 13.50 45.34 4.73
CA ASN D 421 14.60 45.13 5.69
C ASN D 421 15.96 44.81 5.10
N GLY D 422 16.97 45.53 5.58
CA GLY D 422 18.36 45.20 5.27
C GLY D 422 19.05 44.67 6.51
N TRP D 423 19.71 43.52 6.34
CA TRP D 423 20.38 42.82 7.43
C TRP D 423 21.88 42.84 7.18
N ALA D 424 22.64 43.32 8.15
CA ALA D 424 24.11 43.35 8.05
C ALA D 424 24.81 42.13 7.45
N PRO D 425 24.52 40.90 7.94
CA PRO D 425 25.23 39.75 7.37
C PRO D 425 25.08 39.65 5.84
N LEU D 426 23.90 40.00 5.32
CA LEU D 426 23.66 39.89 3.88
C LEU D 426 24.36 41.02 3.14
N GLN D 427 24.48 42.18 3.77
CA GLN D 427 25.25 43.27 3.16
C GLN D 427 26.67 42.82 2.90
N TRP D 428 27.25 42.18 3.92
CA TRP D 428 28.66 41.79 3.88
C TRP D 428 28.87 40.62 2.90
N VAL D 429 27.97 39.64 2.93
CA VAL D 429 28.05 38.50 2.02
C VAL D 429 27.97 39.02 0.58
N ALA D 430 27.10 40.00 0.32
CA ALA D 430 26.94 40.51 -1.04
C ALA D 430 28.20 41.26 -1.45
N THR D 431 28.66 42.13 -0.57
CA THR D 431 29.86 42.94 -0.81
C THR D 431 31.06 42.09 -1.12
N GLU D 432 31.34 41.11 -0.26
CA GLU D 432 32.47 40.21 -0.43
C GLU D 432 32.29 39.36 -1.67
N GLY D 433 31.07 38.86 -1.87
CA GLY D 433 30.78 38.04 -3.04
C GLY D 433 31.12 38.80 -4.32
N LEU D 434 30.59 40.01 -4.45
CA LEU D 434 30.82 40.82 -5.64
C LEU D 434 32.31 41.15 -5.86
N GLN D 435 33.00 41.52 -4.79
CA GLN D 435 34.43 41.79 -4.87
C GLN D 435 35.24 40.60 -5.36
N ASN D 436 34.83 39.39 -4.97
CA ASN D 436 35.50 38.18 -5.42
C ASN D 436 35.55 38.09 -6.95
N TYR D 437 34.61 38.72 -7.62
CA TYR D 437 34.49 38.66 -9.06
C TYR D 437 34.68 40.02 -9.71
N GLY D 438 35.41 40.89 -9.03
CA GLY D 438 35.72 42.23 -9.52
C GLY D 438 34.55 43.15 -9.79
N GLN D 439 33.42 42.94 -9.12
CA GLN D 439 32.30 43.84 -9.30
C GLN D 439 32.35 44.89 -8.20
N LYS D 440 33.41 45.69 -8.25
CA LYS D 440 33.73 46.68 -7.20
C LYS D 440 32.67 47.73 -7.06
N GLU D 441 32.19 48.26 -8.19
CA GLU D 441 31.19 49.31 -8.10
C GLU D 441 29.93 48.88 -7.33
N VAL D 442 29.33 47.73 -7.65
CA VAL D 442 28.11 47.35 -6.91
C VAL D 442 28.47 47.08 -5.45
N ALA D 443 29.63 46.45 -5.24
CA ALA D 443 30.09 46.16 -3.90
C ALA D 443 30.14 47.42 -3.07
N MET D 444 30.76 48.45 -3.66
CA MET D 444 31.00 49.73 -2.99
C MET D 444 29.67 50.45 -2.75
N ASP D 445 28.74 50.33 -3.70
CA ASP D 445 27.41 50.92 -3.54
C ASP D 445 26.66 50.33 -2.35
N ILE D 446 26.70 49.01 -2.22
CA ILE D 446 26.06 48.36 -1.07
C ILE D 446 26.69 48.91 0.19
N SER D 447 28.02 48.92 0.23
CA SER D 447 28.77 49.33 1.40
C SER D 447 28.48 50.75 1.80
N TRP D 448 28.53 51.67 0.84
CA TRP D 448 28.30 53.08 1.16
C TRP D 448 26.87 53.32 1.57
N HIS D 449 25.94 52.68 0.88
CA HIS D 449 24.53 52.88 1.17
C HIS D 449 24.20 52.39 2.57
N PHE D 450 24.67 51.19 2.89
CA PHE D 450 24.35 50.59 4.21
C PHE D 450 25.05 51.37 5.33
N LEU D 451 26.33 51.70 5.14
CA LEU D 451 27.05 52.49 6.15
C LEU D 451 26.33 53.81 6.39
N THR D 452 25.84 54.42 5.32
CA THR D 452 25.21 55.72 5.47
C THR D 452 23.98 55.55 6.33
N ASN D 453 23.24 54.47 6.08
CA ASN D 453 22.09 54.15 6.88
C ASN D 453 22.48 53.94 8.38
N VAL D 454 23.54 53.16 8.60
CA VAL D 454 24.07 52.94 9.96
C VAL D 454 24.51 54.24 10.64
N GLN D 455 25.34 55.03 9.97
CA GLN D 455 25.77 56.31 10.52
C GLN D 455 24.58 57.22 10.87
N HIS D 456 23.57 57.27 10.00
CA HIS D 456 22.39 58.10 10.26
CA HIS D 456 22.46 58.14 10.28
C HIS D 456 21.73 57.75 11.57
N THR D 457 21.54 56.45 11.81
CA THR D 457 20.88 56.01 13.04
C THR D 457 21.82 56.30 14.22
N TYR D 458 23.12 56.11 14.02
CA TYR D 458 24.08 56.45 15.09
C TYR D 458 24.02 57.94 15.49
N ASP D 459 24.08 58.84 14.50
CA ASP D 459 23.96 60.30 14.75
C ASP D 459 22.69 60.68 15.50
N ARG D 460 21.55 60.17 15.03
CA ARG D 460 20.28 60.51 15.64
C ARG D 460 20.07 59.79 16.98
N GLU D 461 20.38 58.49 17.03
CA GLU D 461 20.03 57.72 18.22
C GLU D 461 21.19 57.31 19.09
N LYS D 462 22.43 57.44 18.60
CA LYS D 462 23.60 57.01 19.39
C LYS D 462 23.63 55.49 19.59
N LYS D 463 23.11 54.72 18.64
CA LYS D 463 23.20 53.27 18.77
C LYS D 463 23.27 52.58 17.43
N LEU D 464 23.50 51.27 17.48
CA LEU D 464 23.34 50.42 16.32
C LEU D 464 22.28 49.37 16.64
N VAL D 465 21.53 48.97 15.63
CA VAL D 465 20.39 48.08 15.83
C VAL D 465 20.52 46.85 14.93
N GLU D 466 19.61 45.91 15.08
CA GLU D 466 19.74 44.59 14.44
C GLU D 466 19.55 44.60 12.92
N LYS D 467 18.72 45.54 12.45
CA LYS D 467 18.35 45.61 11.04
C LYS D 467 18.05 47.07 10.71
N TYR D 468 17.96 47.37 9.41
CA TYR D 468 17.76 48.74 8.94
C TYR D 468 16.75 48.74 7.81
N ASP D 469 15.89 49.75 7.77
CA ASP D 469 15.03 50.01 6.61
C ASP D 469 15.87 50.57 5.43
N VAL D 470 15.99 49.82 4.34
CA VAL D 470 16.83 50.30 3.23
C VAL D 470 16.14 51.25 2.24
N SER D 471 14.87 51.56 2.41
CA SER D 471 14.17 52.43 1.41
C SER D 471 14.56 53.91 1.50
N THR D 472 15.07 54.33 2.67
CA THR D 472 15.81 55.60 2.84
C THR D 472 17.03 55.37 3.76
N THR D 473 17.99 56.31 3.78
CA THR D 473 19.17 56.22 4.67
C THR D 473 19.05 56.97 6.01
N TYR D 482 8.49 41.07 18.51
CA TYR D 482 9.38 41.73 19.49
C TYR D 482 9.93 43.08 18.94
N PRO D 483 10.12 44.07 19.80
CA PRO D 483 10.54 45.36 19.23
C PRO D 483 11.99 45.37 18.69
N LEU D 484 12.35 46.41 17.97
CA LEU D 484 13.69 46.51 17.37
C LEU D 484 14.76 46.45 18.46
N GLN D 485 15.75 45.55 18.33
CA GLN D 485 16.78 45.39 19.39
C GLN D 485 18.07 46.15 19.06
N ASP D 486 18.79 46.58 20.08
CA ASP D 486 20.00 47.40 19.94
CA ASP D 486 20.02 47.32 19.80
C ASP D 486 21.27 46.66 20.36
N GLY D 487 22.43 47.16 19.92
CA GLY D 487 23.72 46.56 20.24
C GLY D 487 24.75 46.97 19.19
N PHE D 488 24.82 46.22 18.08
CA PHE D 488 24.15 44.93 17.93
C PHE D 488 25.14 44.07 17.16
N GLY D 489 25.51 42.92 17.74
CA GLY D 489 26.65 42.10 17.29
C GLY D 489 27.05 42.15 15.81
N TRP D 490 26.21 41.62 14.92
CA TRP D 490 26.64 41.53 13.53
C TRP D 490 26.63 42.88 12.80
N THR D 491 25.78 43.82 13.22
CA THR D 491 25.79 45.16 12.66
C THR D 491 27.13 45.83 12.98
N ASN D 492 27.52 45.78 14.25
CA ASN D 492 28.82 46.29 14.69
C ASN D 492 30.03 45.73 13.93
N GLY D 493 30.09 44.40 13.79
CA GLY D 493 31.20 43.75 13.09
C GLY D 493 31.27 44.15 11.62
N VAL D 494 30.13 44.09 10.94
CA VAL D 494 30.08 44.43 9.53
C VAL D 494 30.39 45.91 9.30
N THR D 495 29.95 46.76 10.22
CA THR D 495 30.19 48.18 10.09
C THR D 495 31.67 48.50 10.11
N LEU D 496 32.40 47.82 11.00
CA LEU D 496 33.85 47.97 11.06
C LEU D 496 34.52 47.53 9.74
N LYS D 497 34.09 46.39 9.19
CA LYS D 497 34.70 45.89 7.95
C LYS D 497 34.44 46.84 6.77
N MET D 498 33.24 47.40 6.70
CA MET D 498 32.89 48.27 5.58
C MET D 498 33.57 49.62 5.74
N LEU D 499 33.53 50.16 6.95
CA LEU D 499 34.29 51.38 7.25
C LEU D 499 35.70 51.29 6.68
N ASP D 500 36.41 50.21 6.98
CA ASP D 500 37.79 50.02 6.49
C ASP D 500 37.83 49.95 4.97
N LEU D 501 36.79 49.34 4.39
CA LEU D 501 36.73 49.13 2.95
C LEU D 501 36.59 50.45 2.20
N ILE D 502 35.78 51.37 2.71
CA ILE D 502 35.41 52.57 1.96
C ILE D 502 36.38 53.76 2.09
N CYS D 503 37.36 53.67 3.00
CA CYS D 503 38.35 54.74 3.19
C CYS D 503 39.72 54.14 2.96
N PRO D 504 40.70 54.95 2.53
CA PRO D 504 41.99 54.33 2.24
C PRO D 504 42.58 53.67 3.47
N LYS D 505 43.39 52.63 3.28
CA LYS D 505 43.99 51.91 4.42
C LYS D 505 44.87 52.82 5.27
N GLU D 506 45.47 53.84 4.64
CA GLU D 506 46.46 54.68 5.29
C GLU D 506 45.83 55.86 6.00
N GLN D 507 44.58 56.19 5.64
CA GLN D 507 43.81 57.23 6.32
C GLN D 507 42.40 56.74 6.57
N PRO D 508 42.25 55.89 7.58
CA PRO D 508 40.96 55.30 7.90
C PRO D 508 39.98 56.33 8.43
N CYS D 509 38.69 56.10 8.23
CA CYS D 509 37.67 56.99 8.79
CA CYS D 509 37.64 56.97 8.77
C CYS D 509 37.04 56.36 10.04
N ASP D 510 36.56 57.19 10.94
CA ASP D 510 35.93 56.70 12.15
C ASP D 510 34.43 56.94 12.11
N ASN D 511 34.00 57.72 11.12
CA ASN D 511 32.58 57.91 10.77
C ASN D 511 32.46 57.84 9.26
N VAL D 512 31.27 57.52 8.76
CA VAL D 512 31.11 57.45 7.32
C VAL D 512 31.27 58.87 6.75
N PRO D 513 32.18 59.06 5.77
CA PRO D 513 32.29 60.40 5.21
C PRO D 513 30.97 60.78 4.57
N ALA D 514 30.49 62.00 4.79
CA ALA D 514 29.23 62.45 4.24
C ALA D 514 29.25 62.60 2.72
N THR D 515 30.44 62.83 2.16
CA THR D 515 30.63 62.92 0.70
C THR D 515 31.55 61.80 0.29
N ARG D 516 31.13 61.02 -0.69
CA ARG D 516 31.80 59.78 -1.07
C ARG D 516 33.27 59.91 -1.54
O4 LG9 E . 8.68 -17.94 -17.10
C9 LG9 E . 8.00 -19.19 -17.34
C1 LG9 E . 6.98 -19.10 -18.48
C5 LG9 E . 7.66 -19.08 -19.85
C4 LG9 E . 6.95 -18.28 -20.94
O1 LG9 E . 7.61 -17.04 -21.12
C6 LG9 E . 6.96 -19.14 -22.22
O2 LG9 E . 6.01 -18.68 -23.18
C7 LG9 E . 6.50 -20.48 -21.66
C8 LG9 E . 6.92 -21.77 -22.41
O3 LG9 E . 8.22 -21.68 -22.98
N4 LG9 E . 7.16 -20.35 -20.33
C3 LG9 E . 7.06 -21.35 -19.29
C2 LG9 E . 6.24 -20.43 -18.40
C1 GLC F . 3.93 -21.09 -19.16
C2 GLC F . 2.62 -20.44 -19.61
C3 GLC F . 1.90 -19.78 -18.43
C4 GLC F . 1.68 -20.84 -17.36
C5 GLC F . 3.05 -21.34 -16.93
C6 GLC F . 2.92 -22.35 -15.80
O1 GLC F . 4.89 -20.09 -18.83
O2 GLC F . 2.89 -19.46 -20.61
O3 GLC F . 0.68 -19.23 -18.87
O4 GLC F . 1.03 -20.26 -16.22
O5 GLC F . 3.73 -21.91 -18.05
O6 GLC F . 4.21 -22.89 -15.50
S SO4 G . 28.23 -38.00 -28.41
O1 SO4 G . 26.95 -38.07 -29.09
O2 SO4 G . 29.25 -37.41 -29.28
O3 SO4 G . 28.08 -37.21 -27.19
O4 SO4 G . 28.67 -39.35 -28.04
S SO4 H . -12.51 -10.75 -24.66
O1 SO4 H . -13.84 -10.72 -24.04
O2 SO4 H . -12.49 -11.78 -25.67
O3 SO4 H . -12.32 -9.48 -25.35
O4 SO4 H . -11.50 -10.92 -23.62
S SO4 I . -1.76 10.03 -16.94
O1 SO4 I . -2.98 9.41 -17.39
O2 SO4 I . -1.14 10.89 -17.96
O3 SO4 I . -2.05 10.88 -15.79
O4 SO4 I . -0.81 9.00 -16.53
S SO4 J . 5.07 -19.99 -13.04
O1 SO4 J . 3.98 -20.18 -12.09
O2 SO4 J . 5.24 -21.14 -13.91
O3 SO4 J . 4.75 -18.82 -13.84
O4 SO4 J . 6.33 -19.78 -12.33
S SO4 K . 33.71 -29.49 -23.93
O1 SO4 K . 32.86 -30.37 -23.12
O2 SO4 K . 34.11 -30.15 -25.18
O3 SO4 K . 32.95 -28.29 -24.22
O4 SO4 K . 34.89 -29.04 -23.22
S SO4 L . 1.36 -7.09 -56.74
O1 SO4 L . 1.29 -8.30 -57.57
O2 SO4 L . 1.98 -6.02 -57.53
O3 SO4 L . 0.03 -6.68 -56.32
O4 SO4 L . 2.15 -7.40 -55.53
S SO4 M . 32.16 -27.00 -37.14
O1 SO4 M . 31.42 -28.24 -37.31
O2 SO4 M . 33.38 -27.03 -37.92
O3 SO4 M . 31.36 -25.86 -37.59
O4 SO4 M . 32.51 -26.89 -35.72
S SO4 N . 15.95 -25.82 -11.72
O1 SO4 N . 15.70 -27.21 -12.11
O2 SO4 N . 17.38 -25.75 -11.40
O3 SO4 N . 15.70 -24.85 -12.81
O4 SO4 N . 15.10 -25.43 -10.60
S SO4 O . 29.44 -12.52 -44.30
O1 SO4 O . 28.92 -13.71 -44.96
O2 SO4 O . 29.19 -11.36 -45.16
O3 SO4 O . 28.78 -12.32 -43.02
O4 SO4 O . 30.88 -12.65 -44.08
CA CA P . 8.80 -29.53 -43.36
O4 LG9 Q . 9.97 -8.92 20.61
C9 LG9 Q . 11.28 -8.37 20.81
C1 LG9 Q . 11.30 -7.21 21.82
C5 LG9 Q . 10.82 -7.63 23.21
C4 LG9 Q . 10.14 -6.49 24.01
O1 LG9 Q . 8.72 -6.61 24.13
C6 LG9 Q . 10.77 -6.57 25.41
O2 LG9 Q . 10.56 -5.35 26.12
C7 LG9 Q . 12.27 -6.81 25.12
C8 LG9 Q . 13.18 -7.45 26.18
O3 LG9 Q . 12.61 -8.60 26.76
N4 LG9 Q . 12.13 -7.54 23.86
C3 LG9 Q . 13.28 -7.86 23.06
C2 LG9 Q . 12.81 -6.94 21.92
C1 GLC R . 14.06 -4.88 22.52
C2 GLC R . 13.87 -3.38 22.70
C3 GLC R . 13.66 -2.75 21.35
C4 GLC R . 14.88 -3.05 20.46
C5 GLC R . 14.94 -4.59 20.30
C6 GLC R . 16.08 -5.00 19.37
O1 GLC R . 12.81 -5.51 22.21
O2 GLC R . 12.74 -3.11 23.49
O3 GLC R . 13.52 -1.37 21.50
O4 GLC R . 14.72 -2.40 19.21
O5 GLC R . 15.09 -5.19 21.58
O6 GLC R . 16.19 -6.40 19.29
S SO4 S . 16.52 -7.81 48.33
O1 SO4 S . 15.32 -7.11 47.88
O2 SO4 S . 17.22 -8.42 47.21
O3 SO4 S . 17.36 -6.82 49.02
O4 SO4 S . 16.18 -8.89 49.27
S SO4 T . 9.42 14.58 24.26
O1 SO4 T . 8.13 15.11 24.66
O2 SO4 T . 9.22 13.42 23.45
O3 SO4 T . 10.17 15.59 23.52
O4 SO4 T . 10.15 14.33 25.50
S SO4 U . -12.70 10.18 13.83
O1 SO4 U . -13.73 9.97 14.85
O2 SO4 U . -13.38 10.50 12.57
O3 SO4 U . -11.76 11.24 14.20
O4 SO4 U . -11.94 8.93 13.65
S SO4 V . 13.80 -6.53 16.44
O1 SO4 V . 13.27 -7.60 15.61
O2 SO4 V . 14.94 -5.84 15.80
O3 SO4 V . 12.76 -5.52 16.75
O4 SO4 V . 14.20 -7.17 17.71
S SO4 W . -7.76 -5.36 10.37
O1 SO4 W . -7.78 -6.57 9.55
O2 SO4 W . -6.71 -4.45 9.88
O3 SO4 W . -9.05 -4.64 10.28
O4 SO4 W . -7.43 -5.77 11.76
S SO4 X . -6.44 -22.23 48.59
O1 SO4 X . -7.21 -21.80 47.43
O2 SO4 X . -5.05 -21.90 48.35
O3 SO4 X . -6.90 -21.50 49.78
O4 SO4 X . -6.62 -23.67 48.83
S SO4 Y . 43.79 -6.78 17.01
O1 SO4 Y . 43.21 -7.02 18.33
O2 SO4 Y . 44.12 -8.02 16.30
O3 SO4 Y . 42.86 -6.04 16.16
O4 SO4 Y . 44.99 -5.98 17.24
S SO4 Z . -9.44 19.29 49.05
O1 SO4 Z . -10.82 19.17 49.54
O2 SO4 Z . -9.44 19.30 47.58
O3 SO4 Z . -8.82 20.51 49.54
O4 SO4 Z . -8.71 18.12 49.56
O4 LG9 AA . -36.99 -5.58 -15.72
C9 LG9 AA . -36.72 -6.10 -17.02
C1 LG9 AA . -36.07 -7.49 -16.98
C5 LG9 AA . -37.06 -8.63 -16.72
C4 LG9 AA . -36.35 -9.83 -16.09
O1 LG9 AA . -36.57 -9.80 -14.68
C6 LG9 AA . -36.99 -11.03 -16.79
O2 LG9 AA . -36.30 -12.28 -16.56
C7 LG9 AA . -36.96 -10.66 -18.27
C8 LG9 AA . -38.04 -11.25 -19.21
O3 LG9 AA . -39.33 -11.39 -18.58
N4 LG9 AA . -37.12 -9.23 -18.05
C3 LG9 AA . -36.98 -8.25 -19.12
C2 LG9 AA . -35.71 -7.64 -18.47
C1 GLC BA . -34.09 -9.08 -19.71
C2 GLC BA . -32.81 -9.90 -19.46
C3 GLC BA . -31.63 -8.98 -19.13
C4 GLC BA . -31.45 -8.07 -20.33
C5 GLC BA . -32.73 -7.27 -20.53
C6 GLC BA . -32.58 -6.34 -21.75
O1 GLC BA . -34.53 -8.47 -18.50
O2 GLC BA . -32.99 -10.78 -18.40
O3 GLC BA . -30.47 -9.76 -18.97
O4 GLC BA . -30.31 -7.24 -20.15
O5 GLC BA . -33.86 -8.11 -20.71
O6 GLC BA . -33.76 -5.51 -21.84
S SO4 CA . -17.51 -19.07 -14.16
O1 SO4 CA . -18.18 -19.92 -15.13
O2 SO4 CA . -16.11 -18.94 -14.51
O3 SO4 CA . -18.11 -17.76 -14.03
O4 SO4 CA . -17.59 -19.78 -12.88
S SO4 DA . -47.70 -30.92 -23.53
O1 SO4 DA . -49.00 -31.42 -23.16
O2 SO4 DA . -47.14 -31.81 -24.53
O3 SO4 DA . -47.82 -29.60 -24.11
O4 SO4 DA . -46.86 -30.91 -22.33
S SO4 EA . -32.80 -3.02 -19.25
O1 SO4 EA . -33.80 -3.87 -19.89
O2 SO4 EA . -31.88 -2.47 -20.23
O3 SO4 EA . -33.50 -1.91 -18.61
O4 SO4 EA . -32.06 -3.80 -18.25
S SO4 FA . -18.35 -7.95 7.93
O1 SO4 FA . -19.09 -8.66 8.99
O2 SO4 FA . -19.27 -7.28 6.96
O3 SO4 FA . -17.57 -6.95 8.63
O4 SO4 FA . -17.54 -8.86 7.08
S SO4 GA . -10.10 -17.69 6.53
O1 SO4 GA . -11.29 -17.44 5.73
O2 SO4 GA . -9.15 -18.49 5.76
O3 SO4 GA . -9.47 -16.41 6.90
O4 SO4 GA . -10.52 -18.42 7.72
S SO4 HA . -25.62 -43.87 3.65
O1 SO4 HA . -26.97 -43.82 3.07
O2 SO4 HA . -24.95 -45.03 3.04
O3 SO4 HA . -24.82 -42.67 3.41
O4 SO4 HA . -25.68 -44.05 5.10
S SO4 IA . -66.53 -17.65 -15.14
O1 SO4 IA . -67.91 -17.93 -14.77
O2 SO4 IA . -66.13 -18.49 -16.27
O3 SO4 IA . -66.46 -16.24 -15.55
O4 SO4 IA . -65.65 -17.92 -14.00
O4 LG9 JA . 14.54 37.36 12.07
C9 LG9 JA . 14.86 37.39 13.48
C1 LG9 JA . 15.90 36.31 13.88
C5 LG9 JA . 17.34 36.82 13.75
C4 LG9 JA . 18.33 35.72 13.35
O1 LG9 JA . 18.58 35.71 11.92
C6 LG9 JA . 19.58 35.98 14.21
O2 LG9 JA . 20.40 34.81 14.30
C7 LG9 JA . 19.00 36.27 15.58
C8 LG9 JA . 19.78 37.19 16.55
O3 LG9 JA . 20.32 38.32 15.86
N4 LG9 JA . 17.72 36.83 15.14
C3 LG9 JA . 16.63 37.10 16.04
C2 LG9 JA . 15.68 36.07 15.37
C1 GLC KA . 16.30 34.26 17.05
C2 GLC KA . 16.65 32.78 17.04
C3 GLC KA . 15.40 31.98 16.67
C4 GLC KA . 14.32 32.30 17.67
C5 GLC KA . 14.00 33.78 17.54
C6 GLC KA . 12.88 34.19 18.51
O1 GLC KA . 16.14 34.75 15.71
O2 GLC KA . 17.71 32.55 16.11
O3 GLC KA . 15.75 30.61 16.69
O4 GLC KA . 13.15 31.55 17.46
O5 GLC KA . 15.17 34.52 17.87
O6 GLC KA . 12.60 35.59 18.38
S SO4 LA . 20.43 14.92 15.18
O1 SO4 LA . 19.69 13.78 15.72
O2 SO4 LA . 21.24 14.46 14.07
O3 SO4 LA . 19.54 15.97 14.71
O4 SO4 LA . 21.36 15.41 16.16
S SO4 MA . 27.34 61.82 22.68
O1 SO4 MA . 26.21 61.75 23.58
O2 SO4 MA . 26.99 62.63 21.52
O3 SO4 MA . 28.47 62.45 23.33
O4 SO4 MA . 27.69 60.47 22.25
S SO4 NA . 30.66 31.64 35.78
O1 SO4 NA . 29.32 31.08 35.60
O2 SO4 NA . 31.35 31.87 34.51
O3 SO4 NA . 30.52 32.93 36.48
O4 SO4 NA . 31.47 30.74 36.60
S SO4 OA . 40.41 40.66 23.95
O1 SO4 OA . 39.04 40.94 24.33
O2 SO4 OA . 40.54 39.76 22.79
O3 SO4 OA . 41.03 41.96 23.66
O4 SO4 OA . 41.13 40.02 25.04
S SO4 PA . 10.35 35.15 15.42
O1 SO4 PA . 9.52 34.53 16.45
O2 SO4 PA . 11.06 34.14 14.62
O3 SO4 PA . 9.52 35.97 14.55
O4 SO4 PA . 11.35 36.00 16.08
S SO4 QA . 14.25 15.76 -8.42
O1 SO4 QA . 13.18 15.15 -9.22
O2 SO4 QA . 15.31 16.14 -9.35
O3 SO4 QA . 13.69 16.93 -7.73
O4 SO4 QA . 14.77 14.82 -7.41
S SO4 RA . 8.74 30.81 -6.63
O1 SO4 RA . 8.12 29.95 -5.62
O2 SO4 RA . 9.14 29.93 -7.73
O3 SO4 RA . 7.80 31.85 -7.07
O4 SO4 RA . 9.88 31.51 -6.03
S SO4 SA . 49.14 11.31 2.34
O1 SO4 SA . 47.72 11.00 2.46
O2 SO4 SA . 49.40 11.48 0.91
O3 SO4 SA . 49.47 12.54 3.09
O4 SO4 SA . 49.97 10.26 2.89
#